data_6H5X
#
_entry.id   6H5X
#
_cell.length_a   73.160
_cell.length_b   76.953
_cell.length_c   83.088
_cell.angle_alpha   88.83
_cell.angle_beta   64.22
_cell.angle_gamma   75.21
#
_symmetry.space_group_name_H-M   'P 1'
#
loop_
_entity.id
_entity.type
_entity.pdbx_description
1 polymer 'Angiotensin-converting enzyme'
2 branched 2-acetamido-2-deoxy-beta-D-glucopyranose-(1-4)-2-acetamido-2-deoxy-beta-D-glucopyranose
3 branched 2-acetamido-2-deoxy-beta-D-glucopyranose-(1-4)-[alpha-L-fucopyranose-(1-6)]2-acetamido-2-deoxy-beta-D-glucopyranose
4 branched alpha-L-fucopyranose-(1-6)-2-acetamido-2-deoxy-beta-D-glucopyranose
5 branched beta-D-mannopyranose-(1-4)-2-acetamido-2-deoxy-beta-D-glucopyranose-(1-4)-[alpha-L-fucopyranose-(1-6)]2-acetamido-2-deoxy-beta-D-glucopyranose
6 non-polymer 'ZINC ION'
7 non-polymer Omapatrilat
8 non-polymer 'CHLORIDE ION'
9 non-polymer 3,6,9,12,15,18,21,24,27-NONAOXANONACOSANE-1,29-DIOL
10 non-polymer 'TETRAETHYLENE GLYCOL'
11 non-polymer 1,2-ETHANEDIOL
12 non-polymer 'MAGNESIUM ION'
13 non-polymer 'TRIETHYLENE GLYCOL'
14 water water
#
_entity_poly.entity_id   1
_entity_poly.type   'polypeptide(L)'
_entity_poly.pdbx_seq_one_letter_code
;LDPGLQPGQFSADEAGAQLFAQSYQSSAEQVLFQSVAASWAHDTNITAENARRQEEAALLSQEFAEAWGQKAKELYEPIW
QQFTDPQLRRIIGAVRTLGSANLPLAKRQQYNALLSQMSRIYSTAKVCLPNKTATCWSLDPDLTNILASSRSYAMLLFAW
EGWHNAAGIPLKPLYEDFTALSNEAYKQDGFTDTGAYWRSWYNSPTFEDDLEHLYQQLEPLYLNLHAFVRRALHRRYGDR
YINLRGPIPAHLLGDMWAQSWENIYDMVVPFPDKPNLDVTSTMLQQGWQATHMFRVAEEFFTSLELSPMPPEFWEGSMLE
KPADGREVVCHASAWDFYNRKDFRIKQCTRVTMDQLSTVHHEMGHIQYYLQYKDLPVSLRRGANPGFHEAIGDVLALSVS
TPEHLHKIGLLDRVTNDTESDINYLLKMALEKIAFLPFGYLVDQWRWGVFSGRTPPSRYNFDWWYLRTKYQGICPPVTRN
ETHFDAGAKFHVPNVTPYIRYFVSFVLQFQFHEALCKEAGYEGPLHQCDIYRSTKAGAKLRKVLRAGSSRPWQEVLKDMV
GLDALDAQPLLKYFQLVTQWLQEQNQQNGEVLGWPEYQWHPPLPDNYPEGIDLVTDEAEASKFVEEYDL
;
_entity_poly.pdbx_strand_id   A,B
#
loop_
_chem_comp.id
_chem_comp.type
_chem_comp.name
_chem_comp.formula
BMA D-saccharide, beta linking beta-D-mannopyranose 'C6 H12 O6'
CL non-polymer 'CHLORIDE ION' 'Cl -1'
EDO non-polymer 1,2-ETHANEDIOL 'C2 H6 O2'
FT8 non-polymer Omapatrilat 'C19 H24 N2 O4 S2'
FUC L-saccharide, alpha linking alpha-L-fucopyranose 'C6 H12 O5'
MG non-polymer 'MAGNESIUM ION' 'Mg 2'
NAG D-saccharide, beta linking 2-acetamido-2-deoxy-beta-D-glucopyranose 'C8 H15 N O6'
PG4 non-polymer 'TETRAETHYLENE GLYCOL' 'C8 H18 O5'
PGE non-polymer 'TRIETHYLENE GLYCOL' 'C6 H14 O4'
XPE non-polymer 3,6,9,12,15,18,21,24,27-NONAOXANONACOSANE-1,29-DIOL 'C20 H42 O11'
ZN non-polymer 'ZINC ION' 'Zn 2'
#
# COMPACT_ATOMS: atom_id res chain seq x y z
N LEU A 1 -44.30 -3.93 5.68
CA LEU A 1 -44.03 -5.27 6.27
C LEU A 1 -45.26 -5.85 6.94
N ASP A 2 -45.60 -7.07 6.55
CA ASP A 2 -46.77 -7.74 7.09
C ASP A 2 -46.74 -7.75 8.61
N PRO A 3 -47.87 -7.49 9.28
CA PRO A 3 -47.87 -7.43 10.75
C PRO A 3 -47.31 -8.65 11.44
N GLY A 4 -47.52 -9.85 10.88
CA GLY A 4 -47.01 -11.06 11.51
C GLY A 4 -45.51 -11.17 11.52
N LEU A 5 -44.82 -10.31 10.79
CA LEU A 5 -43.38 -10.29 10.74
C LEU A 5 -42.76 -9.20 11.62
N GLN A 6 -43.60 -8.31 12.20
CA GLN A 6 -43.11 -7.18 12.99
C GLN A 6 -42.89 -7.59 14.45
N PRO A 7 -41.90 -7.00 15.10
CA PRO A 7 -41.50 -7.49 16.43
C PRO A 7 -42.50 -7.08 17.50
N GLY A 8 -42.68 -7.98 18.47
CA GLY A 8 -43.52 -7.73 19.62
C GLY A 8 -42.76 -7.07 20.75
N GLN A 9 -43.44 -6.97 21.89
CA GLN A 9 -42.89 -6.37 23.11
C GLN A 9 -42.25 -7.46 23.96
N PHE A 10 -41.05 -7.17 24.46
CA PHE A 10 -40.30 -8.10 25.30
C PHE A 10 -39.68 -7.32 26.44
N SER A 11 -39.50 -7.97 27.59
CA SER A 11 -38.85 -7.30 28.71
C SER A 11 -37.39 -7.00 28.37
N ALA A 12 -36.89 -5.90 28.92
CA ALA A 12 -35.53 -5.43 28.63
C ALA A 12 -34.55 -6.06 29.62
N ASP A 13 -34.39 -7.38 29.48
CA ASP A 13 -33.46 -8.16 30.28
C ASP A 13 -33.13 -9.42 29.50
N GLU A 14 -32.24 -10.24 30.06
CA GLU A 14 -31.74 -11.40 29.31
C GLU A 14 -32.85 -12.41 29.05
N ALA A 15 -33.74 -12.62 30.02
CA ALA A 15 -34.83 -13.56 29.83
C ALA A 15 -35.72 -13.11 28.67
N GLY A 16 -36.08 -11.83 28.65
CA GLY A 16 -36.86 -11.31 27.54
C GLY A 16 -36.11 -11.37 26.21
N ALA A 17 -34.80 -11.14 26.25
CA ALA A 17 -34.01 -11.21 25.02
C ALA A 17 -33.95 -12.62 24.47
N GLN A 18 -33.99 -13.63 25.34
CA GLN A 18 -34.06 -15.02 24.85
C GLN A 18 -35.36 -15.26 24.09
N LEU A 19 -36.48 -14.73 24.61
CA LEU A 19 -37.73 -14.81 23.87
C LEU A 19 -37.68 -13.97 22.60
N PHE A 20 -37.07 -12.79 22.70
CA PHE A 20 -36.91 -11.93 21.53
C PHE A 20 -36.23 -12.67 20.39
N ALA A 21 -35.13 -13.36 20.71
CA ALA A 21 -34.37 -14.08 19.69
C ALA A 21 -35.20 -15.20 19.08
N GLN A 22 -35.97 -15.93 19.90
CA GLN A 22 -36.83 -16.97 19.35
C GLN A 22 -37.81 -16.38 18.34
N SER A 23 -38.50 -15.31 18.73
CA SER A 23 -39.49 -14.72 17.85
C SER A 23 -38.84 -14.19 16.58
N TYR A 24 -37.67 -13.56 16.71
CA TYR A 24 -36.95 -13.05 15.55
C TYR A 24 -36.72 -14.15 14.52
N GLN A 25 -36.22 -15.30 14.96
CA GLN A 25 -35.72 -16.32 14.04
C GLN A 25 -36.84 -17.17 13.47
N SER A 26 -38.01 -17.20 14.09
CA SER A 26 -39.16 -17.82 13.45
C SER A 26 -39.66 -16.98 12.27
N SER A 27 -39.65 -15.65 12.41
CA SER A 27 -40.07 -14.80 11.29
C SER A 27 -38.96 -14.63 10.26
N ALA A 28 -37.70 -14.71 10.69
CA ALA A 28 -36.61 -14.59 9.74
C ALA A 28 -36.57 -15.75 8.76
N GLU A 29 -36.95 -16.96 9.20
CA GLU A 29 -36.99 -18.09 8.26
C GLU A 29 -37.88 -17.77 7.06
N GLN A 30 -39.04 -17.15 7.31
CA GLN A 30 -39.96 -16.86 6.22
C GLN A 30 -39.40 -15.79 5.28
N VAL A 31 -38.75 -14.78 5.85
CA VAL A 31 -38.21 -13.69 5.02
C VAL A 31 -36.99 -14.17 4.25
N LEU A 32 -36.11 -14.92 4.90
CA LEU A 32 -34.94 -15.44 4.20
C LEU A 32 -35.36 -16.34 3.04
N PHE A 33 -36.37 -17.18 3.25
CA PHE A 33 -36.76 -18.09 2.18
C PHE A 33 -37.26 -17.34 0.95
N GLN A 34 -38.05 -16.29 1.13
CA GLN A 34 -38.56 -15.57 -0.03
C GLN A 34 -37.44 -14.83 -0.75
N SER A 35 -36.44 -14.36 -0.01
CA SER A 35 -35.28 -13.77 -0.66
C SER A 35 -34.50 -14.81 -1.43
N VAL A 36 -34.18 -15.95 -0.80
CA VAL A 36 -33.37 -16.94 -1.51
C VAL A 36 -34.12 -17.46 -2.73
N ALA A 37 -35.40 -17.77 -2.56
CA ALA A 37 -36.22 -18.24 -3.66
C ALA A 37 -36.19 -17.29 -4.85
N ALA A 38 -36.29 -15.98 -4.62
CA ALA A 38 -36.32 -15.03 -5.72
C ALA A 38 -34.94 -14.88 -6.35
N SER A 39 -33.87 -14.97 -5.55
CA SER A 39 -32.54 -14.96 -6.16
C SER A 39 -32.34 -16.19 -7.03
N TRP A 40 -32.86 -17.35 -6.59
CA TRP A 40 -32.74 -18.55 -7.39
C TRP A 40 -33.43 -18.40 -8.75
N ALA A 41 -34.65 -17.85 -8.74
CA ALA A 41 -35.40 -17.69 -9.98
C ALA A 41 -34.66 -16.80 -10.96
N HIS A 42 -33.96 -15.79 -10.46
CA HIS A 42 -33.18 -14.92 -11.34
C HIS A 42 -31.91 -15.61 -11.83
N ASP A 43 -31.16 -16.21 -10.91
CA ASP A 43 -29.85 -16.71 -11.29
C ASP A 43 -29.94 -17.91 -12.23
N THR A 44 -31.05 -18.65 -12.21
CA THR A 44 -31.24 -19.74 -13.17
C THR A 44 -32.02 -19.29 -14.40
N ASN A 45 -32.26 -18.00 -14.57
CA ASN A 45 -33.16 -17.49 -15.61
C ASN A 45 -33.14 -15.96 -15.54
N ILE A 46 -32.05 -15.37 -16.05
CA ILE A 46 -31.81 -13.93 -15.96
C ILE A 46 -32.80 -13.22 -16.89
N THR A 47 -33.73 -12.48 -16.31
CA THR A 47 -34.61 -11.59 -17.07
C THR A 47 -34.87 -10.33 -16.26
N ALA A 48 -35.34 -9.29 -16.95
CA ALA A 48 -35.76 -8.06 -16.28
C ALA A 48 -36.77 -8.34 -15.18
N GLU A 49 -37.75 -9.21 -15.47
CA GLU A 49 -38.83 -9.46 -14.52
C GLU A 49 -38.32 -10.18 -13.28
N ASN A 50 -37.51 -11.22 -13.45
CA ASN A 50 -36.96 -11.92 -12.30
C ASN A 50 -36.05 -11.02 -11.48
N ALA A 51 -35.41 -10.04 -12.14
CA ALA A 51 -34.66 -9.03 -11.43
C ALA A 51 -35.57 -8.13 -10.60
N ARG A 52 -36.66 -7.65 -11.21
CA ARG A 52 -37.65 -6.88 -10.46
C ARG A 52 -38.12 -7.65 -9.23
N ARG A 53 -38.42 -8.94 -9.39
CA ARG A 53 -38.95 -9.72 -8.28
C ARG A 53 -37.91 -9.92 -7.19
N GLN A 54 -36.66 -10.18 -7.58
CA GLN A 54 -35.59 -10.32 -6.61
C GLN A 54 -35.37 -9.02 -5.84
N GLU A 55 -35.54 -7.88 -6.50
CA GLU A 55 -35.40 -6.59 -5.82
C GLU A 55 -36.56 -6.32 -4.88
N GLU A 56 -37.77 -6.76 -5.23
CA GLU A 56 -38.89 -6.61 -4.29
C GLU A 56 -38.65 -7.45 -3.03
N ALA A 57 -38.05 -8.63 -3.19
CA ALA A 57 -37.76 -9.48 -2.04
C ALA A 57 -36.68 -8.86 -1.16
N ALA A 58 -35.65 -8.27 -1.78
CA ALA A 58 -34.58 -7.63 -1.00
C ALA A 58 -35.10 -6.47 -0.18
N LEU A 59 -35.97 -5.63 -0.77
CA LEU A 59 -36.58 -4.53 -0.03
C LEU A 59 -37.33 -5.03 1.20
N LEU A 60 -38.07 -6.13 1.03
CA LEU A 60 -38.80 -6.70 2.16
C LEU A 60 -37.84 -7.22 3.23
N SER A 61 -36.71 -7.80 2.81
CA SER A 61 -35.70 -8.23 3.77
C SER A 61 -35.16 -7.06 4.57
N GLN A 62 -35.02 -5.90 3.93
CA GLN A 62 -34.48 -4.72 4.60
C GLN A 62 -35.51 -4.12 5.55
N GLU A 63 -36.78 -4.05 5.15
CA GLU A 63 -37.82 -3.65 6.09
C GLU A 63 -37.75 -4.52 7.33
N PHE A 64 -37.63 -5.84 7.14
CA PHE A 64 -37.61 -6.78 8.25
C PHE A 64 -36.40 -6.54 9.16
N ALA A 65 -35.21 -6.43 8.57
CA ALA A 65 -34.01 -6.22 9.40
C ALA A 65 -34.08 -4.89 10.12
N GLU A 66 -34.63 -3.86 9.47
CA GLU A 66 -34.82 -2.57 10.12
C GLU A 66 -35.72 -2.71 11.35
N ALA A 67 -36.90 -3.33 11.18
CA ALA A 67 -37.83 -3.42 12.29
C ALA A 67 -37.18 -4.14 13.48
N TRP A 68 -36.53 -5.27 13.23
CA TRP A 68 -35.99 -6.07 14.33
C TRP A 68 -34.69 -5.50 14.87
N GLY A 69 -33.88 -4.87 14.02
CA GLY A 69 -32.70 -4.19 14.53
C GLY A 69 -33.04 -3.04 15.47
N GLN A 70 -33.91 -2.14 15.02
CA GLN A 70 -34.33 -1.04 15.87
C GLN A 70 -34.88 -1.54 17.21
N LYS A 71 -35.77 -2.53 17.16
CA LYS A 71 -36.34 -3.04 18.40
C LYS A 71 -35.25 -3.56 19.32
N ALA A 72 -34.24 -4.23 18.77
CA ALA A 72 -33.18 -4.79 19.60
C ALA A 72 -32.33 -3.70 20.25
N LYS A 73 -31.97 -2.67 19.49
CA LYS A 73 -31.30 -1.53 20.09
C LYS A 73 -32.20 -0.88 21.14
N GLU A 74 -33.47 -0.67 20.81
CA GLU A 74 -34.44 -0.13 21.75
C GLU A 74 -34.45 -0.92 23.05
N LEU A 75 -34.48 -2.25 22.95
CA LEU A 75 -34.68 -3.07 24.14
C LEU A 75 -33.37 -3.35 24.87
N TYR A 76 -32.28 -3.64 24.14
CA TYR A 76 -31.11 -4.24 24.76
C TYR A 76 -29.80 -3.52 24.50
N GLU A 77 -29.78 -2.43 23.74
CA GLU A 77 -28.53 -1.80 23.38
C GLU A 77 -27.62 -1.53 24.58
N PRO A 78 -28.12 -1.15 25.77
CA PRO A 78 -27.19 -0.92 26.89
C PRO A 78 -26.77 -2.18 27.64
N ILE A 79 -27.46 -3.31 27.49
CA ILE A 79 -27.28 -4.42 28.41
C ILE A 79 -26.79 -5.71 27.74
N TRP A 80 -26.96 -5.89 26.43
CA TRP A 80 -26.81 -7.23 25.88
C TRP A 80 -25.37 -7.73 25.92
N GLN A 81 -24.38 -6.83 25.90
CA GLN A 81 -23.00 -7.28 25.94
C GLN A 81 -22.62 -7.89 27.29
N GLN A 82 -23.47 -7.78 28.31
CA GLN A 82 -23.23 -8.44 29.59
C GLN A 82 -24.13 -9.65 29.82
N PHE A 83 -24.93 -10.05 28.82
CA PHE A 83 -25.66 -11.30 28.93
C PHE A 83 -24.70 -12.45 29.20
N THR A 84 -25.11 -13.37 30.08
CA THR A 84 -24.27 -14.50 30.43
C THR A 84 -24.29 -15.61 29.38
N ASP A 85 -25.32 -15.68 28.54
CA ASP A 85 -25.39 -16.64 27.44
C ASP A 85 -24.57 -16.12 26.27
N PRO A 86 -23.46 -16.77 25.92
CA PRO A 86 -22.65 -16.28 24.78
C PRO A 86 -23.32 -16.48 23.43
N GLN A 87 -24.13 -17.53 23.26
N GLN A 87 -24.13 -17.53 23.26
CA GLN A 87 -24.85 -17.69 21.98
CA GLN A 87 -24.85 -17.70 21.99
C GLN A 87 -25.87 -16.58 21.80
C GLN A 87 -25.87 -16.59 21.80
N LEU A 88 -26.52 -16.16 22.88
CA LEU A 88 -27.50 -15.08 22.80
C LEU A 88 -26.83 -13.76 22.44
N ARG A 89 -25.67 -13.47 23.05
CA ARG A 89 -24.93 -12.26 22.69
C ARG A 89 -24.61 -12.24 21.20
N ARG A 90 -24.22 -13.38 20.64
CA ARG A 90 -23.94 -13.43 19.20
C ARG A 90 -25.18 -13.07 18.40
N ILE A 91 -26.33 -13.66 18.76
CA ILE A 91 -27.56 -13.43 18.00
C ILE A 91 -27.94 -11.95 18.06
N ILE A 92 -27.94 -11.36 19.26
CA ILE A 92 -28.38 -9.98 19.39
C ILE A 92 -27.44 -9.04 18.66
N GLY A 93 -26.13 -9.22 18.83
CA GLY A 93 -25.17 -8.41 18.09
C GLY A 93 -25.42 -8.44 16.60
N ALA A 94 -25.78 -9.61 16.07
CA ALA A 94 -26.10 -9.70 14.64
C ALA A 94 -27.36 -8.90 14.31
N VAL A 95 -28.39 -8.99 15.15
CA VAL A 95 -29.66 -8.38 14.79
C VAL A 95 -29.55 -6.86 14.75
N ARG A 96 -28.76 -6.28 15.67
CA ARG A 96 -28.58 -4.82 15.71
C ARG A 96 -27.63 -4.32 14.63
N THR A 97 -27.07 -5.21 13.82
CA THR A 97 -26.30 -4.82 12.64
C THR A 97 -27.25 -4.80 11.46
N LEU A 98 -27.57 -3.61 10.95
CA LEU A 98 -28.61 -3.48 9.95
C LEU A 98 -28.09 -3.50 8.53
N GLY A 99 -26.81 -3.24 8.32
CA GLY A 99 -26.28 -3.21 6.96
C GLY A 99 -27.08 -2.27 6.09
N SER A 100 -27.42 -2.74 4.90
CA SER A 100 -28.13 -1.91 3.94
C SER A 100 -29.53 -1.51 4.41
N ALA A 101 -30.04 -2.08 5.50
CA ALA A 101 -31.30 -1.58 6.04
C ALA A 101 -31.14 -0.23 6.71
N ASN A 102 -29.89 0.18 6.96
CA ASN A 102 -29.64 1.54 7.45
C ASN A 102 -29.90 2.59 6.38
N LEU A 103 -30.01 2.19 5.11
CA LEU A 103 -30.20 3.17 4.05
C LEU A 103 -31.66 3.64 4.00
N PRO A 104 -31.88 4.91 3.65
CA PRO A 104 -33.25 5.33 3.32
C PRO A 104 -33.77 4.55 2.14
N LEU A 105 -35.09 4.61 1.96
CA LEU A 105 -35.77 3.73 1.00
C LEU A 105 -35.23 3.89 -0.41
N ALA A 106 -35.09 5.13 -0.89
CA ALA A 106 -34.67 5.32 -2.27
C ALA A 106 -33.25 4.81 -2.50
N LYS A 107 -32.39 4.87 -1.50
CA LYS A 107 -31.05 4.33 -1.67
C LYS A 107 -31.05 2.81 -1.52
N ARG A 108 -32.02 2.26 -0.79
CA ARG A 108 -32.18 0.81 -0.78
C ARG A 108 -32.49 0.31 -2.18
N GLN A 109 -33.37 1.00 -2.89
CA GLN A 109 -33.71 0.60 -4.26
C GLN A 109 -32.50 0.72 -5.18
N GLN A 110 -31.83 1.87 -5.14
N GLN A 110 -31.79 1.84 -5.13
CA GLN A 110 -30.60 2.06 -5.90
CA GLN A 110 -30.62 2.00 -5.99
C GLN A 110 -29.64 0.89 -5.70
C GLN A 110 -29.58 0.92 -5.71
N TYR A 111 -29.39 0.56 -4.43
CA TYR A 111 -28.41 -0.46 -4.09
C TYR A 111 -28.85 -1.83 -4.59
N ASN A 112 -30.10 -2.19 -4.31
CA ASN A 112 -30.64 -3.47 -4.79
C ASN A 112 -30.53 -3.56 -6.32
N ALA A 113 -30.74 -2.44 -7.03
CA ALA A 113 -30.72 -2.48 -8.49
C ALA A 113 -29.30 -2.54 -9.06
N LEU A 114 -28.33 -1.89 -8.42
CA LEU A 114 -26.96 -2.01 -8.88
C LEU A 114 -26.51 -3.46 -8.86
N LEU A 115 -26.88 -4.18 -7.81
CA LEU A 115 -26.51 -5.59 -7.71
C LEU A 115 -27.10 -6.39 -8.87
N SER A 116 -28.37 -6.15 -9.20
N SER A 116 -28.36 -6.14 -9.20
CA SER A 116 -28.98 -6.87 -10.32
CA SER A 116 -28.99 -6.86 -10.32
C SER A 116 -28.25 -6.59 -11.62
C SER A 116 -28.25 -6.59 -11.62
N GLN A 117 -27.90 -5.34 -11.89
CA GLN A 117 -27.30 -4.99 -13.16
C GLN A 117 -25.86 -5.46 -13.27
N MET A 118 -25.10 -5.39 -12.16
CA MET A 118 -23.74 -5.92 -12.19
C MET A 118 -23.75 -7.42 -12.41
N SER A 119 -24.70 -8.13 -11.78
CA SER A 119 -24.82 -9.57 -11.99
C SER A 119 -25.13 -9.88 -13.44
N ARG A 120 -26.07 -9.15 -14.03
CA ARG A 120 -26.44 -9.38 -15.42
C ARG A 120 -25.25 -9.18 -16.36
N ILE A 121 -24.50 -8.09 -16.14
CA ILE A 121 -23.40 -7.78 -17.05
C ILE A 121 -22.35 -8.88 -17.02
N TYR A 122 -21.95 -9.30 -15.82
CA TYR A 122 -20.92 -10.32 -15.71
C TYR A 122 -21.37 -11.62 -16.38
N SER A 123 -22.58 -12.09 -16.05
CA SER A 123 -23.00 -13.42 -16.45
C SER A 123 -23.56 -13.49 -17.86
N THR A 124 -23.78 -12.35 -18.53
CA THR A 124 -24.23 -12.38 -19.91
C THR A 124 -23.23 -11.78 -20.91
N ALA A 125 -22.07 -11.31 -20.45
CA ALA A 125 -21.09 -10.74 -21.35
C ALA A 125 -20.56 -11.82 -22.28
N LYS A 126 -20.31 -11.45 -23.54
CA LYS A 126 -19.84 -12.38 -24.54
C LYS A 126 -18.63 -11.81 -25.26
N VAL A 127 -17.84 -12.70 -25.86
CA VAL A 127 -16.72 -12.31 -26.70
C VAL A 127 -17.07 -12.71 -28.12
N CYS A 128 -17.22 -11.72 -28.99
CA CYS A 128 -17.59 -11.97 -30.37
C CYS A 128 -16.36 -11.81 -31.27
N LEU A 129 -16.40 -12.53 -32.39
CA LEU A 129 -15.31 -12.55 -33.34
C LEU A 129 -15.68 -11.70 -34.55
N PRO A 130 -14.85 -11.67 -35.61
CA PRO A 130 -15.27 -11.17 -36.92
C PRO A 130 -16.23 -12.11 -37.65
N ALA A 134 -20.69 -15.04 -37.60
CA ALA A 134 -20.07 -14.34 -36.48
C ALA A 134 -20.84 -14.60 -35.18
N THR A 135 -20.50 -15.72 -34.52
CA THR A 135 -21.14 -16.10 -33.26
C THR A 135 -20.37 -15.46 -32.10
N CYS A 136 -20.67 -15.87 -30.86
CA CYS A 136 -20.08 -15.23 -29.70
C CYS A 136 -19.85 -16.23 -28.58
N TRP A 137 -18.72 -16.05 -27.89
CA TRP A 137 -18.25 -16.98 -26.87
C TRP A 137 -18.67 -16.49 -25.49
N SER A 138 -19.20 -17.40 -24.69
CA SER A 138 -19.45 -17.13 -23.28
C SER A 138 -18.25 -17.56 -22.44
N LEU A 139 -18.17 -17.02 -21.24
CA LEU A 139 -17.08 -17.39 -20.34
C LEU A 139 -17.08 -18.89 -20.09
N ASP A 140 -18.24 -19.44 -19.75
CA ASP A 140 -18.41 -20.85 -19.41
C ASP A 140 -19.46 -21.43 -20.35
N PRO A 141 -19.13 -22.38 -21.23
CA PRO A 141 -17.84 -23.09 -21.29
C PRO A 141 -16.76 -22.56 -22.24
N ASP A 142 -17.08 -21.61 -23.12
CA ASP A 142 -16.25 -21.41 -24.30
C ASP A 142 -14.88 -20.84 -23.93
N LEU A 143 -14.84 -19.67 -23.28
CA LEU A 143 -13.56 -19.04 -22.97
C LEU A 143 -12.78 -19.87 -21.94
N THR A 144 -13.49 -20.47 -20.98
CA THR A 144 -12.85 -21.36 -20.02
C THR A 144 -12.09 -22.48 -20.75
N ASN A 145 -12.74 -23.12 -21.72
CA ASN A 145 -12.09 -24.21 -22.44
C ASN A 145 -10.89 -23.71 -23.24
N ILE A 146 -11.00 -22.51 -23.82
CA ILE A 146 -9.86 -21.97 -24.56
C ILE A 146 -8.68 -21.72 -23.63
N LEU A 147 -8.92 -21.04 -22.51
CA LEU A 147 -7.82 -20.75 -21.59
C LEU A 147 -7.19 -22.04 -21.06
N ALA A 148 -7.97 -23.11 -20.95
CA ALA A 148 -7.46 -24.34 -20.35
C ALA A 148 -6.68 -25.18 -21.35
N SER A 149 -7.08 -25.19 -22.62
N SER A 149 -7.05 -25.15 -22.63
CA SER A 149 -6.55 -26.13 -23.59
CA SER A 149 -6.59 -26.14 -23.60
C SER A 149 -5.69 -25.50 -24.68
C SER A 149 -5.86 -25.57 -24.80
N SER A 150 -6.01 -24.28 -25.11
CA SER A 150 -5.29 -23.70 -26.23
C SER A 150 -3.85 -23.42 -25.82
N ARG A 151 -2.92 -23.72 -26.73
CA ARG A 151 -1.53 -23.34 -26.56
C ARG A 151 -1.10 -22.40 -27.70
N SER A 152 -2.07 -21.70 -28.29
CA SER A 152 -1.78 -20.64 -29.24
C SER A 152 -1.74 -19.31 -28.50
N TYR A 153 -0.57 -18.68 -28.47
CA TYR A 153 -0.43 -17.42 -27.74
C TYR A 153 -1.49 -16.41 -28.18
N ALA A 154 -1.75 -16.33 -29.48
CA ALA A 154 -2.64 -15.29 -29.99
C ALA A 154 -4.10 -15.60 -29.68
N MET A 155 -4.49 -16.87 -29.76
CA MET A 155 -5.85 -17.26 -29.38
C MET A 155 -6.09 -17.04 -27.89
N LEU A 156 -5.12 -17.45 -27.06
CA LEU A 156 -5.23 -17.17 -25.63
C LEU A 156 -5.33 -15.69 -25.35
N LEU A 157 -4.59 -14.87 -26.10
CA LEU A 157 -4.63 -13.42 -25.91
C LEU A 157 -6.01 -12.88 -26.29
N PHE A 158 -6.51 -13.26 -27.47
CA PHE A 158 -7.82 -12.78 -27.89
C PHE A 158 -8.89 -13.11 -26.86
N ALA A 159 -8.84 -14.30 -26.28
CA ALA A 159 -9.84 -14.68 -25.28
C ALA A 159 -9.66 -13.89 -23.99
N TRP A 160 -8.41 -13.69 -23.56
CA TRP A 160 -8.16 -12.96 -22.32
C TRP A 160 -8.55 -11.49 -22.45
N GLU A 161 -8.09 -10.83 -23.51
CA GLU A 161 -8.43 -9.43 -23.72
C GLU A 161 -9.93 -9.27 -23.96
N GLY A 162 -10.50 -10.13 -24.80
CA GLY A 162 -11.92 -10.04 -25.09
C GLY A 162 -12.77 -10.11 -23.84
N TRP A 163 -12.45 -11.07 -22.96
CA TRP A 163 -13.24 -11.23 -21.73
C TRP A 163 -13.06 -10.02 -20.81
N HIS A 164 -11.81 -9.61 -20.55
CA HIS A 164 -11.59 -8.52 -19.59
C HIS A 164 -12.22 -7.23 -20.08
N ASN A 165 -12.14 -6.97 -21.38
CA ASN A 165 -12.79 -5.77 -21.94
C ASN A 165 -14.31 -5.87 -21.85
N ALA A 166 -14.87 -7.03 -22.18
CA ALA A 166 -16.33 -7.14 -22.32
C ALA A 166 -17.02 -7.07 -20.97
N ALA A 167 -16.42 -7.64 -19.93
CA ALA A 167 -17.04 -7.63 -18.61
C ALA A 167 -16.66 -6.40 -17.80
N GLY A 168 -15.39 -6.02 -17.82
CA GLY A 168 -14.92 -5.03 -16.86
C GLY A 168 -15.33 -3.61 -17.20
N ILE A 169 -15.16 -3.22 -18.47
CA ILE A 169 -15.40 -1.81 -18.85
C ILE A 169 -16.81 -1.35 -18.47
N PRO A 170 -17.88 -2.05 -18.85
CA PRO A 170 -19.22 -1.57 -18.50
C PRO A 170 -19.54 -1.62 -17.03
N LEU A 171 -18.81 -2.43 -16.25
CA LEU A 171 -19.10 -2.56 -14.83
C LEU A 171 -18.60 -1.39 -14.02
N LYS A 172 -17.54 -0.72 -14.49
CA LYS A 172 -16.84 0.23 -13.64
C LYS A 172 -17.76 1.31 -13.08
N PRO A 173 -18.56 2.03 -13.89
CA PRO A 173 -19.37 3.11 -13.29
C PRO A 173 -20.37 2.58 -12.27
N LEU A 174 -20.94 1.41 -12.52
CA LEU A 174 -21.81 0.77 -11.54
C LEU A 174 -21.06 0.43 -10.26
N TYR A 175 -19.85 -0.14 -10.39
CA TYR A 175 -19.13 -0.57 -9.19
C TYR A 175 -18.82 0.64 -8.30
N GLU A 176 -18.51 1.79 -8.90
N GLU A 176 -18.51 1.78 -8.91
CA GLU A 176 -18.26 2.98 -8.11
CA GLU A 176 -18.27 3.00 -8.15
C GLU A 176 -19.50 3.37 -7.31
C GLU A 176 -19.49 3.38 -7.32
N ASP A 177 -20.68 3.31 -7.93
CA ASP A 177 -21.91 3.68 -7.22
C ASP A 177 -22.22 2.69 -6.12
N PHE A 178 -22.00 1.40 -6.37
CA PHE A 178 -22.24 0.40 -5.33
C PHE A 178 -21.34 0.63 -4.13
N THR A 179 -20.05 0.88 -4.37
CA THR A 179 -19.11 1.07 -3.28
C THR A 179 -19.56 2.18 -2.35
N ALA A 180 -20.02 3.30 -2.91
CA ALA A 180 -20.40 4.44 -2.09
C ALA A 180 -21.62 4.12 -1.23
N LEU A 181 -22.59 3.39 -1.78
CA LEU A 181 -23.81 3.08 -1.03
C LEU A 181 -23.54 2.05 0.05
N SER A 182 -22.72 1.04 -0.28
CA SER A 182 -22.35 0.05 0.72
C SER A 182 -21.70 0.72 1.93
N ASN A 183 -20.73 1.61 1.69
CA ASN A 183 -20.05 2.26 2.80
C ASN A 183 -21.02 3.09 3.63
N GLU A 184 -21.86 3.90 2.98
CA GLU A 184 -22.86 4.70 3.70
C GLU A 184 -23.68 3.82 4.63
N ALA A 185 -24.07 2.63 4.16
CA ALA A 185 -24.93 1.76 4.95
C ALA A 185 -24.21 1.27 6.21
N TYR A 186 -23.00 0.74 6.06
CA TYR A 186 -22.34 0.10 7.18
C TYR A 186 -21.70 1.11 8.12
N LYS A 187 -21.42 2.33 7.68
CA LYS A 187 -20.97 3.36 8.61
C LYS A 187 -21.99 3.55 9.73
N GLN A 188 -23.28 3.41 9.44
CA GLN A 188 -24.31 3.59 10.45
C GLN A 188 -24.42 2.41 11.40
N ASP A 189 -23.70 1.32 11.15
CA ASP A 189 -23.56 0.28 12.16
C ASP A 189 -22.34 0.46 13.04
N GLY A 190 -21.51 1.47 12.74
CA GLY A 190 -20.31 1.73 13.52
C GLY A 190 -19.02 1.36 12.84
N PHE A 191 -19.06 0.89 11.61
CA PHE A 191 -17.86 0.44 10.91
C PHE A 191 -17.28 1.57 10.07
N THR A 192 -15.95 1.66 10.06
CA THR A 192 -15.32 2.70 9.27
C THR A 192 -15.64 2.56 7.79
N ASP A 193 -15.82 1.33 7.31
CA ASP A 193 -16.20 1.08 5.92
C ASP A 193 -16.63 -0.38 5.81
N THR A 194 -17.17 -0.73 4.64
CA THR A 194 -17.69 -2.08 4.43
C THR A 194 -16.61 -3.13 4.66
N GLY A 195 -15.38 -2.87 4.21
CA GLY A 195 -14.32 -3.82 4.41
C GLY A 195 -14.13 -4.18 5.88
N ALA A 196 -14.19 -3.17 6.75
CA ALA A 196 -14.04 -3.42 8.18
C ALA A 196 -15.15 -4.32 8.71
N TYR A 197 -16.36 -4.21 8.14
CA TYR A 197 -17.44 -5.12 8.52
C TYR A 197 -17.15 -6.54 8.09
N TRP A 198 -16.75 -6.72 6.83
CA TRP A 198 -16.40 -8.06 6.35
C TRP A 198 -15.32 -8.69 7.23
N ARG A 199 -14.28 -7.91 7.57
CA ARG A 199 -13.21 -8.45 8.40
C ARG A 199 -13.71 -8.80 9.80
N SER A 200 -14.73 -8.10 10.29
CA SER A 200 -15.22 -8.35 11.64
C SER A 200 -15.71 -9.79 11.82
N TRP A 201 -16.04 -10.49 10.73
CA TRP A 201 -16.54 -11.85 10.85
C TRP A 201 -15.53 -12.79 11.48
N TYR A 202 -14.25 -12.48 11.38
CA TYR A 202 -13.22 -13.36 11.92
C TYR A 202 -12.90 -13.06 13.37
N ASN A 203 -13.54 -12.06 13.96
N ASN A 203 -13.53 -12.05 13.96
CA ASN A 203 -13.39 -11.70 15.38
CA ASN A 203 -13.38 -11.74 15.38
C ASN A 203 -11.95 -11.91 15.86
C ASN A 203 -11.94 -11.91 15.85
N SER A 204 -11.03 -11.26 15.15
CA SER A 204 -9.62 -11.35 15.45
C SER A 204 -8.99 -9.98 15.30
N PRO A 205 -8.58 -9.34 16.40
CA PRO A 205 -7.99 -7.99 16.27
C PRO A 205 -6.71 -7.98 15.45
N THR A 206 -5.98 -9.10 15.39
CA THR A 206 -4.76 -9.17 14.60
C THR A 206 -4.95 -9.84 13.24
N PHE A 207 -6.17 -9.83 12.70
CA PHE A 207 -6.49 -10.61 11.51
C PHE A 207 -5.53 -10.30 10.36
N GLU A 208 -5.41 -9.02 9.98
CA GLU A 208 -4.59 -8.68 8.82
C GLU A 208 -3.13 -9.03 9.07
N ASP A 209 -2.63 -8.74 10.27
CA ASP A 209 -1.26 -9.14 10.61
C ASP A 209 -1.11 -10.66 10.54
N ASP A 210 -2.10 -11.41 11.04
CA ASP A 210 -2.00 -12.87 11.05
C ASP A 210 -1.97 -13.42 9.63
N LEU A 211 -2.78 -12.84 8.73
CA LEU A 211 -2.74 -13.25 7.33
C LEU A 211 -1.39 -12.94 6.70
N GLU A 212 -0.84 -11.74 6.98
CA GLU A 212 0.45 -11.39 6.43
C GLU A 212 1.52 -12.35 6.90
N HIS A 213 1.48 -12.74 8.18
N HIS A 213 1.51 -12.72 8.19
CA HIS A 213 2.47 -13.69 8.70
CA HIS A 213 2.46 -13.70 8.69
C HIS A 213 2.33 -15.05 8.02
C HIS A 213 2.33 -15.01 7.93
N LEU A 214 1.10 -15.49 7.77
CA LEU A 214 0.89 -16.73 7.03
C LEU A 214 1.46 -16.65 5.63
N TYR A 215 1.15 -15.57 4.92
CA TYR A 215 1.64 -15.47 3.55
C TYR A 215 3.17 -15.43 3.51
N GLN A 216 3.83 -14.86 4.52
CA GLN A 216 5.28 -14.87 4.55
C GLN A 216 5.85 -16.28 4.56
N GLN A 217 5.19 -17.22 5.23
CA GLN A 217 5.69 -18.58 5.28
C GLN A 217 5.42 -19.33 4.00
N LEU A 218 4.40 -18.93 3.25
CA LEU A 218 3.99 -19.59 2.03
C LEU A 218 4.67 -19.04 0.78
N GLU A 219 5.14 -17.79 0.82
CA GLU A 219 5.65 -17.16 -0.39
C GLU A 219 6.82 -17.91 -1.00
N PRO A 220 7.79 -18.42 -0.25
CA PRO A 220 8.88 -19.18 -0.89
C PRO A 220 8.37 -20.32 -1.76
N LEU A 221 7.34 -21.02 -1.29
CA LEU A 221 6.75 -22.11 -2.07
C LEU A 221 6.23 -21.59 -3.40
N TYR A 222 5.49 -20.48 -3.37
CA TYR A 222 4.96 -19.91 -4.60
C TYR A 222 6.08 -19.45 -5.52
N LEU A 223 7.09 -18.77 -4.96
CA LEU A 223 8.17 -18.23 -5.80
C LEU A 223 8.87 -19.35 -6.56
N ASN A 224 9.10 -20.49 -5.89
CA ASN A 224 9.77 -21.59 -6.57
C ASN A 224 8.85 -22.26 -7.60
N LEU A 225 7.56 -22.41 -7.27
CA LEU A 225 6.62 -22.94 -8.26
C LEU A 225 6.58 -22.03 -9.49
N HIS A 226 6.49 -20.73 -9.25
CA HIS A 226 6.43 -19.73 -10.31
C HIS A 226 7.65 -19.80 -11.23
N ALA A 227 8.84 -19.86 -10.66
CA ALA A 227 10.04 -19.88 -11.49
C ALA A 227 10.13 -21.15 -12.32
N PHE A 228 9.74 -22.30 -11.72
CA PHE A 228 9.75 -23.57 -12.44
C PHE A 228 8.78 -23.55 -13.61
N VAL A 229 7.59 -23.00 -13.39
CA VAL A 229 6.59 -22.92 -14.47
C VAL A 229 7.01 -21.91 -15.51
N ARG A 230 7.55 -20.76 -15.08
CA ARG A 230 8.02 -19.78 -16.06
C ARG A 230 9.03 -20.39 -17.02
N ARG A 231 9.91 -21.26 -16.51
CA ARG A 231 10.90 -21.88 -17.38
C ARG A 231 10.23 -22.75 -18.45
N ALA A 232 9.20 -23.49 -18.06
CA ALA A 232 8.50 -24.33 -19.03
C ALA A 232 7.81 -23.47 -20.09
N LEU A 233 7.17 -22.37 -19.67
CA LEU A 233 6.53 -21.50 -20.65
C LEU A 233 7.53 -20.88 -21.60
N HIS A 234 8.75 -20.62 -21.11
CA HIS A 234 9.80 -20.07 -21.97
C HIS A 234 10.14 -21.04 -23.10
N ARG A 235 10.30 -22.33 -22.77
CA ARG A 235 10.54 -23.33 -23.80
C ARG A 235 9.41 -23.36 -24.84
N ARG A 236 8.16 -23.26 -24.39
N ARG A 236 8.17 -23.18 -24.38
CA ARG A 236 7.06 -23.39 -25.33
CA ARG A 236 7.01 -23.39 -25.24
C ARG A 236 6.94 -22.15 -26.21
C ARG A 236 6.71 -22.18 -26.11
N TYR A 237 6.94 -20.96 -25.60
CA TYR A 237 6.54 -19.75 -26.30
C TYR A 237 7.69 -18.89 -26.81
N GLY A 238 8.87 -19.01 -26.24
CA GLY A 238 10.00 -18.31 -26.82
C GLY A 238 10.42 -17.11 -25.99
N ASP A 239 11.68 -16.73 -26.13
CA ASP A 239 12.21 -15.58 -25.42
C ASP A 239 11.44 -14.31 -25.72
N ARG A 240 10.76 -14.25 -26.86
CA ARG A 240 9.99 -13.08 -27.25
C ARG A 240 8.82 -12.84 -26.30
N TYR A 241 8.20 -13.91 -25.82
CA TYR A 241 6.98 -13.79 -25.03
C TYR A 241 7.14 -14.12 -23.56
N ILE A 242 8.29 -14.65 -23.16
CA ILE A 242 8.54 -15.00 -21.77
C ILE A 242 9.88 -14.41 -21.36
N ASN A 243 9.88 -13.70 -20.24
CA ASN A 243 11.08 -13.08 -19.67
C ASN A 243 11.46 -13.86 -18.42
N LEU A 244 12.60 -14.55 -18.47
CA LEU A 244 12.96 -15.43 -17.36
C LEU A 244 13.25 -14.67 -16.07
N ARG A 245 13.31 -13.34 -16.12
CA ARG A 245 13.46 -12.54 -14.90
C ARG A 245 12.30 -11.57 -14.71
N GLY A 246 11.20 -11.75 -15.43
CA GLY A 246 10.06 -10.86 -15.34
C GLY A 246 8.76 -11.60 -15.03
N PRO A 247 7.66 -10.85 -14.92
CA PRO A 247 6.37 -11.50 -14.64
C PRO A 247 5.88 -12.32 -15.81
N ILE A 248 5.07 -13.33 -15.50
CA ILE A 248 4.49 -14.21 -16.51
C ILE A 248 3.29 -13.52 -17.14
N PRO A 249 3.16 -13.49 -18.47
CA PRO A 249 1.93 -12.99 -19.09
C PRO A 249 0.71 -13.73 -18.56
N ALA A 250 -0.32 -12.95 -18.20
CA ALA A 250 -1.42 -13.42 -17.35
C ALA A 250 -2.37 -14.37 -18.05
N HIS A 251 -2.21 -14.63 -19.34
CA HIS A 251 -3.12 -15.49 -20.09
C HIS A 251 -2.57 -16.90 -20.35
N LEU A 252 -1.40 -17.23 -19.81
CA LEU A 252 -0.68 -18.44 -20.22
C LEU A 252 -0.72 -19.56 -19.20
N LEU A 253 -1.47 -19.41 -18.11
CA LEU A 253 -1.40 -20.32 -16.97
C LEU A 253 -2.62 -21.23 -16.86
N GLY A 254 -3.46 -21.29 -17.89
CA GLY A 254 -4.52 -22.27 -17.99
C GLY A 254 -5.87 -21.81 -17.49
N ASP A 255 -5.98 -20.55 -17.05
CA ASP A 255 -7.11 -20.07 -16.27
C ASP A 255 -7.25 -18.58 -16.54
N MET A 256 -8.50 -18.13 -16.70
CA MET A 256 -8.73 -16.75 -17.12
C MET A 256 -8.11 -15.75 -16.14
N TRP A 257 -8.02 -16.10 -14.86
CA TRP A 257 -7.49 -15.22 -13.82
C TRP A 257 -6.11 -15.64 -13.35
N ALA A 258 -5.49 -16.62 -14.02
CA ALA A 258 -4.21 -17.18 -13.61
C ALA A 258 -4.23 -17.66 -12.16
N GLN A 259 -5.40 -18.06 -11.67
CA GLN A 259 -5.55 -18.30 -10.24
C GLN A 259 -5.24 -19.74 -9.83
N SER A 260 -5.34 -20.69 -10.74
CA SER A 260 -4.81 -22.03 -10.51
C SER A 260 -4.30 -22.53 -11.84
N TRP A 261 -3.25 -23.35 -11.79
CA TRP A 261 -2.46 -23.64 -12.96
C TRP A 261 -2.55 -25.09 -13.39
N GLU A 262 -3.51 -25.85 -12.86
CA GLU A 262 -3.51 -27.28 -13.14
C GLU A 262 -3.75 -27.59 -14.61
N ASN A 263 -4.29 -26.65 -15.39
CA ASN A 263 -4.54 -26.97 -16.79
C ASN A 263 -3.28 -26.94 -17.65
N ILE A 264 -2.16 -26.42 -17.15
CA ILE A 264 -0.90 -26.53 -17.88
C ILE A 264 0.00 -27.62 -17.28
N TYR A 265 -0.58 -28.52 -16.47
CA TYR A 265 0.19 -29.62 -15.91
C TYR A 265 0.91 -30.41 -16.99
N ASP A 266 0.25 -30.67 -18.12
CA ASP A 266 0.87 -31.49 -19.17
C ASP A 266 2.11 -30.82 -19.73
N MET A 267 2.26 -29.51 -19.53
CA MET A 267 3.44 -28.81 -20.02
C MET A 267 4.60 -28.82 -19.04
N VAL A 268 4.31 -28.94 -17.75
CA VAL A 268 5.33 -28.86 -16.71
C VAL A 268 5.56 -30.19 -16.02
N VAL A 269 4.74 -31.20 -16.30
CA VAL A 269 4.92 -32.52 -15.73
C VAL A 269 6.33 -32.98 -16.04
N PRO A 270 7.18 -33.21 -15.04
CA PRO A 270 8.56 -33.61 -15.36
C PRO A 270 8.66 -34.98 -16.00
N PHE A 271 7.76 -35.90 -15.67
CA PHE A 271 7.90 -37.31 -16.02
C PHE A 271 6.70 -37.74 -16.86
N PRO A 272 6.60 -37.21 -18.09
CA PRO A 272 5.39 -37.47 -18.90
C PRO A 272 5.22 -38.92 -19.32
N ASP A 273 6.23 -39.77 -19.07
CA ASP A 273 6.10 -41.21 -19.32
C ASP A 273 5.18 -41.86 -18.29
N LYS A 274 5.20 -41.38 -17.05
CA LYS A 274 4.40 -41.97 -16.00
C LYS A 274 2.92 -41.76 -16.29
N PRO A 275 2.05 -42.50 -15.61
CA PRO A 275 0.61 -42.42 -15.92
C PRO A 275 0.09 -41.00 -15.78
N ASN A 276 -0.85 -40.65 -16.65
CA ASN A 276 -1.42 -39.31 -16.66
C ASN A 276 -2.30 -39.13 -15.42
N LEU A 277 -1.86 -38.29 -14.49
CA LEU A 277 -2.63 -38.04 -13.27
C LEU A 277 -3.82 -37.12 -13.49
N ASP A 278 -3.96 -36.52 -14.66
CA ASP A 278 -5.17 -35.81 -15.03
C ASP A 278 -6.11 -36.83 -15.68
N VAL A 279 -7.16 -37.21 -14.96
CA VAL A 279 -8.01 -38.31 -15.38
C VAL A 279 -9.16 -37.81 -16.25
N THR A 280 -9.10 -36.54 -16.67
CA THR A 280 -10.18 -36.01 -17.49
C THR A 280 -10.43 -36.91 -18.71
N SER A 281 -9.37 -37.29 -19.42
CA SER A 281 -9.56 -38.09 -20.63
C SER A 281 -10.25 -39.41 -20.32
N THR A 282 -9.89 -40.04 -19.19
CA THR A 282 -10.55 -41.28 -18.79
C THR A 282 -12.01 -41.02 -18.42
N MET A 283 -12.30 -39.90 -17.74
CA MET A 283 -13.68 -39.56 -17.44
C MET A 283 -14.52 -39.48 -18.71
N LEU A 284 -14.01 -38.81 -19.73
CA LEU A 284 -14.72 -38.73 -20.99
C LEU A 284 -14.78 -40.10 -21.67
N GLN A 285 -13.63 -40.79 -21.73
CA GLN A 285 -13.60 -42.14 -22.30
C GLN A 285 -14.69 -43.00 -21.70
N GLN A 286 -14.91 -42.91 -20.39
CA GLN A 286 -15.84 -43.77 -19.68
C GLN A 286 -17.27 -43.26 -19.69
N GLY A 287 -17.52 -42.06 -20.22
CA GLY A 287 -18.87 -41.56 -20.35
C GLY A 287 -19.44 -40.87 -19.12
N TRP A 288 -18.59 -40.30 -18.27
CA TRP A 288 -19.10 -39.61 -17.10
C TRP A 288 -19.97 -38.44 -17.51
N GLN A 289 -20.99 -38.17 -16.69
CA GLN A 289 -21.84 -37.01 -16.84
C GLN A 289 -21.95 -36.29 -15.51
N ALA A 290 -22.54 -35.09 -15.56
CA ALA A 290 -22.70 -34.29 -14.35
C ALA A 290 -23.35 -35.09 -13.23
N THR A 291 -24.43 -35.82 -13.54
CA THR A 291 -25.12 -36.53 -12.47
C THR A 291 -24.18 -37.54 -11.80
N HIS A 292 -23.37 -38.24 -12.60
CA HIS A 292 -22.43 -39.21 -12.01
C HIS A 292 -21.46 -38.53 -11.07
N MET A 293 -20.94 -37.36 -11.47
CA MET A 293 -20.00 -36.62 -10.64
C MET A 293 -20.62 -36.26 -9.29
N PHE A 294 -21.89 -35.81 -9.30
CA PHE A 294 -22.56 -35.45 -8.05
C PHE A 294 -22.84 -36.68 -7.19
N ARG A 295 -23.18 -37.81 -7.84
CA ARG A 295 -23.44 -39.04 -7.07
C ARG A 295 -22.15 -39.59 -6.47
N VAL A 296 -21.04 -39.51 -7.19
CA VAL A 296 -19.77 -39.98 -6.65
C VAL A 296 -19.35 -39.12 -5.46
N ALA A 297 -19.52 -37.80 -5.56
CA ALA A 297 -19.25 -36.92 -4.43
C ALA A 297 -20.13 -37.27 -3.25
N GLU A 298 -21.44 -37.41 -3.48
CA GLU A 298 -22.36 -37.78 -2.42
C GLU A 298 -21.88 -39.03 -1.69
N GLU A 299 -21.45 -40.05 -2.44
CA GLU A 299 -21.10 -41.31 -1.80
C GLU A 299 -19.86 -41.18 -0.93
N PHE A 300 -18.96 -40.24 -1.24
CA PHE A 300 -17.87 -39.99 -0.32
C PHE A 300 -18.40 -39.48 1.02
N PHE A 301 -19.37 -38.55 0.96
CA PHE A 301 -19.95 -38.03 2.21
C PHE A 301 -20.64 -39.13 3.00
N THR A 302 -21.45 -39.95 2.33
CA THR A 302 -22.13 -41.02 3.06
C THR A 302 -21.16 -42.09 3.54
N SER A 303 -20.00 -42.23 2.89
CA SER A 303 -19.01 -43.20 3.36
C SER A 303 -18.47 -42.81 4.72
N LEU A 304 -18.47 -41.51 5.03
CA LEU A 304 -18.11 -40.96 6.33
C LEU A 304 -19.28 -40.96 7.30
N GLU A 305 -20.41 -41.56 6.92
CA GLU A 305 -21.65 -41.50 7.68
C GLU A 305 -22.11 -40.06 7.91
N LEU A 306 -21.85 -39.19 6.94
CA LEU A 306 -22.54 -37.91 6.84
C LEU A 306 -23.79 -38.11 5.97
N SER A 307 -24.53 -37.05 5.73
CA SER A 307 -25.85 -37.20 5.17
C SER A 307 -25.82 -37.27 3.64
N PRO A 308 -26.70 -38.07 3.04
CA PRO A 308 -26.90 -37.99 1.58
C PRO A 308 -27.64 -36.71 1.21
N MET A 309 -27.63 -36.41 -0.08
CA MET A 309 -28.40 -35.27 -0.58
C MET A 309 -29.89 -35.62 -0.57
N PRO A 310 -30.76 -34.76 -0.04
CA PRO A 310 -32.18 -35.12 0.05
C PRO A 310 -32.88 -35.03 -1.30
N PRO A 311 -34.08 -35.61 -1.41
CA PRO A 311 -34.80 -35.55 -2.71
C PRO A 311 -34.96 -34.15 -3.26
N GLU A 312 -35.20 -33.17 -2.38
CA GLU A 312 -35.36 -31.80 -2.82
C GLU A 312 -34.12 -31.28 -3.50
N PHE A 313 -32.94 -31.76 -3.10
CA PHE A 313 -31.71 -31.36 -3.77
C PHE A 313 -31.69 -31.84 -5.21
N TRP A 314 -31.98 -33.13 -5.44
CA TRP A 314 -31.92 -33.67 -6.80
C TRP A 314 -33.01 -33.08 -7.67
N GLU A 315 -34.19 -32.85 -7.10
CA GLU A 315 -35.29 -32.36 -7.92
C GLU A 315 -35.12 -30.88 -8.28
N GLY A 316 -34.45 -30.11 -7.44
CA GLY A 316 -34.42 -28.66 -7.62
C GLY A 316 -33.12 -28.08 -8.14
N SER A 317 -32.02 -28.80 -8.03
CA SER A 317 -30.72 -28.24 -8.39
C SER A 317 -30.59 -28.11 -9.91
N MET A 318 -29.70 -27.20 -10.32
CA MET A 318 -29.35 -27.03 -11.73
C MET A 318 -27.91 -27.52 -11.92
N LEU A 319 -27.75 -28.73 -12.45
CA LEU A 319 -26.44 -29.36 -12.49
C LEU A 319 -25.76 -29.28 -13.86
N GLU A 320 -26.44 -28.73 -14.87
CA GLU A 320 -25.87 -28.55 -16.19
C GLU A 320 -26.34 -27.20 -16.72
N LYS A 321 -25.58 -26.62 -17.63
CA LYS A 321 -26.02 -25.38 -18.26
C LYS A 321 -27.27 -25.66 -19.10
N PRO A 322 -28.35 -24.88 -18.93
CA PRO A 322 -29.57 -25.16 -19.69
C PRO A 322 -29.35 -25.03 -21.19
N ALA A 323 -29.95 -25.93 -21.93
CA ALA A 323 -29.83 -25.95 -23.38
C ALA A 323 -30.94 -25.17 -24.09
N ASP A 324 -31.92 -24.63 -23.35
CA ASP A 324 -32.98 -23.85 -23.96
C ASP A 324 -32.55 -22.42 -24.28
N GLY A 325 -31.25 -22.12 -24.17
CA GLY A 325 -30.75 -20.80 -24.48
C GLY A 325 -30.89 -19.79 -23.36
N ARG A 326 -31.65 -20.10 -22.31
CA ARG A 326 -31.73 -19.25 -21.14
C ARG A 326 -30.36 -18.72 -20.74
N GLU A 327 -30.33 -17.45 -20.33
CA GLU A 327 -29.15 -16.91 -19.69
C GLU A 327 -29.18 -17.30 -18.22
N VAL A 328 -28.05 -17.77 -17.71
CA VAL A 328 -27.95 -18.15 -16.30
C VAL A 328 -26.64 -17.60 -15.75
N VAL A 329 -26.59 -17.52 -14.42
CA VAL A 329 -25.33 -17.30 -13.72
C VAL A 329 -24.63 -18.66 -13.67
N CYS A 330 -23.58 -18.83 -14.47
CA CYS A 330 -22.97 -20.15 -14.50
C CYS A 330 -22.03 -20.40 -13.34
N HIS A 331 -21.52 -19.36 -12.69
CA HIS A 331 -20.56 -19.57 -11.62
C HIS A 331 -21.13 -20.48 -10.53
N ALA A 332 -20.38 -21.52 -10.16
CA ALA A 332 -20.91 -22.56 -9.30
C ALA A 332 -21.21 -22.02 -7.90
N SER A 333 -22.36 -22.42 -7.35
CA SER A 333 -22.77 -21.93 -6.04
C SER A 333 -23.73 -22.89 -5.36
N ALA A 334 -23.82 -22.76 -4.04
CA ALA A 334 -24.60 -23.65 -3.19
C ALA A 334 -25.58 -22.83 -2.34
N TRP A 335 -26.79 -23.36 -2.18
CA TRP A 335 -27.93 -22.56 -1.76
C TRP A 335 -28.66 -23.21 -0.58
N ASP A 336 -28.88 -22.42 0.47
CA ASP A 336 -29.67 -22.78 1.65
C ASP A 336 -30.91 -21.90 1.64
N PHE A 337 -32.09 -22.52 1.64
CA PHE A 337 -33.33 -21.74 1.56
C PHE A 337 -33.89 -21.40 2.94
N TYR A 338 -33.17 -21.75 4.02
CA TYR A 338 -33.55 -21.40 5.38
C TYR A 338 -34.96 -21.87 5.73
N ASN A 339 -35.37 -23.00 5.15
CA ASN A 339 -36.60 -23.67 5.56
C ASN A 339 -36.35 -25.11 6.02
N ARG A 340 -35.09 -25.50 6.18
CA ARG A 340 -34.69 -26.81 6.70
C ARG A 340 -35.02 -27.95 5.75
N LYS A 341 -35.44 -27.64 4.53
CA LYS A 341 -35.91 -28.65 3.58
C LYS A 341 -35.21 -28.52 2.23
N ASP A 342 -35.17 -27.30 1.68
CA ASP A 342 -34.67 -27.08 0.33
C ASP A 342 -33.21 -26.64 0.36
N PHE A 343 -32.36 -27.37 -0.37
CA PHE A 343 -30.94 -27.10 -0.51
C PHE A 343 -30.55 -27.45 -1.94
N ARG A 344 -29.78 -26.58 -2.61
CA ARG A 344 -29.51 -26.78 -4.03
C ARG A 344 -28.11 -26.32 -4.44
N ILE A 345 -27.61 -26.94 -5.50
CA ILE A 345 -26.41 -26.48 -6.21
C ILE A 345 -26.84 -25.99 -7.59
N LYS A 346 -26.22 -24.89 -8.03
CA LYS A 346 -26.38 -24.31 -9.35
C LYS A 346 -25.00 -24.27 -10.00
N GLN A 347 -24.73 -25.20 -10.92
CA GLN A 347 -23.41 -25.31 -11.54
C GLN A 347 -23.55 -25.74 -12.99
N CYS A 348 -22.85 -25.04 -13.89
CA CYS A 348 -22.80 -25.41 -15.31
C CYS A 348 -21.71 -26.45 -15.52
N THR A 349 -21.97 -27.64 -14.95
CA THR A 349 -20.94 -28.65 -14.79
C THR A 349 -20.39 -29.12 -16.13
N ARG A 350 -19.07 -29.17 -16.23
CA ARG A 350 -18.35 -29.79 -17.33
C ARG A 350 -17.67 -31.06 -16.82
N VAL A 351 -17.41 -32.00 -17.72
CA VAL A 351 -16.85 -33.30 -17.34
C VAL A 351 -15.33 -33.16 -17.42
N THR A 352 -14.73 -32.72 -16.31
CA THR A 352 -13.29 -32.67 -16.16
C THR A 352 -12.92 -33.01 -14.72
N MET A 353 -11.65 -33.32 -14.50
CA MET A 353 -11.19 -33.62 -13.14
C MET A 353 -11.31 -32.40 -12.23
N ASP A 354 -10.99 -31.22 -12.74
CA ASP A 354 -11.11 -30.05 -11.87
C ASP A 354 -12.56 -29.75 -11.55
N GLN A 355 -13.49 -30.01 -12.47
CA GLN A 355 -14.90 -29.83 -12.16
C GLN A 355 -15.37 -30.83 -11.12
N LEU A 356 -14.81 -32.05 -11.11
CA LEU A 356 -15.13 -32.99 -10.05
C LEU A 356 -14.72 -32.42 -8.69
N SER A 357 -13.56 -31.78 -8.61
CA SER A 357 -13.19 -31.10 -7.38
C SER A 357 -14.18 -29.99 -7.03
N THR A 358 -14.63 -29.23 -8.03
CA THR A 358 -15.58 -28.15 -7.76
C THR A 358 -16.92 -28.73 -7.30
N VAL A 359 -17.33 -29.87 -7.85
CA VAL A 359 -18.54 -30.51 -7.36
C VAL A 359 -18.42 -30.83 -5.88
N HIS A 360 -17.25 -31.36 -5.46
CA HIS A 360 -17.03 -31.60 -4.04
C HIS A 360 -17.07 -30.31 -3.25
N HIS A 361 -16.41 -29.26 -3.77
CA HIS A 361 -16.46 -27.96 -3.10
C HIS A 361 -17.90 -27.55 -2.80
N GLU A 362 -18.77 -27.58 -3.81
CA GLU A 362 -20.14 -27.13 -3.62
C GLU A 362 -20.92 -28.05 -2.69
N MET A 363 -20.69 -29.36 -2.80
CA MET A 363 -21.44 -30.29 -1.95
C MET A 363 -20.99 -30.19 -0.49
N GLY A 364 -19.76 -29.73 -0.25
CA GLY A 364 -19.36 -29.44 1.11
C GLY A 364 -20.24 -28.37 1.75
N HIS A 365 -20.64 -27.35 0.98
CA HIS A 365 -21.56 -26.34 1.49
C HIS A 365 -22.89 -26.98 1.86
N ILE A 366 -23.43 -27.82 0.97
CA ILE A 366 -24.72 -28.45 1.25
C ILE A 366 -24.64 -29.28 2.51
N GLN A 367 -23.58 -30.08 2.64
CA GLN A 367 -23.43 -30.89 3.86
C GLN A 367 -23.48 -30.00 5.10
N TYR A 368 -22.74 -28.89 5.09
CA TYR A 368 -22.79 -27.95 6.20
C TYR A 368 -24.23 -27.53 6.50
N TYR A 369 -24.96 -27.11 5.46
CA TYR A 369 -26.35 -26.69 5.63
C TYR A 369 -27.18 -27.78 6.31
N LEU A 370 -27.00 -29.03 5.87
CA LEU A 370 -27.80 -30.13 6.39
C LEU A 370 -27.47 -30.40 7.85
N GLN A 371 -26.21 -30.23 8.24
CA GLN A 371 -25.82 -30.54 9.61
C GLN A 371 -26.24 -29.46 10.59
N TYR A 372 -26.42 -28.22 10.17
CA TYR A 372 -26.83 -27.16 11.11
C TYR A 372 -28.22 -26.63 10.85
N LYS A 373 -29.04 -27.32 10.06
CA LYS A 373 -30.34 -26.76 9.69
C LYS A 373 -31.30 -26.60 10.86
N ASP A 374 -31.03 -27.24 12.00
CA ASP A 374 -31.92 -27.15 13.15
C ASP A 374 -31.42 -26.16 14.19
N LEU A 375 -30.30 -25.48 13.93
CA LEU A 375 -29.93 -24.32 14.73
C LEU A 375 -30.85 -23.15 14.38
N PRO A 376 -31.02 -22.21 15.31
CA PRO A 376 -31.71 -20.95 14.96
C PRO A 376 -30.92 -20.24 13.87
N VAL A 377 -31.64 -19.52 13.01
CA VAL A 377 -31.07 -19.12 11.71
C VAL A 377 -29.77 -18.34 11.88
N SER A 378 -29.68 -17.53 12.94
CA SER A 378 -28.50 -16.67 13.06
C SER A 378 -27.22 -17.48 13.24
N LEU A 379 -27.32 -18.75 13.64
CA LEU A 379 -26.15 -19.59 13.81
C LEU A 379 -25.95 -20.53 12.63
N ARG A 380 -26.79 -20.43 11.60
CA ARG A 380 -26.67 -21.28 10.40
C ARG A 380 -25.65 -20.66 9.45
N ARG A 381 -24.39 -20.76 9.87
CA ARG A 381 -23.26 -20.14 9.20
C ARG A 381 -22.04 -20.98 9.53
N GLY A 382 -21.00 -20.85 8.72
CA GLY A 382 -19.73 -21.45 9.10
C GLY A 382 -19.19 -20.83 10.36
N ALA A 383 -18.36 -21.59 11.08
CA ALA A 383 -17.66 -21.02 12.23
C ALA A 383 -17.00 -19.70 11.83
N ASN A 384 -16.46 -19.64 10.61
CA ASN A 384 -16.28 -18.39 9.88
C ASN A 384 -16.44 -18.72 8.40
N PRO A 385 -16.46 -17.71 7.52
CA PRO A 385 -16.70 -18.01 6.10
C PRO A 385 -15.64 -18.92 5.48
N GLY A 386 -14.40 -18.87 5.96
CA GLY A 386 -13.37 -19.77 5.46
C GLY A 386 -13.68 -21.23 5.74
N PHE A 387 -14.27 -21.52 6.91
CA PHE A 387 -14.69 -22.89 7.20
C PHE A 387 -15.62 -23.42 6.11
N HIS A 388 -16.62 -22.62 5.74
CA HIS A 388 -17.59 -23.07 4.75
C HIS A 388 -16.92 -23.42 3.44
N GLU A 389 -15.97 -22.57 2.98
CA GLU A 389 -15.33 -22.82 1.69
C GLU A 389 -14.37 -24.00 1.75
N ALA A 390 -13.98 -24.44 2.94
CA ALA A 390 -12.98 -25.50 3.07
C ALA A 390 -13.56 -26.90 3.06
N ILE A 391 -14.82 -27.08 3.46
CA ILE A 391 -15.30 -28.41 3.81
C ILE A 391 -15.15 -29.37 2.62
N GLY A 392 -15.71 -28.99 1.47
CA GLY A 392 -15.67 -29.88 0.33
C GLY A 392 -14.27 -30.06 -0.23
N ASP A 393 -13.44 -29.01 -0.13
CA ASP A 393 -12.06 -29.11 -0.60
C ASP A 393 -11.30 -30.18 0.17
N VAL A 394 -11.60 -30.36 1.46
CA VAL A 394 -10.91 -31.36 2.25
C VAL A 394 -11.17 -32.75 1.70
N LEU A 395 -12.43 -33.06 1.43
CA LEU A 395 -12.75 -34.36 0.85
C LEU A 395 -12.08 -34.51 -0.52
N ALA A 396 -12.04 -33.42 -1.31
CA ALA A 396 -11.41 -33.50 -2.62
C ALA A 396 -9.91 -33.82 -2.51
N LEU A 397 -9.27 -33.43 -1.41
CA LEU A 397 -7.86 -33.79 -1.23
C LEU A 397 -7.71 -35.30 -1.21
N SER A 398 -8.61 -36.01 -0.54
CA SER A 398 -8.57 -37.46 -0.52
C SER A 398 -8.91 -38.06 -1.88
N VAL A 399 -9.91 -37.48 -2.56
CA VAL A 399 -10.37 -38.03 -3.83
C VAL A 399 -9.27 -37.97 -4.87
N SER A 400 -8.47 -36.91 -4.86
N SER A 400 -8.48 -36.91 -4.85
CA SER A 400 -7.46 -36.72 -5.89
CA SER A 400 -7.44 -36.68 -5.85
C SER A 400 -6.23 -37.60 -5.72
C SER A 400 -6.30 -37.68 -5.75
N THR A 401 -6.08 -38.30 -4.59
CA THR A 401 -4.92 -39.17 -4.43
C THR A 401 -4.96 -40.28 -5.48
N PRO A 402 -3.80 -40.67 -6.04
CA PRO A 402 -3.82 -41.78 -7.01
C PRO A 402 -4.44 -43.05 -6.46
N GLU A 403 -4.23 -43.34 -5.17
CA GLU A 403 -4.86 -44.48 -4.52
C GLU A 403 -6.38 -44.40 -4.64
N HIS A 404 -6.96 -43.24 -4.34
CA HIS A 404 -8.42 -43.15 -4.39
C HIS A 404 -8.92 -43.18 -5.82
N LEU A 405 -8.23 -42.49 -6.74
CA LEU A 405 -8.63 -42.51 -8.13
C LEU A 405 -8.65 -43.94 -8.67
N HIS A 406 -7.69 -44.75 -8.24
CA HIS A 406 -7.71 -46.16 -8.63
C HIS A 406 -8.93 -46.87 -8.07
N LYS A 407 -9.31 -46.56 -6.83
CA LYS A 407 -10.47 -47.21 -6.23
C LYS A 407 -11.76 -46.89 -6.98
N ILE A 408 -11.86 -45.71 -7.57
CA ILE A 408 -13.07 -45.33 -8.29
C ILE A 408 -12.93 -45.51 -9.80
N GLY A 409 -11.91 -46.24 -10.25
CA GLY A 409 -11.82 -46.68 -11.62
C GLY A 409 -11.29 -45.67 -12.61
N LEU A 410 -10.64 -44.61 -12.16
CA LEU A 410 -10.15 -43.55 -13.04
C LEU A 410 -8.65 -43.60 -13.27
N LEU A 411 -7.95 -44.60 -12.72
CA LEU A 411 -6.50 -44.65 -12.85
C LEU A 411 -6.02 -46.06 -12.53
N ASP A 412 -5.12 -46.59 -13.35
CA ASP A 412 -4.46 -47.85 -13.04
C ASP A 412 -3.37 -47.62 -12.00
N ARG A 413 -3.25 -48.55 -11.06
CA ARG A 413 -2.43 -48.33 -9.88
C ARG A 413 -1.03 -47.85 -10.27
N VAL A 414 -0.52 -46.90 -9.51
CA VAL A 414 0.80 -46.34 -9.75
C VAL A 414 1.78 -46.95 -8.75
N THR A 415 3.08 -46.77 -9.00
CA THR A 415 4.11 -47.25 -8.10
C THR A 415 4.36 -46.20 -7.02
N ASN A 416 4.31 -46.62 -5.75
CA ASN A 416 4.68 -45.78 -4.63
C ASN A 416 6.18 -45.50 -4.67
N ASP A 417 6.62 -44.75 -5.68
CA ASP A 417 8.01 -44.35 -5.80
C ASP A 417 8.11 -42.82 -5.76
N THR A 418 9.36 -42.34 -5.64
CA THR A 418 9.57 -40.91 -5.47
C THR A 418 9.09 -40.11 -6.68
N GLU A 419 9.20 -40.66 -7.89
CA GLU A 419 8.92 -39.86 -9.07
C GLU A 419 7.41 -39.67 -9.28
N SER A 420 6.61 -40.71 -9.06
CA SER A 420 5.16 -40.51 -9.10
C SER A 420 4.71 -39.60 -7.97
N ASP A 421 5.38 -39.67 -6.81
CA ASP A 421 5.12 -38.75 -5.73
C ASP A 421 5.31 -37.30 -6.19
N ILE A 422 6.40 -37.05 -6.93
CA ILE A 422 6.71 -35.70 -7.37
C ILE A 422 5.69 -35.22 -8.40
N ASN A 423 5.32 -36.09 -9.34
CA ASN A 423 4.26 -35.74 -10.29
C ASN A 423 3.00 -35.31 -9.57
N TYR A 424 2.58 -36.09 -8.57
CA TYR A 424 1.32 -35.80 -7.89
C TYR A 424 1.40 -34.51 -7.09
N LEU A 425 2.44 -34.35 -6.29
CA LEU A 425 2.54 -33.14 -5.46
C LEU A 425 2.69 -31.89 -6.31
N LEU A 426 3.28 -32.03 -7.50
CA LEU A 426 3.39 -30.90 -8.40
C LEU A 426 2.03 -30.52 -8.98
N LYS A 427 1.26 -31.52 -9.43
CA LYS A 427 -0.10 -31.22 -9.89
C LYS A 427 -0.90 -30.56 -8.76
N MET A 428 -0.77 -31.05 -7.54
CA MET A 428 -1.51 -30.43 -6.44
C MET A 428 -0.99 -29.02 -6.14
N ALA A 429 0.32 -28.79 -6.31
CA ALA A 429 0.84 -27.43 -6.10
C ALA A 429 0.28 -26.47 -7.14
N LEU A 430 0.13 -26.91 -8.39
CA LEU A 430 -0.45 -26.05 -9.42
C LEU A 430 -1.86 -25.63 -9.05
N GLU A 431 -2.58 -26.48 -8.33
CA GLU A 431 -3.95 -26.18 -7.94
C GLU A 431 -4.02 -25.35 -6.67
N LYS A 432 -3.19 -25.67 -5.67
CA LYS A 432 -3.31 -25.10 -4.34
C LYS A 432 -2.32 -23.98 -4.06
N ILE A 433 -1.03 -24.21 -4.30
N ILE A 433 -1.02 -24.20 -4.31
CA ILE A 433 -0.02 -23.19 -4.04
CA ILE A 433 -0.03 -23.17 -4.02
C ILE A 433 -0.21 -22.00 -4.96
C ILE A 433 -0.19 -21.99 -4.96
N ALA A 434 -0.46 -22.25 -6.25
CA ALA A 434 -0.57 -21.14 -7.20
C ALA A 434 -1.72 -20.21 -6.83
N PHE A 435 -2.76 -20.74 -6.20
CA PHE A 435 -3.90 -19.92 -5.82
C PHE A 435 -3.59 -18.95 -4.69
N LEU A 436 -2.67 -19.30 -3.79
CA LEU A 436 -2.49 -18.54 -2.56
C LEU A 436 -2.32 -17.04 -2.79
N PRO A 437 -1.41 -16.57 -3.64
CA PRO A 437 -1.30 -15.11 -3.86
C PRO A 437 -2.61 -14.48 -4.31
N PHE A 438 -3.37 -15.17 -5.16
CA PHE A 438 -4.62 -14.60 -5.66
C PHE A 438 -5.68 -14.56 -4.57
N GLY A 439 -5.81 -15.66 -3.83
CA GLY A 439 -6.73 -15.68 -2.70
C GLY A 439 -6.45 -14.56 -1.70
N TYR A 440 -5.17 -14.18 -1.57
CA TYR A 440 -4.80 -13.13 -0.63
C TYR A 440 -5.05 -11.74 -1.19
N LEU A 441 -4.81 -11.53 -2.49
CA LEU A 441 -4.76 -10.17 -3.01
C LEU A 441 -6.12 -9.59 -3.33
N VAL A 442 -7.12 -10.41 -3.65
CA VAL A 442 -8.38 -9.85 -4.16
C VAL A 442 -8.99 -8.91 -3.13
N ASP A 443 -9.10 -9.35 -1.88
CA ASP A 443 -9.68 -8.46 -0.89
C ASP A 443 -8.69 -7.41 -0.38
N GLN A 444 -7.39 -7.59 -0.60
CA GLN A 444 -6.51 -6.43 -0.39
C GLN A 444 -6.92 -5.30 -1.31
N TRP A 445 -7.21 -5.63 -2.57
CA TRP A 445 -7.69 -4.61 -3.51
C TRP A 445 -9.03 -4.04 -3.06
N ARG A 446 -9.98 -4.91 -2.71
CA ARG A 446 -11.32 -4.45 -2.37
C ARG A 446 -11.35 -3.69 -1.05
N TRP A 447 -10.54 -4.11 -0.06
CA TRP A 447 -10.47 -3.34 1.19
C TRP A 447 -9.95 -1.93 0.92
N GLY A 448 -9.00 -1.80 -0.01
CA GLY A 448 -8.49 -0.48 -0.36
C GLY A 448 -9.50 0.36 -1.09
N VAL A 449 -10.39 -0.28 -1.87
CA VAL A 449 -11.46 0.45 -2.52
C VAL A 449 -12.48 0.93 -1.49
N PHE A 450 -12.90 0.04 -0.58
CA PHE A 450 -13.89 0.42 0.42
C PHE A 450 -13.35 1.53 1.34
N SER A 451 -12.05 1.50 1.65
CA SER A 451 -11.47 2.48 2.57
C SER A 451 -11.24 3.84 1.91
N GLY A 452 -11.31 3.92 0.59
CA GLY A 452 -10.98 5.14 -0.12
C GLY A 452 -9.53 5.27 -0.52
N ARG A 453 -8.67 4.36 -0.06
CA ARG A 453 -7.27 4.40 -0.47
C ARG A 453 -7.14 4.23 -1.97
N THR A 454 -8.06 3.49 -2.59
CA THR A 454 -8.07 3.24 -4.03
C THR A 454 -9.34 3.87 -4.60
N PRO A 455 -9.26 5.11 -5.07
CA PRO A 455 -10.43 5.74 -5.72
C PRO A 455 -10.63 5.19 -7.12
N PRO A 456 -11.78 5.44 -7.73
CA PRO A 456 -11.99 5.00 -9.13
C PRO A 456 -10.82 5.29 -10.06
N SER A 457 -10.14 6.43 -9.87
CA SER A 457 -9.02 6.81 -10.73
C SER A 457 -7.83 5.87 -10.63
N ARG A 458 -7.84 4.93 -9.68
CA ARG A 458 -6.75 3.99 -9.53
C ARG A 458 -7.22 2.54 -9.41
N TYR A 459 -8.47 2.24 -9.82
CA TYR A 459 -8.95 0.85 -9.70
C TYR A 459 -8.01 -0.13 -10.38
N ASN A 460 -7.59 0.16 -11.61
CA ASN A 460 -6.81 -0.80 -12.39
C ASN A 460 -5.32 -0.71 -12.08
N PHE A 461 -4.80 0.50 -11.84
CA PHE A 461 -3.44 0.71 -11.35
C PHE A 461 -3.17 -0.12 -10.09
N ASP A 462 -4.07 -0.03 -9.12
CA ASP A 462 -3.85 -0.76 -7.88
C ASP A 462 -4.13 -2.25 -8.05
N TRP A 463 -5.06 -2.62 -8.92
CA TRP A 463 -5.26 -4.05 -9.21
C TRP A 463 -3.99 -4.66 -9.77
N TRP A 464 -3.41 -4.05 -10.79
CA TRP A 464 -2.23 -4.66 -11.41
C TRP A 464 -0.99 -4.51 -10.54
N TYR A 465 -0.92 -3.48 -9.70
CA TYR A 465 0.13 -3.44 -8.69
C TYR A 465 0.10 -4.72 -7.84
N LEU A 466 -1.10 -5.09 -7.36
CA LEU A 466 -1.24 -6.25 -6.49
C LEU A 466 -1.03 -7.55 -7.26
N ARG A 467 -1.54 -7.61 -8.49
CA ARG A 467 -1.36 -8.83 -9.30
C ARG A 467 0.12 -9.10 -9.56
N THR A 468 0.87 -8.05 -9.87
CA THR A 468 2.31 -8.22 -10.07
C THR A 468 3.02 -8.48 -8.75
N LYS A 469 2.68 -7.74 -7.69
CA LYS A 469 3.35 -7.91 -6.41
C LYS A 469 3.24 -9.34 -5.91
N TYR A 470 2.04 -9.91 -5.96
CA TYR A 470 1.77 -11.20 -5.36
C TYR A 470 1.88 -12.35 -6.35
N GLN A 471 1.25 -12.25 -7.50
CA GLN A 471 1.28 -13.38 -8.43
C GLN A 471 2.44 -13.34 -9.40
N GLY A 472 3.14 -12.22 -9.53
CA GLY A 472 4.22 -12.17 -10.51
C GLY A 472 3.73 -12.37 -11.92
N ILE A 473 2.60 -11.76 -12.28
CA ILE A 473 2.08 -11.80 -13.63
C ILE A 473 1.92 -10.36 -14.13
N CYS A 474 1.72 -10.24 -15.43
CA CYS A 474 1.56 -8.94 -16.08
C CYS A 474 0.50 -9.07 -17.16
N PRO A 475 -0.26 -7.99 -17.42
CA PRO A 475 -1.26 -8.05 -18.50
C PRO A 475 -0.57 -8.19 -19.85
N PRO A 476 -1.09 -9.06 -20.73
CA PRO A 476 -0.43 -9.30 -22.02
C PRO A 476 -0.73 -8.24 -23.06
N VAL A 477 -1.64 -7.30 -22.77
CA VAL A 477 -1.87 -6.11 -23.57
C VAL A 477 -1.89 -4.93 -22.61
N THR A 478 -1.60 -3.74 -23.13
CA THR A 478 -1.65 -2.54 -22.31
C THR A 478 -3.06 -2.33 -21.75
N ARG A 479 -3.10 -1.90 -20.48
CA ARG A 479 -4.33 -1.54 -19.80
C ARG A 479 -4.24 -0.11 -19.31
N ASN A 480 -5.40 0.54 -19.16
CA ASN A 480 -5.48 1.86 -18.58
C ASN A 480 -6.74 1.92 -17.72
N GLU A 481 -7.05 3.10 -17.19
CA GLU A 481 -8.12 3.17 -16.20
C GLU A 481 -9.51 3.13 -16.81
N THR A 482 -9.62 3.09 -18.14
CA THR A 482 -10.89 2.73 -18.75
C THR A 482 -11.21 1.26 -18.51
N HIS A 483 -10.18 0.44 -18.44
CA HIS A 483 -10.34 -0.97 -18.11
C HIS A 483 -10.57 -1.14 -16.61
N PHE A 484 -11.30 -2.19 -16.26
CA PHE A 484 -11.68 -2.48 -14.88
C PHE A 484 -11.54 -4.00 -14.75
N ASP A 485 -10.28 -4.45 -14.68
CA ASP A 485 -9.98 -5.87 -14.80
C ASP A 485 -10.39 -6.63 -13.55
N ALA A 486 -10.46 -5.97 -12.40
CA ALA A 486 -11.03 -6.64 -11.22
C ALA A 486 -12.49 -7.01 -11.45
N GLY A 487 -13.20 -6.20 -12.24
CA GLY A 487 -14.60 -6.49 -12.52
C GLY A 487 -14.82 -7.72 -13.38
N ALA A 488 -13.77 -8.23 -14.02
CA ALA A 488 -13.88 -9.41 -14.87
C ALA A 488 -13.73 -10.70 -14.06
N LYS A 489 -13.71 -10.61 -12.74
CA LYS A 489 -13.68 -11.75 -11.84
C LYS A 489 -15.00 -11.80 -11.09
N PHE A 490 -15.68 -12.95 -11.14
CA PHE A 490 -17.06 -13.08 -10.68
C PHE A 490 -17.35 -12.36 -9.36
N HIS A 491 -16.51 -12.60 -8.34
CA HIS A 491 -16.84 -12.19 -6.99
C HIS A 491 -16.92 -10.68 -6.81
N VAL A 492 -16.32 -9.90 -7.71
CA VAL A 492 -16.30 -8.44 -7.55
C VAL A 492 -17.68 -7.90 -7.88
N PRO A 493 -18.17 -8.01 -9.12
CA PRO A 493 -19.55 -7.53 -9.38
C PRO A 493 -20.63 -8.28 -8.60
N ASN A 494 -20.39 -9.53 -8.22
CA ASN A 494 -21.39 -10.29 -7.46
C ASN A 494 -21.19 -10.13 -5.96
N VAL A 495 -20.32 -9.20 -5.53
CA VAL A 495 -20.15 -8.80 -4.14
C VAL A 495 -20.07 -9.99 -3.21
N THR A 496 -19.20 -10.93 -3.53
CA THR A 496 -18.89 -12.05 -2.68
C THR A 496 -17.50 -11.87 -2.12
N PRO A 497 -17.32 -11.75 -0.81
CA PRO A 497 -15.97 -11.59 -0.26
C PRO A 497 -15.05 -12.74 -0.66
N TYR A 498 -13.73 -12.47 -0.61
CA TYR A 498 -12.75 -13.41 -1.14
C TYR A 498 -11.69 -13.90 -0.14
N ILE A 499 -11.41 -13.18 0.94
CA ILE A 499 -10.37 -13.63 1.86
C ILE A 499 -10.72 -15.00 2.44
N ARG A 500 -12.01 -15.35 2.48
CA ARG A 500 -12.44 -16.69 2.88
C ARG A 500 -11.71 -17.78 2.11
N TYR A 501 -11.31 -17.52 0.85
CA TYR A 501 -10.67 -18.58 0.07
C TYR A 501 -9.21 -18.72 0.44
N PHE A 502 -8.53 -17.62 0.77
CA PHE A 502 -7.18 -17.73 1.33
C PHE A 502 -7.23 -18.50 2.65
N VAL A 503 -8.16 -18.14 3.53
CA VAL A 503 -8.30 -18.84 4.80
C VAL A 503 -8.58 -20.31 4.55
N SER A 504 -9.47 -20.59 3.60
CA SER A 504 -9.85 -21.97 3.33
C SER A 504 -8.69 -22.80 2.80
N PHE A 505 -7.84 -22.21 1.96
CA PHE A 505 -6.75 -22.99 1.38
C PHE A 505 -5.68 -23.33 2.40
N VAL A 506 -5.55 -22.52 3.46
CA VAL A 506 -4.70 -22.89 4.59
C VAL A 506 -5.43 -23.91 5.48
N LEU A 507 -6.66 -23.56 5.86
CA LEU A 507 -7.44 -24.37 6.79
C LEU A 507 -7.62 -25.81 6.29
N GLN A 508 -7.84 -25.99 4.99
CA GLN A 508 -8.19 -27.35 4.53
C GLN A 508 -7.05 -28.33 4.79
N PHE A 509 -5.81 -27.87 4.80
CA PHE A 509 -4.71 -28.75 5.18
C PHE A 509 -4.63 -28.98 6.68
N GLN A 510 -5.00 -27.98 7.48
CA GLN A 510 -5.16 -28.25 8.91
C GLN A 510 -6.21 -29.31 9.15
N PHE A 511 -7.34 -29.21 8.43
CA PHE A 511 -8.41 -30.20 8.59
C PHE A 511 -7.96 -31.58 8.11
N HIS A 512 -7.36 -31.62 6.93
CA HIS A 512 -6.89 -32.87 6.36
C HIS A 512 -5.98 -33.60 7.35
N GLU A 513 -5.01 -32.88 7.91
CA GLU A 513 -4.10 -33.52 8.86
C GLU A 513 -4.85 -34.06 10.06
N ALA A 514 -5.81 -33.29 10.58
CA ALA A 514 -6.56 -33.75 11.74
C ALA A 514 -7.39 -34.98 11.41
N LEU A 515 -8.08 -34.97 10.26
CA LEU A 515 -8.95 -36.10 9.93
C LEU A 515 -8.13 -37.34 9.61
N CYS A 516 -6.97 -37.17 8.98
CA CYS A 516 -6.11 -38.31 8.67
C CYS A 516 -5.56 -38.95 9.94
N LYS A 517 -5.09 -38.13 10.89
CA LYS A 517 -4.70 -38.67 12.20
C LYS A 517 -5.86 -39.42 12.83
N GLU A 518 -7.07 -38.85 12.79
CA GLU A 518 -8.22 -39.47 13.43
C GLU A 518 -8.61 -40.77 12.74
N ALA A 519 -8.35 -40.88 11.44
CA ALA A 519 -8.63 -42.11 10.71
C ALA A 519 -7.65 -43.23 11.01
N GLY A 520 -6.63 -42.97 11.82
CA GLY A 520 -5.59 -43.96 12.05
C GLY A 520 -4.58 -44.05 10.94
N TYR A 521 -4.64 -43.14 9.97
CA TYR A 521 -3.66 -43.15 8.90
C TYR A 521 -2.29 -42.77 9.43
N GLU A 522 -1.26 -43.40 8.88
CA GLU A 522 0.08 -43.19 9.39
C GLU A 522 1.14 -43.07 8.29
N GLY A 523 0.74 -42.98 7.03
CA GLY A 523 1.67 -42.76 5.95
C GLY A 523 1.91 -41.28 5.72
N PRO A 524 2.57 -40.94 4.60
CA PRO A 524 2.73 -39.53 4.25
C PRO A 524 1.38 -38.83 4.19
N LEU A 525 1.36 -37.57 4.64
CA LEU A 525 0.10 -36.85 4.71
C LEU A 525 -0.55 -36.72 3.34
N HIS A 526 0.26 -36.56 2.29
CA HIS A 526 -0.25 -36.36 0.95
C HIS A 526 -0.71 -37.64 0.26
N GLN A 527 -0.60 -38.78 0.93
CA GLN A 527 -1.18 -40.03 0.42
C GLN A 527 -2.36 -40.49 1.25
N CYS A 528 -2.77 -39.70 2.24
CA CYS A 528 -3.92 -40.06 3.06
C CYS A 528 -5.22 -39.98 2.27
N ASP A 529 -6.08 -40.96 2.49
CA ASP A 529 -7.44 -40.97 1.95
C ASP A 529 -8.37 -41.31 3.11
N ILE A 530 -9.28 -40.40 3.45
CA ILE A 530 -10.14 -40.60 4.61
C ILE A 530 -11.42 -41.33 4.27
N TYR A 531 -11.61 -41.72 3.01
CA TYR A 531 -12.77 -42.47 2.56
C TYR A 531 -13.13 -43.57 3.54
N ARG A 532 -14.41 -43.67 3.84
CA ARG A 532 -14.98 -44.72 4.70
C ARG A 532 -14.50 -44.66 6.14
N SER A 533 -13.80 -43.60 6.54
CA SER A 533 -13.44 -43.46 7.95
C SER A 533 -14.61 -42.83 8.69
N THR A 534 -15.34 -43.64 9.45
CA THR A 534 -16.41 -43.11 10.28
C THR A 534 -15.88 -42.31 11.46
N LYS A 535 -14.65 -42.56 11.91
CA LYS A 535 -14.04 -41.73 12.92
C LYS A 535 -13.77 -40.32 12.40
N ALA A 536 -13.17 -40.22 11.21
CA ALA A 536 -12.96 -38.91 10.60
C ALA A 536 -14.30 -38.21 10.37
N GLY A 537 -15.30 -38.94 9.86
CA GLY A 537 -16.61 -38.34 9.67
C GLY A 537 -17.18 -37.77 10.95
N ALA A 538 -16.98 -38.45 12.07
CA ALA A 538 -17.50 -37.97 13.35
C ALA A 538 -16.84 -36.66 13.76
N LYS A 539 -15.51 -36.55 13.59
CA LYS A 539 -14.81 -35.33 13.94
C LYS A 539 -15.25 -34.16 13.07
N LEU A 540 -15.51 -34.42 11.79
CA LEU A 540 -16.01 -33.37 10.91
C LEU A 540 -17.44 -32.99 11.26
N ARG A 541 -18.28 -33.98 11.59
CA ARG A 541 -19.67 -33.69 11.92
C ARG A 541 -19.77 -32.72 13.10
N LYS A 542 -18.87 -32.86 14.08
CA LYS A 542 -18.86 -31.95 15.22
C LYS A 542 -18.69 -30.51 14.76
N VAL A 543 -17.78 -30.27 13.82
CA VAL A 543 -17.59 -28.93 13.28
C VAL A 543 -18.87 -28.44 12.61
N LEU A 544 -19.45 -29.27 11.74
CA LEU A 544 -20.54 -28.81 10.89
C LEU A 544 -21.78 -28.47 11.72
N ARG A 545 -22.07 -29.27 12.75
CA ARG A 545 -23.27 -29.02 13.55
C ARG A 545 -23.11 -27.82 14.47
N ALA A 546 -21.89 -27.34 14.68
CA ALA A 546 -21.70 -26.17 15.53
C ALA A 546 -22.18 -24.89 14.85
N GLY A 547 -22.23 -24.87 13.53
CA GLY A 547 -22.56 -23.64 12.82
C GLY A 547 -21.66 -22.52 13.25
N SER A 548 -22.26 -21.38 13.60
CA SER A 548 -21.55 -20.25 14.15
C SER A 548 -21.93 -20.00 15.60
N SER A 549 -22.29 -21.06 16.32
CA SER A 549 -22.68 -20.92 17.73
C SER A 549 -21.50 -20.74 18.66
N ARG A 550 -20.30 -21.13 18.23
CA ARG A 550 -19.10 -21.01 19.04
C ARG A 550 -18.01 -20.31 18.26
N PRO A 551 -17.09 -19.62 18.97
CA PRO A 551 -15.97 -18.97 18.28
C PRO A 551 -15.16 -19.96 17.47
N TRP A 552 -14.81 -19.56 16.25
CA TRP A 552 -14.10 -20.47 15.35
C TRP A 552 -12.76 -20.90 15.94
N GLN A 553 -12.14 -20.06 16.79
CA GLN A 553 -10.91 -20.47 17.42
C GLN A 553 -11.12 -21.68 18.32
N GLU A 554 -12.27 -21.73 19.02
CA GLU A 554 -12.56 -22.86 19.90
C GLU A 554 -12.94 -24.10 19.09
N VAL A 555 -13.76 -23.92 18.06
CA VAL A 555 -14.13 -25.03 17.19
C VAL A 555 -12.88 -25.63 16.55
N LEU A 556 -11.96 -24.76 16.10
CA LEU A 556 -10.74 -25.23 15.47
C LEU A 556 -9.87 -25.99 16.47
N LYS A 557 -9.76 -25.47 17.71
CA LYS A 557 -8.93 -26.17 18.69
C LYS A 557 -9.49 -27.56 18.98
N ASP A 558 -10.81 -27.67 19.13
CA ASP A 558 -11.43 -28.97 19.33
C ASP A 558 -11.06 -29.94 18.20
N MET A 559 -10.89 -29.43 16.98
CA MET A 559 -10.74 -30.32 15.83
C MET A 559 -9.29 -30.66 15.53
N VAL A 560 -8.38 -29.69 15.59
CA VAL A 560 -7.01 -29.89 15.16
C VAL A 560 -5.99 -29.72 16.29
N GLY A 561 -6.39 -29.26 17.46
CA GLY A 561 -5.49 -29.11 18.58
C GLY A 561 -4.90 -27.72 18.76
N LEU A 562 -5.36 -26.74 18.00
CA LEU A 562 -4.73 -25.44 17.87
C LEU A 562 -5.83 -24.43 17.61
N ASP A 563 -5.68 -23.23 18.17
CA ASP A 563 -6.75 -22.25 18.12
C ASP A 563 -6.51 -21.18 17.06
N ALA A 564 -5.60 -21.43 16.11
CA ALA A 564 -5.30 -20.43 15.09
C ALA A 564 -5.04 -21.09 13.75
N LEU A 565 -5.15 -20.28 12.70
CA LEU A 565 -4.67 -20.68 11.38
C LEU A 565 -3.17 -20.93 11.43
N ASP A 566 -2.74 -21.97 10.72
CA ASP A 566 -1.36 -22.46 10.79
C ASP A 566 -0.98 -23.02 9.44
N ALA A 567 0.16 -22.58 8.92
CA ALA A 567 0.64 -23.01 7.62
C ALA A 567 1.38 -24.34 7.65
N GLN A 568 1.76 -24.82 8.83
CA GLN A 568 2.60 -26.01 8.91
C GLN A 568 1.98 -27.22 8.25
N PRO A 569 0.68 -27.52 8.42
CA PRO A 569 0.12 -28.70 7.71
C PRO A 569 0.28 -28.60 6.21
N LEU A 570 0.01 -27.44 5.61
CA LEU A 570 0.21 -27.27 4.19
C LEU A 570 1.67 -27.48 3.82
N LEU A 571 2.58 -26.86 4.56
CA LEU A 571 4.00 -27.05 4.30
C LEU A 571 4.38 -28.53 4.40
N LYS A 572 3.84 -29.22 5.41
CA LYS A 572 4.16 -30.63 5.61
C LYS A 572 3.60 -31.47 4.47
N TYR A 573 2.40 -31.14 3.97
CA TYR A 573 1.83 -31.84 2.84
C TYR A 573 2.75 -31.77 1.62
N PHE A 574 3.32 -30.59 1.35
CA PHE A 574 4.07 -30.35 0.12
C PHE A 574 5.59 -30.50 0.26
N GLN A 575 6.08 -30.86 1.45
CA GLN A 575 7.52 -30.82 1.74
C GLN A 575 8.39 -31.41 0.64
N LEU A 576 8.02 -32.58 0.12
CA LEU A 576 8.88 -33.26 -0.84
C LEU A 576 9.02 -32.46 -2.14
N VAL A 577 7.93 -31.87 -2.61
CA VAL A 577 7.99 -31.14 -3.87
C VAL A 577 8.55 -29.74 -3.66
N THR A 578 8.36 -29.17 -2.45
CA THR A 578 9.02 -27.92 -2.12
C THR A 578 10.53 -28.07 -2.31
N GLN A 579 11.09 -29.14 -1.77
CA GLN A 579 12.52 -29.41 -1.90
C GLN A 579 12.90 -29.66 -3.36
N TRP A 580 12.16 -30.51 -4.05
CA TRP A 580 12.50 -30.82 -5.44
C TRP A 580 12.49 -29.57 -6.30
N LEU A 581 11.49 -28.70 -6.13
CA LEU A 581 11.40 -27.50 -6.96
C LEU A 581 12.59 -26.57 -6.70
N GLN A 582 12.90 -26.35 -5.42
CA GLN A 582 14.08 -25.59 -5.04
C GLN A 582 15.32 -26.11 -5.79
N GLU A 583 15.48 -27.43 -5.84
CA GLU A 583 16.66 -27.99 -6.49
C GLU A 583 16.64 -27.75 -7.99
N GLN A 584 15.50 -28.00 -8.64
CA GLN A 584 15.42 -27.82 -10.08
C GLN A 584 15.75 -26.39 -10.46
N ASN A 585 15.19 -25.43 -9.72
CA ASN A 585 15.44 -24.03 -10.02
C ASN A 585 16.92 -23.68 -9.90
N GLN A 586 17.60 -24.20 -8.87
CA GLN A 586 19.03 -23.93 -8.73
C GLN A 586 19.81 -24.48 -9.92
N GLN A 587 19.53 -25.73 -10.28
CA GLN A 587 20.27 -26.38 -11.36
C GLN A 587 20.12 -25.61 -12.67
N ASN A 588 18.94 -25.05 -12.92
CA ASN A 588 18.72 -24.21 -14.09
C ASN A 588 19.14 -22.76 -13.86
N GLY A 589 19.67 -22.44 -12.68
CA GLY A 589 20.13 -21.09 -12.40
C GLY A 589 19.02 -20.06 -12.46
N GLU A 590 17.82 -20.43 -12.05
CA GLU A 590 16.71 -19.49 -12.14
C GLU A 590 16.92 -18.33 -11.19
N VAL A 591 16.31 -17.20 -11.53
CA VAL A 591 16.13 -16.09 -10.60
C VAL A 591 14.73 -16.25 -10.00
N LEU A 592 14.66 -16.34 -8.68
CA LEU A 592 13.37 -16.38 -8.01
C LEU A 592 12.80 -14.97 -7.95
N GLY A 593 11.53 -14.84 -8.27
CA GLY A 593 10.92 -13.53 -8.34
C GLY A 593 10.98 -12.97 -9.75
N TRP A 594 10.65 -11.68 -9.85
CA TRP A 594 10.50 -11.01 -11.13
C TRP A 594 11.08 -9.61 -11.05
N PRO A 595 12.42 -9.51 -10.93
CA PRO A 595 13.05 -8.19 -10.78
C PRO A 595 12.83 -7.23 -11.93
N GLU A 596 12.56 -7.72 -13.15
CA GLU A 596 12.19 -6.84 -14.26
C GLU A 596 10.68 -6.60 -14.20
N TYR A 597 10.28 -5.88 -13.14
CA TYR A 597 8.87 -5.74 -12.79
C TYR A 597 8.10 -4.91 -13.81
N GLN A 598 8.80 -4.17 -14.66
CA GLN A 598 8.17 -3.33 -15.68
C GLN A 598 7.86 -4.08 -16.95
N TRP A 599 8.36 -5.30 -17.11
CA TRP A 599 8.29 -5.96 -18.41
C TRP A 599 6.87 -6.37 -18.76
N HIS A 600 6.50 -6.16 -20.02
CA HIS A 600 5.29 -6.65 -20.64
C HIS A 600 5.66 -7.31 -21.96
N PRO A 601 4.97 -8.37 -22.35
CA PRO A 601 5.25 -9.01 -23.64
C PRO A 601 4.83 -8.09 -24.79
N PRO A 602 5.40 -8.29 -25.98
CA PRO A 602 4.91 -7.58 -27.16
C PRO A 602 3.61 -8.21 -27.67
N LEU A 603 2.96 -7.50 -28.56
CA LEU A 603 1.81 -8.08 -29.23
C LEU A 603 2.27 -9.07 -30.30
N PRO A 604 1.48 -10.12 -30.53
CA PRO A 604 1.80 -11.01 -31.67
C PRO A 604 1.65 -10.25 -32.97
N ASP A 605 2.47 -10.62 -33.94
CA ASP A 605 2.43 -9.96 -35.25
C ASP A 605 1.03 -10.09 -35.86
N ASN A 606 0.52 -8.97 -36.37
CA ASN A 606 -0.76 -8.90 -37.07
C ASN A 606 -1.97 -9.07 -36.15
N TYR A 607 -1.78 -9.11 -34.84
CA TYR A 607 -2.89 -9.30 -33.93
C TYR A 607 -3.85 -8.11 -34.02
N PRO A 608 -5.17 -8.35 -34.07
CA PRO A 608 -5.90 -9.62 -33.96
C PRO A 608 -6.36 -10.24 -35.28
N GLU A 609 -5.77 -9.80 -36.39
CA GLU A 609 -6.33 -10.11 -37.70
C GLU A 609 -6.22 -11.59 -38.04
N GLY A 610 -5.14 -12.24 -37.63
CA GLY A 610 -4.96 -13.66 -37.93
C GLY A 610 -5.54 -14.58 -36.88
N ILE A 611 -6.77 -15.04 -37.10
CA ILE A 611 -7.46 -15.92 -36.16
C ILE A 611 -8.29 -16.92 -36.94
N LEU B 1 35.22 5.18 27.60
CA LEU B 1 34.66 6.54 27.87
C LEU B 1 35.44 7.24 28.98
N ASP B 2 35.95 8.43 28.67
CA ASP B 2 36.65 9.26 29.63
C ASP B 2 35.93 9.31 30.98
N PRO B 3 36.65 9.15 32.10
CA PRO B 3 35.95 9.16 33.41
C PRO B 3 35.11 10.40 33.64
N GLY B 4 35.56 11.56 33.18
CA GLY B 4 34.79 12.79 33.36
C GLY B 4 33.47 12.79 32.61
N LEU B 5 33.32 11.93 31.60
CA LEU B 5 32.10 11.85 30.82
C LEU B 5 31.15 10.77 31.30
N GLN B 6 31.56 9.94 32.27
CA GLN B 6 30.76 8.84 32.75
C GLN B 6 29.76 9.31 33.80
N PRO B 7 28.60 8.66 33.89
CA PRO B 7 27.61 9.04 34.91
C PRO B 7 27.99 8.52 36.29
N GLY B 8 27.88 9.39 37.28
CA GLY B 8 28.01 8.98 38.66
C GLY B 8 26.70 8.46 39.20
N GLN B 9 26.40 8.76 40.46
CA GLN B 9 25.22 8.20 41.10
C GLN B 9 24.23 9.29 41.44
N PHE B 10 22.95 8.92 41.34
CA PHE B 10 21.84 9.83 41.56
C PHE B 10 20.76 9.05 42.27
N SER B 11 20.01 9.76 43.11
CA SER B 11 18.85 9.15 43.71
C SER B 11 17.83 8.79 42.64
N ALA B 12 17.00 7.80 42.95
CA ALA B 12 16.04 7.28 41.98
C ALA B 12 14.72 8.04 42.12
N ASP B 13 14.74 9.29 41.66
CA ASP B 13 13.60 10.16 41.86
C ASP B 13 13.84 11.46 41.08
N GLU B 14 12.81 12.33 41.09
CA GLU B 14 12.87 13.50 40.23
C GLU B 14 14.05 14.41 40.59
N ALA B 15 14.40 14.51 41.89
CA ALA B 15 15.42 15.47 42.28
C ALA B 15 16.82 15.04 41.83
N GLY B 16 17.07 13.74 41.72
CA GLY B 16 18.33 13.25 41.19
C GLY B 16 18.34 13.30 39.68
N ALA B 17 17.22 12.95 39.08
CA ALA B 17 17.01 13.13 37.64
C ALA B 17 17.46 14.52 37.19
N GLN B 18 17.10 15.55 37.97
CA GLN B 18 17.46 16.92 37.62
C GLN B 18 18.97 17.12 37.69
N LEU B 19 19.59 16.70 38.80
CA LEU B 19 21.05 16.69 38.87
C LEU B 19 21.65 15.78 37.80
N PHE B 20 20.96 14.68 37.49
CA PHE B 20 21.34 13.80 36.39
C PHE B 20 21.38 14.56 35.07
N ALA B 21 20.30 15.28 34.75
CA ALA B 21 20.25 16.02 33.50
C ALA B 21 21.34 17.09 33.47
N GLN B 22 21.53 17.81 34.57
CA GLN B 22 22.55 18.86 34.61
C GLN B 22 23.93 18.27 34.34
N SER B 23 24.25 17.14 34.99
CA SER B 23 25.53 16.50 34.76
C SER B 23 25.65 16.00 33.32
N TYR B 24 24.60 15.34 32.83
CA TYR B 24 24.54 14.94 31.42
C TYR B 24 24.84 16.11 30.51
N GLN B 25 24.05 17.19 30.65
CA GLN B 25 24.25 18.41 29.87
C GLN B 25 25.72 18.78 29.79
N SER B 26 26.40 18.77 30.93
CA SER B 26 27.81 19.16 30.96
C SER B 26 28.62 18.29 30.02
N SER B 27 28.48 16.97 30.13
CA SER B 27 29.29 16.08 29.31
C SER B 27 28.72 15.94 27.91
N ALA B 28 27.40 16.01 27.74
CA ALA B 28 26.81 15.83 26.42
C ALA B 28 27.29 16.90 25.44
N GLU B 29 27.48 18.13 25.91
CA GLU B 29 27.92 19.19 25.01
C GLU B 29 29.28 18.86 24.39
N GLN B 30 30.20 18.36 25.22
N GLN B 30 30.23 18.40 25.21
CA GLN B 30 31.52 18.00 24.73
CA GLN B 30 31.52 18.03 24.65
C GLN B 30 31.46 16.82 23.77
C GLN B 30 31.36 16.88 23.67
N VAL B 31 30.57 15.86 24.04
CA VAL B 31 30.42 14.70 23.17
C VAL B 31 29.73 15.10 21.88
N LEU B 32 28.69 15.92 21.96
CA LEU B 32 28.05 16.45 20.76
C LEU B 32 29.04 17.24 19.91
N PHE B 33 29.82 18.12 20.54
CA PHE B 33 30.75 18.95 19.77
C PHE B 33 31.74 18.09 18.98
N GLN B 34 32.41 17.13 19.63
CA GLN B 34 33.43 16.37 18.92
C GLN B 34 32.83 15.60 17.76
N SER B 35 31.57 15.16 17.90
CA SER B 35 30.91 14.44 16.83
C SER B 35 30.57 15.37 15.67
N VAL B 36 29.99 16.53 15.97
CA VAL B 36 29.66 17.47 14.91
C VAL B 36 30.93 17.95 14.22
N ALA B 37 31.98 18.23 15.00
CA ALA B 37 33.23 18.69 14.42
C ALA B 37 33.82 17.65 13.47
N ALA B 38 33.79 16.38 13.87
CA ALA B 38 34.32 15.33 13.01
C ALA B 38 33.47 15.16 11.75
N SER B 39 32.15 15.28 11.89
CA SER B 39 31.28 15.25 10.72
C SER B 39 31.55 16.44 9.80
N TRP B 40 31.75 17.63 10.38
CA TRP B 40 32.09 18.80 9.58
C TRP B 40 33.38 18.56 8.80
N ALA B 41 34.41 18.06 9.48
CA ALA B 41 35.69 17.83 8.82
C ALA B 41 35.55 16.86 7.65
N HIS B 42 34.67 15.87 7.78
CA HIS B 42 34.48 14.92 6.70
C HIS B 42 33.64 15.51 5.58
N ASP B 43 32.50 16.13 5.94
CA ASP B 43 31.57 16.61 4.93
C ASP B 43 32.12 17.77 4.11
N THR B 44 33.11 18.50 4.63
CA THR B 44 33.75 19.57 3.85
C THR B 44 35.06 19.12 3.22
N ASN B 45 35.37 17.84 3.25
CA ASN B 45 36.69 17.33 2.87
C ASN B 45 36.65 15.81 2.99
N ILE B 46 35.94 15.17 2.06
CA ILE B 46 35.69 13.73 2.14
C ILE B 46 37.01 13.00 1.87
N THR B 47 37.56 12.39 2.91
CA THR B 47 38.76 11.57 2.79
C THR B 47 38.58 10.32 3.64
N ALA B 48 39.32 9.27 3.28
CA ALA B 48 39.26 8.05 4.07
C ALA B 48 39.66 8.32 5.51
N GLU B 49 40.68 9.15 5.71
CA GLU B 49 41.11 9.50 7.07
C GLU B 49 40.03 10.28 7.82
N ASN B 50 39.38 11.22 7.15
CA ASN B 50 38.32 11.98 7.81
C ASN B 50 37.09 11.11 8.10
N ALA B 51 36.82 10.10 7.27
CA ALA B 51 35.74 9.18 7.59
C ALA B 51 36.08 8.32 8.80
N ARG B 52 37.35 7.92 8.92
CA ARG B 52 37.80 7.15 10.07
C ARG B 52 37.61 7.95 11.36
N ARG B 53 38.02 9.22 11.35
CA ARG B 53 37.84 10.06 12.53
C ARG B 53 36.38 10.25 12.87
N GLN B 54 35.54 10.44 11.85
CA GLN B 54 34.12 10.60 12.10
C GLN B 54 33.51 9.32 12.69
N GLU B 55 33.96 8.16 12.22
CA GLU B 55 33.44 6.91 12.78
C GLU B 55 33.90 6.72 14.22
N GLU B 56 35.14 7.11 14.54
CA GLU B 56 35.59 7.01 15.91
C GLU B 56 34.82 7.96 16.82
N ALA B 57 34.48 9.15 16.33
CA ALA B 57 33.66 10.06 17.13
C ALA B 57 32.24 9.52 17.30
N ALA B 58 31.69 8.89 16.26
CA ALA B 58 30.37 8.30 16.40
C ALA B 58 30.38 7.17 17.42
N LEU B 59 31.45 6.36 17.43
CA LEU B 59 31.59 5.30 18.43
C LEU B 59 31.67 5.88 19.84
N LEU B 60 32.41 6.99 20.00
CA LEU B 60 32.44 7.66 21.29
C LEU B 60 31.04 8.13 21.69
N SER B 61 30.28 8.70 20.74
CA SER B 61 28.93 9.15 21.07
C SER B 61 28.05 7.98 21.50
N GLN B 62 28.24 6.82 20.88
CA GLN B 62 27.47 5.63 21.26
C GLN B 62 27.85 5.15 22.66
N GLU B 63 29.14 5.18 22.99
CA GLU B 63 29.57 4.81 24.34
C GLU B 63 28.89 5.68 25.38
N PHE B 64 28.85 6.98 25.13
CA PHE B 64 28.22 7.94 26.04
C PHE B 64 26.73 7.67 26.17
N ALA B 65 26.06 7.50 25.04
CA ALA B 65 24.62 7.24 25.04
C ALA B 65 24.29 5.95 25.79
N GLU B 66 25.14 4.92 25.64
CA GLU B 66 24.93 3.68 26.36
C GLU B 66 25.08 3.88 27.86
N ALA B 67 26.17 4.52 28.29
CA ALA B 67 26.39 4.69 29.72
C ALA B 67 25.25 5.47 30.36
N TRP B 68 24.92 6.63 29.81
CA TRP B 68 23.87 7.46 30.41
C TRP B 68 22.49 6.86 30.16
N GLY B 69 22.27 6.29 28.98
CA GLY B 69 21.02 5.60 28.72
C GLY B 69 20.77 4.44 29.66
N GLN B 70 21.80 3.62 29.91
CA GLN B 70 21.63 2.50 30.83
C GLN B 70 21.48 2.97 32.26
N LYS B 71 22.14 4.09 32.62
CA LYS B 71 21.94 4.65 33.95
C LYS B 71 20.53 5.23 34.07
N ALA B 72 20.11 6.01 33.08
CA ALA B 72 18.75 6.56 33.09
C ALA B 72 17.71 5.46 33.28
N LYS B 73 17.94 4.30 32.65
CA LYS B 73 17.00 3.19 32.80
C LYS B 73 17.18 2.49 34.14
N GLU B 74 18.42 2.28 34.57
CA GLU B 74 18.67 1.66 35.86
C GLU B 74 17.90 2.35 36.97
N LEU B 75 17.91 3.68 36.98
CA LEU B 75 17.32 4.45 38.06
C LEU B 75 15.86 4.80 37.78
N TYR B 76 15.59 5.39 36.63
CA TYR B 76 14.37 6.16 36.42
C TYR B 76 13.38 5.47 35.51
N GLU B 77 13.61 4.19 35.18
CA GLU B 77 12.79 3.56 34.16
C GLU B 77 11.29 3.66 34.44
N PRO B 78 10.79 3.43 35.66
CA PRO B 78 9.34 3.40 35.87
C PRO B 78 8.81 4.63 36.59
N ILE B 79 9.55 5.73 36.56
CA ILE B 79 9.10 6.91 37.30
C ILE B 79 9.26 8.19 36.49
N TRP B 80 9.97 8.11 35.36
CA TRP B 80 10.25 9.32 34.61
C TRP B 80 9.03 9.86 33.89
N GLN B 81 8.06 9.00 33.56
CA GLN B 81 6.86 9.46 32.89
C GLN B 81 5.93 10.24 33.81
N GLN B 82 6.12 10.09 35.11
CA GLN B 82 5.31 10.76 36.11
C GLN B 82 5.99 11.97 36.73
N PHE B 83 7.22 12.30 36.30
CA PHE B 83 7.87 13.51 36.79
C PHE B 83 6.95 14.71 36.62
N THR B 84 7.01 15.63 37.57
CA THR B 84 6.21 16.85 37.54
C THR B 84 6.82 17.92 36.64
N ASP B 85 8.13 17.85 36.35
CA ASP B 85 8.77 18.82 35.47
C ASP B 85 8.64 18.35 34.03
N PRO B 86 7.86 19.02 33.18
CA PRO B 86 7.67 18.50 31.82
C PRO B 86 8.93 18.55 30.97
N GLN B 87 9.77 19.57 31.14
CA GLN B 87 11.02 19.61 30.39
C GLN B 87 11.92 18.46 30.80
N LEU B 88 11.95 18.16 32.10
CA LEU B 88 12.77 17.07 32.62
C LEU B 88 12.33 15.72 32.03
N ARG B 89 11.02 15.46 31.95
CA ARG B 89 10.60 14.25 31.24
C ARG B 89 11.14 14.26 29.82
N ARG B 90 10.97 15.38 29.11
CA ARG B 90 11.46 15.45 27.73
C ARG B 90 12.95 15.14 27.68
N ILE B 91 13.73 15.67 28.63
CA ILE B 91 15.15 15.38 28.65
C ILE B 91 15.38 13.90 28.92
N ILE B 92 14.65 13.33 29.89
CA ILE B 92 14.90 11.96 30.29
C ILE B 92 14.48 10.97 29.21
N GLY B 93 13.27 11.16 28.67
CA GLY B 93 12.80 10.25 27.65
C GLY B 93 13.76 10.13 26.48
N ALA B 94 14.43 11.23 26.15
CA ALA B 94 15.43 11.22 25.09
C ALA B 94 16.66 10.41 25.51
N VAL B 95 17.23 10.72 26.69
CA VAL B 95 18.43 10.03 27.14
C VAL B 95 18.21 8.52 27.18
N ARG B 96 17.00 8.10 27.55
CA ARG B 96 16.66 6.70 27.70
C ARG B 96 16.50 5.96 26.38
N THR B 97 16.44 6.66 25.25
CA THR B 97 16.34 6.02 23.95
C THR B 97 17.75 5.85 23.41
N LEU B 98 18.24 4.61 23.36
CA LEU B 98 19.65 4.40 23.07
C LEU B 98 19.93 4.34 21.56
N GLY B 99 18.94 3.96 20.76
CA GLY B 99 19.14 3.91 19.32
C GLY B 99 20.27 2.96 18.96
N SER B 100 21.16 3.42 18.07
CA SER B 100 22.26 2.60 17.60
C SER B 100 23.17 2.14 18.73
N ALA B 101 23.12 2.80 19.89
CA ALA B 101 23.93 2.37 21.02
C ALA B 101 23.43 1.08 21.65
N ASN B 102 22.25 0.59 21.23
CA ASN B 102 21.80 -0.73 21.65
C ASN B 102 22.57 -1.84 20.94
N LEU B 103 23.20 -1.53 19.81
CA LEU B 103 23.91 -2.54 19.06
C LEU B 103 25.18 -2.95 19.80
N PRO B 104 25.58 -4.21 19.72
CA PRO B 104 26.90 -4.59 20.22
C PRO B 104 28.00 -3.92 19.40
N LEU B 105 29.18 -3.83 20.01
CA LEU B 105 30.27 -3.05 19.44
C LEU B 105 30.49 -3.35 17.97
N ALA B 106 30.62 -4.64 17.61
CA ALA B 106 30.90 -4.98 16.22
C ALA B 106 29.81 -4.46 15.29
N LYS B 107 28.55 -4.50 15.73
CA LYS B 107 27.49 -3.99 14.88
C LYS B 107 27.44 -2.47 14.89
N ARG B 108 27.82 -1.83 16.00
CA ARG B 108 27.97 -0.38 15.98
C ARG B 108 28.97 0.05 14.92
N GLN B 109 30.09 -0.66 14.85
CA GLN B 109 31.12 -0.31 13.87
C GLN B 109 30.63 -0.54 12.45
N GLN B 110 29.93 -1.65 12.23
N GLN B 110 29.90 -1.63 12.23
CA GLN B 110 29.29 -1.88 10.93
CA GLN B 110 29.30 -1.88 10.92
C GLN B 110 28.35 -0.73 10.59
C GLN B 110 28.31 -0.78 10.56
N TYR B 111 27.48 -0.38 11.53
CA TYR B 111 26.49 0.67 11.30
C TYR B 111 27.17 2.00 10.95
N ASN B 112 28.15 2.41 11.75
CA ASN B 112 28.84 3.67 11.49
C ASN B 112 29.54 3.66 10.14
N ALA B 113 30.14 2.52 9.77
CA ALA B 113 30.82 2.43 8.49
C ALA B 113 29.84 2.47 7.33
N LEU B 114 28.67 1.86 7.49
CA LEU B 114 27.67 1.92 6.42
C LEU B 114 27.25 3.36 6.16
N LEU B 115 27.02 4.14 7.22
CA LEU B 115 26.64 5.53 7.03
C LEU B 115 27.74 6.30 6.32
N SER B 116 29.01 6.07 6.69
N SER B 116 29.01 6.09 6.72
CA SER B 116 30.09 6.78 6.03
CA SER B 116 30.12 6.74 6.05
C SER B 116 30.19 6.40 4.55
C SER B 116 30.15 6.40 4.56
N GLN B 117 30.04 5.11 4.24
CA GLN B 117 30.18 4.67 2.86
C GLN B 117 29.00 5.13 2.01
N MET B 118 27.78 5.08 2.55
CA MET B 118 26.63 5.60 1.79
C MET B 118 26.81 7.09 1.51
N SER B 119 27.27 7.85 2.50
CA SER B 119 27.49 9.28 2.30
C SER B 119 28.53 9.53 1.22
N ARG B 120 29.65 8.79 1.26
CA ARG B 120 30.67 8.96 0.24
C ARG B 120 30.14 8.64 -1.14
N ILE B 121 29.37 7.56 -1.28
CA ILE B 121 28.88 7.16 -2.59
C ILE B 121 27.99 8.23 -3.18
N TYR B 122 27.06 8.75 -2.38
CA TYR B 122 26.13 9.75 -2.91
C TYR B 122 26.86 11.02 -3.31
N SER B 123 27.78 11.49 -2.47
CA SER B 123 28.33 12.82 -2.67
C SER B 123 29.56 12.85 -3.57
N THR B 124 30.10 11.69 -3.95
CA THR B 124 31.20 11.63 -4.92
C THR B 124 30.83 10.96 -6.23
N ALA B 125 29.60 10.47 -6.38
CA ALA B 125 29.19 9.84 -7.63
C ALA B 125 29.27 10.86 -8.77
N LYS B 126 29.62 10.37 -9.96
CA LYS B 126 29.76 11.23 -11.13
C LYS B 126 29.20 10.53 -12.35
N VAL B 127 28.83 11.34 -13.34
CA VAL B 127 28.39 10.85 -14.64
C VAL B 127 29.48 11.21 -15.64
N CYS B 128 29.98 10.21 -16.35
CA CYS B 128 31.07 10.38 -17.31
C CYS B 128 30.57 10.16 -18.73
N LEU B 129 31.30 10.70 -19.69
CA LEU B 129 30.86 10.69 -21.09
C LEU B 129 31.46 9.55 -21.90
N THR B 133 35.16 12.11 -23.03
CA THR B 133 34.94 10.70 -22.76
C THR B 133 35.86 10.26 -21.61
N ALA B 134 36.68 11.21 -21.14
CA ALA B 134 37.37 11.10 -19.86
C ALA B 134 36.83 12.10 -18.84
N THR B 135 35.92 12.99 -19.24
CA THR B 135 35.35 14.04 -18.42
C THR B 135 34.11 13.54 -17.69
N CYS B 136 33.91 14.05 -16.47
CA CYS B 136 32.81 13.58 -15.64
C CYS B 136 32.10 14.75 -14.95
N TRP B 137 30.78 14.63 -14.85
CA TRP B 137 29.92 15.65 -14.29
C TRP B 137 29.50 15.26 -12.88
N SER B 138 29.53 16.23 -11.97
CA SER B 138 29.03 16.05 -10.62
C SER B 138 27.55 16.46 -10.57
N LEU B 139 26.87 16.01 -9.51
CA LEU B 139 25.47 16.40 -9.33
C LEU B 139 25.34 17.92 -9.20
N ASP B 140 26.12 18.52 -8.31
CA ASP B 140 26.08 19.96 -8.02
C ASP B 140 27.49 20.48 -8.34
N PRO B 141 27.67 21.34 -9.37
CA PRO B 141 26.62 21.99 -10.17
C PRO B 141 26.25 21.41 -11.53
N ASP B 142 27.03 20.47 -12.07
CA ASP B 142 26.92 20.14 -13.49
C ASP B 142 25.54 19.56 -13.83
N LEU B 143 25.15 18.45 -13.19
CA LEU B 143 23.89 17.81 -13.56
C LEU B 143 22.70 18.68 -13.16
N THR B 144 22.80 19.39 -12.03
CA THR B 144 21.74 20.29 -11.61
C THR B 144 21.48 21.35 -12.69
N ASN B 145 22.54 21.94 -13.22
CA ASN B 145 22.37 22.97 -14.25
C ASN B 145 21.78 22.39 -15.53
N ILE B 146 22.13 21.15 -15.88
CA ILE B 146 21.54 20.53 -17.06
C ILE B 146 20.05 20.32 -16.87
N LEU B 147 19.65 19.78 -15.71
CA LEU B 147 18.23 19.54 -15.47
C LEU B 147 17.44 20.84 -15.46
N ALA B 148 18.08 21.93 -15.06
CA ALA B 148 17.37 23.20 -14.92
C ALA B 148 17.29 24.00 -16.22
N SER B 149 18.28 23.87 -17.10
N SER B 149 18.27 23.84 -17.11
CA SER B 149 18.35 24.75 -18.25
CA SER B 149 18.43 24.76 -18.24
C SER B 149 18.28 24.03 -19.60
C SER B 149 18.51 24.09 -19.61
N SER B 150 18.74 22.78 -19.70
CA SER B 150 18.62 22.08 -20.95
C SER B 150 17.14 21.82 -21.24
N ARG B 151 16.76 21.95 -22.52
CA ARG B 151 15.44 21.55 -23.00
C ARG B 151 15.58 20.50 -24.09
N SER B 152 16.73 19.83 -24.12
CA SER B 152 16.96 18.73 -25.05
C SER B 152 16.50 17.45 -24.36
N TYR B 153 15.47 16.81 -24.92
CA TYR B 153 14.96 15.58 -24.33
C TYR B 153 16.09 14.58 -24.09
N ALA B 154 16.98 14.43 -25.08
CA ALA B 154 18.02 13.41 -25.00
C ALA B 154 19.10 13.78 -23.99
N MET B 155 19.47 15.07 -23.92
CA MET B 155 20.47 15.49 -22.94
C MET B 155 19.93 15.38 -21.52
N LEU B 156 18.68 15.79 -21.32
CA LEU B 156 18.05 15.61 -20.02
C LEU B 156 18.02 14.15 -19.63
N LEU B 157 17.73 13.28 -20.60
CA LEU B 157 17.68 11.85 -20.32
C LEU B 157 19.04 11.32 -19.90
N PHE B 158 20.09 11.71 -20.63
CA PHE B 158 21.43 11.29 -20.28
C PHE B 158 21.78 11.66 -18.84
N ALA B 159 21.46 12.89 -18.43
CA ALA B 159 21.79 13.32 -17.08
C ALA B 159 20.95 12.57 -16.05
N TRP B 160 19.65 12.41 -16.30
CA TRP B 160 18.77 11.74 -15.34
C TRP B 160 19.17 10.28 -15.15
N GLU B 161 19.34 9.55 -16.25
CA GLU B 161 19.70 8.15 -16.17
C GLU B 161 21.10 7.98 -15.58
N GLY B 162 22.05 8.77 -16.07
CA GLY B 162 23.40 8.69 -15.56
C GLY B 162 23.45 8.87 -14.05
N TRP B 163 22.74 9.89 -13.55
CA TRP B 163 22.76 10.16 -12.12
C TRP B 163 22.10 9.02 -11.34
N HIS B 164 20.90 8.61 -11.74
CA HIS B 164 20.20 7.56 -10.99
C HIS B 164 20.98 6.25 -11.01
N ASN B 165 21.63 5.93 -12.13
CA ASN B 165 22.43 4.70 -12.19
C ASN B 165 23.70 4.82 -11.35
N ALA B 166 24.38 5.98 -11.42
CA ALA B 166 25.66 6.13 -10.75
C ALA B 166 25.52 6.13 -9.24
N ALA B 167 24.47 6.78 -8.72
CA ALA B 167 24.30 6.87 -7.28
C ALA B 167 23.51 5.69 -6.72
N GLY B 168 22.44 5.28 -7.38
CA GLY B 168 21.52 4.32 -6.79
C GLY B 168 22.06 2.91 -6.78
N ILE B 169 22.61 2.44 -7.90
CA ILE B 169 22.96 1.03 -8.01
C ILE B 169 23.96 0.60 -6.94
N PRO B 170 25.07 1.30 -6.72
CA PRO B 170 26.03 0.85 -5.69
C PRO B 170 25.50 0.98 -4.27
N LEU B 171 24.48 1.80 -4.06
CA LEU B 171 23.97 2.02 -2.72
C LEU B 171 23.09 0.88 -2.22
N LYS B 172 22.48 0.11 -3.12
CA LYS B 172 21.41 -0.79 -2.69
C LYS B 172 21.88 -1.82 -1.68
N PRO B 173 22.99 -2.54 -1.88
CA PRO B 173 23.39 -3.53 -0.85
C PRO B 173 23.69 -2.90 0.50
N LEU B 174 24.26 -1.69 0.54
CA LEU B 174 24.52 -1.04 1.81
C LEU B 174 23.22 -0.63 2.50
N TYR B 175 22.27 -0.11 1.73
CA TYR B 175 21.02 0.37 2.31
C TYR B 175 20.24 -0.79 2.92
N GLU B 176 20.27 -1.97 2.30
N GLU B 176 20.28 -1.95 2.30
CA GLU B 176 19.65 -3.14 2.91
CA GLU B 176 19.66 -3.14 2.88
C GLU B 176 20.26 -3.44 4.27
C GLU B 176 20.26 -3.43 4.25
N ASP B 177 21.60 -3.43 4.35
CA ASP B 177 22.27 -3.75 5.60
C ASP B 177 22.02 -2.68 6.65
N PHE B 178 22.00 -1.41 6.24
CA PHE B 178 21.70 -0.33 7.17
C PHE B 178 20.30 -0.51 7.76
N THR B 179 19.32 -0.78 6.90
CA THR B 179 17.94 -0.92 7.35
C THR B 179 17.83 -1.99 8.44
N ALA B 180 18.45 -3.14 8.20
CA ALA B 180 18.39 -4.23 9.19
C ALA B 180 19.00 -3.81 10.52
N LEU B 181 20.18 -3.18 10.48
CA LEU B 181 20.81 -2.80 11.74
C LEU B 181 20.03 -1.69 12.45
N SER B 182 19.52 -0.71 11.70
CA SER B 182 18.73 0.34 12.32
C SER B 182 17.52 -0.24 13.05
N ASN B 183 16.79 -1.13 12.38
CA ASN B 183 15.65 -1.77 13.01
C ASN B 183 16.07 -2.57 14.24
N GLU B 184 17.16 -3.33 14.14
CA GLU B 184 17.63 -4.09 15.30
C GLU B 184 17.88 -3.17 16.48
N ALA B 185 18.43 -1.99 16.21
CA ALA B 185 18.75 -1.04 17.27
C ALA B 185 17.49 -0.48 17.92
N TYR B 186 16.53 0.01 17.12
CA TYR B 186 15.37 0.67 17.71
C TYR B 186 14.35 -0.31 18.28
N LYS B 187 14.33 -1.55 17.80
CA LYS B 187 13.49 -2.55 18.44
C LYS B 187 13.86 -2.73 19.90
N GLN B 188 15.13 -2.57 20.25
CA GLN B 188 15.55 -2.63 21.65
C GLN B 188 15.10 -1.42 22.45
N ASP B 189 14.66 -0.35 21.81
CA ASP B 189 14.08 0.77 22.56
C ASP B 189 12.57 0.61 22.69
N GLY B 190 11.98 -0.44 22.12
CA GLY B 190 10.56 -0.68 22.21
C GLY B 190 9.75 -0.31 21.00
N PHE B 191 10.39 0.10 19.91
CA PHE B 191 9.67 0.47 18.71
C PHE B 191 9.60 -0.72 17.75
N THR B 192 8.49 -0.81 17.04
CA THR B 192 8.30 -1.92 16.13
C THR B 192 9.30 -1.89 14.98
N ASP B 193 9.72 -0.69 14.56
CA ASP B 193 10.74 -0.50 13.54
C ASP B 193 11.19 0.96 13.59
N THR B 194 12.22 1.29 12.81
CA THR B 194 12.81 2.63 12.89
C THR B 194 11.80 3.71 12.49
N GLY B 195 10.93 3.41 11.52
CA GLY B 195 9.94 4.40 11.11
C GLY B 195 9.00 4.77 12.23
N ALA B 196 8.63 3.79 13.07
CA ALA B 196 7.77 4.08 14.20
C ALA B 196 8.45 5.05 15.15
N TYR B 197 9.77 4.90 15.34
CA TYR B 197 10.52 5.84 16.14
C TYR B 197 10.51 7.23 15.51
N TRP B 198 10.77 7.31 14.21
CA TRP B 198 10.77 8.61 13.54
C TRP B 198 9.41 9.30 13.68
N ARG B 199 8.34 8.56 13.48
CA ARG B 199 7.01 9.16 13.58
C ARG B 199 6.69 9.58 15.01
N SER B 200 7.32 8.97 16.01
CA SER B 200 7.00 9.29 17.40
C SER B 200 7.38 10.72 17.75
N TRP B 201 8.26 11.35 16.97
CA TRP B 201 8.66 12.71 17.25
C TRP B 201 7.52 13.72 17.13
N TYR B 202 6.41 13.34 16.49
CA TYR B 202 5.28 14.24 16.32
C TYR B 202 4.23 14.03 17.40
N ASN B 203 4.44 13.04 18.27
CA ASN B 203 3.61 12.83 19.44
C ASN B 203 2.13 13.00 19.12
N SER B 204 1.70 12.26 18.12
CA SER B 204 0.33 12.36 17.62
C SER B 204 -0.15 10.95 17.26
N PRO B 205 -1.07 10.38 18.03
CA PRO B 205 -1.52 9.01 17.71
C PRO B 205 -2.20 8.90 16.36
N THR B 206 -2.70 10.00 15.80
CA THR B 206 -3.36 9.98 14.50
C THR B 206 -2.52 10.61 13.40
N PHE B 207 -1.19 10.64 13.58
CA PHE B 207 -0.30 11.33 12.63
C PHE B 207 -0.56 10.91 11.19
N GLU B 208 -0.50 9.61 10.92
CA GLU B 208 -0.63 9.16 9.53
C GLU B 208 -1.99 9.49 8.95
N ASP B 209 -3.07 9.31 9.72
CA ASP B 209 -4.38 9.71 9.24
C ASP B 209 -4.45 11.21 9.04
N ASP B 210 -3.87 11.99 9.95
CA ASP B 210 -3.93 13.45 9.82
C ASP B 210 -3.21 13.91 8.55
N LEU B 211 -2.06 13.30 8.24
CA LEU B 211 -1.37 13.63 6.99
C LEU B 211 -2.21 13.28 5.78
N GLU B 212 -2.85 12.11 5.80
CA GLU B 212 -3.67 11.70 4.68
C GLU B 212 -4.82 12.67 4.45
N HIS B 213 -5.44 13.15 5.53
N HIS B 213 -5.44 13.15 5.52
CA HIS B 213 -6.53 14.11 5.41
CA HIS B 213 -6.53 14.10 5.37
C HIS B 213 -6.05 15.43 4.83
C HIS B 213 -6.03 15.43 4.81
N LEU B 214 -4.83 15.85 5.19
CA LEU B 214 -4.26 17.06 4.61
C LEU B 214 -4.04 16.87 3.13
N TYR B 215 -3.43 15.74 2.74
CA TYR B 215 -3.15 15.53 1.33
C TYR B 215 -4.44 15.49 0.51
N GLN B 216 -5.51 14.93 1.09
CA GLN B 216 -6.79 14.91 0.37
C GLN B 216 -7.23 16.31 -0.01
N GLN B 217 -6.97 17.29 0.84
CA GLN B 217 -7.38 18.66 0.54
C GLN B 217 -6.50 19.31 -0.50
N LEU B 218 -5.24 18.89 -0.58
CA LEU B 218 -4.26 19.52 -1.45
C LEU B 218 -4.21 18.88 -2.82
N GLU B 219 -4.60 17.61 -2.93
CA GLU B 219 -4.44 16.89 -4.19
C GLU B 219 -5.09 17.58 -5.38
N PRO B 220 -6.30 18.13 -5.27
CA PRO B 220 -6.89 18.78 -6.45
C PRO B 220 -6.06 19.93 -6.98
N LEU B 221 -5.39 20.68 -6.10
CA LEU B 221 -4.51 21.75 -6.54
C LEU B 221 -3.36 21.17 -7.37
N TYR B 222 -2.74 20.09 -6.86
CA TYR B 222 -1.66 19.46 -7.61
C TYR B 222 -2.16 18.90 -8.94
N LEU B 223 -3.32 18.25 -8.95
CA LEU B 223 -3.78 17.63 -10.19
C LEU B 223 -3.99 18.68 -11.27
N ASN B 224 -4.47 19.87 -10.89
CA ASN B 224 -4.69 20.90 -11.89
C ASN B 224 -3.38 21.55 -12.33
N LEU B 225 -2.44 21.76 -11.40
CA LEU B 225 -1.13 22.26 -11.82
C LEU B 225 -0.47 21.28 -12.76
N HIS B 226 -0.51 19.98 -12.42
CA HIS B 226 0.06 18.93 -13.24
C HIS B 226 -0.50 18.95 -14.66
N ALA B 227 -1.82 19.04 -14.80
CA ALA B 227 -2.43 19.00 -16.13
C ALA B 227 -2.01 20.19 -16.97
N PHE B 228 -1.96 21.38 -16.37
CA PHE B 228 -1.58 22.60 -17.07
C PHE B 228 -0.13 22.53 -17.53
N VAL B 229 0.76 22.07 -16.65
CA VAL B 229 2.18 21.94 -16.99
C VAL B 229 2.37 20.87 -18.06
N ARG B 230 1.68 19.73 -17.93
CA ARG B 230 1.78 18.70 -18.95
C ARG B 230 1.43 19.25 -20.33
N ARG B 231 0.38 20.08 -20.40
CA ARG B 231 0.02 20.71 -21.67
C ARG B 231 1.13 21.60 -22.19
N ALA B 232 1.77 22.38 -21.31
CA ALA B 232 2.87 23.25 -21.74
C ALA B 232 4.04 22.44 -22.26
N LEU B 233 4.36 21.32 -21.61
CA LEU B 233 5.44 20.45 -22.07
C LEU B 233 5.10 19.82 -23.42
N HIS B 234 3.84 19.43 -23.61
CA HIS B 234 3.42 18.85 -24.87
C HIS B 234 3.64 19.82 -26.02
N ARG B 235 3.36 21.11 -25.78
CA ARG B 235 3.54 22.11 -26.84
C ARG B 235 5.01 22.24 -27.25
N ARG B 236 5.95 21.90 -26.36
CA ARG B 236 7.37 21.96 -26.71
C ARG B 236 7.94 20.62 -27.18
N TYR B 237 7.64 19.54 -26.46
CA TYR B 237 8.29 18.27 -26.76
C TYR B 237 7.50 17.39 -27.72
N GLY B 238 6.20 17.62 -27.87
CA GLY B 238 5.43 16.94 -28.88
C GLY B 238 4.73 15.69 -28.37
N ASP B 239 3.88 15.13 -29.23
CA ASP B 239 3.01 14.03 -28.86
C ASP B 239 3.76 12.71 -28.67
N ARG B 240 5.01 12.62 -29.13
CA ARG B 240 5.79 11.41 -28.97
C ARG B 240 6.34 11.28 -27.55
N TYR B 241 6.77 12.39 -26.95
CA TYR B 241 7.41 12.36 -25.64
C TYR B 241 6.48 12.78 -24.51
N ILE B 242 5.33 13.39 -24.80
CA ILE B 242 4.36 13.80 -23.79
C ILE B 242 3.02 13.16 -24.13
N ASN B 243 2.45 12.44 -23.17
CA ASN B 243 1.12 11.82 -23.28
C ASN B 243 0.16 12.66 -22.45
N LEU B 244 -0.79 13.32 -23.13
CA LEU B 244 -1.72 14.20 -22.44
C LEU B 244 -2.65 13.48 -21.48
N ARG B 245 -2.65 12.14 -21.48
CA ARG B 245 -3.44 11.38 -20.52
C ARG B 245 -2.57 10.44 -19.70
N GLY B 246 -1.24 10.62 -19.74
CA GLY B 246 -0.33 9.76 -19.01
C GLY B 246 0.57 10.55 -18.07
N PRO B 247 1.41 9.83 -17.32
CA PRO B 247 2.35 10.51 -16.42
C PRO B 247 3.37 11.31 -17.21
N ILE B 248 3.92 12.34 -16.58
CA ILE B 248 4.95 13.17 -17.21
C ILE B 248 6.31 12.47 -17.06
N PRO B 249 7.10 12.36 -18.12
CA PRO B 249 8.47 11.82 -17.98
C PRO B 249 9.25 12.59 -16.93
N ALA B 250 9.95 11.85 -16.06
CA ALA B 250 10.42 12.38 -14.79
C ALA B 250 11.61 13.34 -14.91
N HIS B 251 12.15 13.53 -16.11
CA HIS B 251 13.34 14.36 -16.30
C HIS B 251 13.05 15.71 -16.93
N LEU B 252 11.77 16.04 -17.13
CA LEU B 252 11.39 17.20 -17.92
C LEU B 252 10.88 18.38 -17.09
N LEU B 253 11.00 18.31 -15.77
CA LEU B 253 10.33 19.29 -14.90
C LEU B 253 11.31 20.23 -14.19
N GLY B 254 12.58 20.23 -14.59
CA GLY B 254 13.53 21.24 -14.14
C GLY B 254 14.44 20.81 -13.02
N ASP B 255 14.30 19.59 -12.53
CA ASP B 255 14.84 19.18 -11.23
C ASP B 255 15.09 17.68 -11.30
N MET B 256 16.23 17.24 -10.74
CA MET B 256 16.59 15.83 -10.86
C MET B 256 15.52 14.91 -10.31
N TRP B 257 14.76 15.35 -9.29
CA TRP B 257 13.73 14.52 -8.64
C TRP B 257 12.33 14.96 -9.00
N ALA B 258 12.20 15.90 -9.94
CA ALA B 258 10.88 16.44 -10.31
C ALA B 258 10.14 16.98 -9.09
N GLN B 259 10.88 17.45 -8.09
CA GLN B 259 10.27 17.81 -6.81
C GLN B 259 9.90 19.28 -6.71
N SER B 260 10.56 20.15 -7.47
N SER B 260 10.53 20.14 -7.48
CA SER B 260 10.18 21.55 -7.63
CA SER B 260 10.12 21.53 -7.63
C SER B 260 10.25 21.85 -9.12
C SER B 260 10.27 21.89 -9.10
N TRP B 261 9.28 22.60 -9.63
CA TRP B 261 9.18 22.83 -11.06
C TRP B 261 9.47 24.28 -11.43
N GLU B 262 10.06 25.03 -10.52
N GLU B 262 10.07 25.06 -10.54
CA GLU B 262 10.34 26.45 -10.75
CA GLU B 262 10.23 26.47 -10.84
C GLU B 262 11.15 26.67 -12.02
C GLU B 262 11.18 26.71 -12.02
N ASN B 263 12.05 25.76 -12.36
CA ASN B 263 12.95 25.99 -13.48
C ASN B 263 12.28 25.95 -14.85
N ILE B 264 11.06 25.44 -14.97
CA ILE B 264 10.34 25.49 -16.23
C ILE B 264 9.33 26.63 -16.29
N TYR B 265 9.40 27.55 -15.33
CA TYR B 265 8.48 28.70 -15.31
C TYR B 265 8.35 29.37 -16.66
N ASP B 266 9.46 29.53 -17.40
CA ASP B 266 9.37 30.30 -18.65
C ASP B 266 8.47 29.60 -19.67
N MET B 267 8.35 28.27 -19.58
CA MET B 267 7.48 27.53 -20.49
C MET B 267 6.02 27.56 -20.07
N VAL B 268 5.74 27.88 -18.81
CA VAL B 268 4.38 27.79 -18.29
C VAL B 268 3.78 29.14 -17.93
N VAL B 269 4.59 30.20 -17.87
CA VAL B 269 4.10 31.49 -17.40
C VAL B 269 2.88 31.94 -18.20
N PRO B 270 1.76 32.23 -17.54
CA PRO B 270 0.53 32.55 -18.28
C PRO B 270 0.58 33.84 -19.08
N PHE B 271 1.22 34.89 -18.55
CA PHE B 271 1.18 36.22 -19.17
C PHE B 271 2.60 36.75 -19.28
N PRO B 272 3.33 36.33 -20.32
CA PRO B 272 4.75 36.70 -20.41
C PRO B 272 5.02 38.17 -20.71
N ASP B 273 4.00 38.99 -20.99
CA ASP B 273 4.22 40.42 -21.22
C ASP B 273 4.31 41.22 -19.93
N LYS B 274 4.06 40.59 -18.78
CA LYS B 274 4.20 41.21 -17.48
C LYS B 274 5.64 41.08 -16.99
N PRO B 275 5.97 41.69 -15.86
CA PRO B 275 7.37 41.63 -15.40
C PRO B 275 7.85 40.19 -15.25
N ASN B 276 9.12 39.97 -15.56
CA ASN B 276 9.71 38.64 -15.43
C ASN B 276 10.01 38.38 -13.95
N LEU B 277 9.25 37.46 -13.35
CA LEU B 277 9.32 37.22 -11.92
C LEU B 277 10.47 36.30 -11.50
N ASP B 278 11.15 35.69 -12.46
CA ASP B 278 12.35 34.91 -12.18
C ASP B 278 13.54 35.85 -12.32
N VAL B 279 14.14 36.25 -11.21
CA VAL B 279 15.14 37.32 -11.25
C VAL B 279 16.55 36.76 -11.34
N THR B 280 16.69 35.47 -11.64
CA THR B 280 18.02 34.90 -11.77
C THR B 280 18.89 35.70 -12.76
N SER B 281 18.35 36.00 -13.95
CA SER B 281 19.18 36.70 -14.93
C SER B 281 19.61 38.07 -14.42
N THR B 282 18.77 38.72 -13.62
CA THR B 282 19.12 40.01 -13.03
C THR B 282 20.20 39.86 -11.97
N MET B 283 20.12 38.82 -11.13
CA MET B 283 21.20 38.54 -10.19
C MET B 283 22.52 38.32 -10.92
N LEU B 284 22.48 37.57 -12.02
CA LEU B 284 23.68 37.37 -12.83
C LEU B 284 24.14 38.67 -13.47
N GLN B 285 23.20 39.44 -14.03
CA GLN B 285 23.58 40.72 -14.66
C GLN B 285 24.21 41.66 -13.64
N GLN B 286 23.75 41.62 -12.39
CA GLN B 286 24.24 42.52 -11.34
C GLN B 286 25.48 42.00 -10.62
N GLY B 287 25.92 40.78 -10.89
CA GLY B 287 27.13 40.28 -10.25
C GLY B 287 26.97 39.77 -8.84
N TRP B 288 25.79 39.27 -8.49
CA TRP B 288 25.62 38.66 -7.17
C TRP B 288 26.56 37.48 -7.01
N GLN B 289 27.06 37.30 -5.79
CA GLN B 289 27.86 36.15 -5.40
C GLN B 289 27.25 35.53 -4.17
N ALA B 290 27.77 34.36 -3.77
CA ALA B 290 27.22 33.69 -2.60
C ALA B 290 27.21 34.60 -1.38
N THR B 291 28.30 35.34 -1.15
CA THR B 291 28.36 36.13 0.08
C THR B 291 27.27 37.19 0.10
N HIS B 292 26.94 37.79 -1.06
CA HIS B 292 25.85 38.75 -1.09
C HIS B 292 24.53 38.10 -0.70
N MET B 293 24.28 36.90 -1.23
CA MET B 293 23.03 36.20 -0.94
C MET B 293 22.89 35.96 0.57
N PHE B 294 23.98 35.54 1.23
CA PHE B 294 23.91 35.31 2.67
C PHE B 294 23.74 36.61 3.44
N ARG B 295 24.38 37.69 2.98
CA ARG B 295 24.23 38.98 3.67
C ARG B 295 22.82 39.53 3.51
N VAL B 296 22.21 39.35 2.34
CA VAL B 296 20.85 39.83 2.13
C VAL B 296 19.88 39.04 2.99
N ALA B 297 20.06 37.73 3.10
CA ALA B 297 19.21 36.93 3.99
C ALA B 297 19.37 37.38 5.43
N GLU B 298 20.62 37.57 5.88
CA GLU B 298 20.87 38.03 7.23
C GLU B 298 20.13 39.32 7.52
N GLU B 299 20.12 40.25 6.57
CA GLU B 299 19.54 41.56 6.86
C GLU B 299 18.02 41.46 6.98
N PHE B 300 17.38 40.51 6.30
CA PHE B 300 15.97 40.29 6.56
C PHE B 300 15.76 39.88 8.01
N PHE B 301 16.61 38.99 8.53
CA PHE B 301 16.50 38.58 9.92
C PHE B 301 16.68 39.76 10.88
N THR B 302 17.69 40.60 10.63
CA THR B 302 17.89 41.72 11.54
C THR B 302 16.82 42.79 11.39
N SER B 303 16.15 42.87 10.22
CA SER B 303 15.05 43.80 10.06
C SER B 303 13.90 43.46 10.99
N LEU B 304 13.77 42.18 11.34
CA LEU B 304 12.77 41.72 12.30
C LEU B 304 13.28 41.82 13.74
N GLU B 305 14.49 42.34 13.93
CA GLU B 305 15.14 42.38 15.25
C GLU B 305 15.43 40.99 15.78
N LEU B 306 15.66 40.03 14.88
CA LEU B 306 16.26 38.76 15.24
C LEU B 306 17.79 38.90 15.10
N SER B 307 18.53 37.82 15.42
CA SER B 307 19.97 37.99 15.57
C SER B 307 20.69 37.97 14.22
N PRO B 308 21.75 38.76 14.06
CA PRO B 308 22.64 38.58 12.91
C PRO B 308 23.43 37.28 13.06
N MET B 309 24.12 36.90 11.99
CA MET B 309 25.02 35.76 12.06
C MET B 309 26.29 36.15 12.81
N PRO B 310 26.77 35.33 13.75
CA PRO B 310 27.96 35.71 14.52
C PRO B 310 29.24 35.59 13.71
N PRO B 311 30.33 36.22 14.16
CA PRO B 311 31.61 36.07 13.43
C PRO B 311 31.98 34.62 13.17
N GLU B 312 31.74 33.74 14.15
CA GLU B 312 32.07 32.34 14.01
C GLU B 312 31.40 31.72 12.80
N PHE B 313 30.18 32.18 12.48
CA PHE B 313 29.47 31.70 11.30
C PHE B 313 30.19 32.10 10.02
N TRP B 314 30.60 33.38 9.94
CA TRP B 314 31.26 33.85 8.72
C TRP B 314 32.64 33.24 8.59
N GLU B 315 33.35 33.06 9.70
CA GLU B 315 34.71 32.52 9.60
C GLU B 315 34.71 31.04 9.27
N GLY B 316 33.67 30.31 9.67
CA GLY B 316 33.72 28.86 9.59
C GLY B 316 32.88 28.22 8.50
N SER B 317 31.89 28.94 7.98
CA SER B 317 30.95 28.34 7.05
C SER B 317 31.63 28.05 5.71
N MET B 318 31.06 27.10 4.98
CA MET B 318 31.46 26.79 3.61
C MET B 318 30.32 27.24 2.70
N LEU B 319 30.49 28.39 2.06
CA LEU B 319 29.39 29.01 1.33
C LEU B 319 29.49 28.85 -0.18
N GLU B 320 30.59 28.28 -0.67
CA GLU B 320 30.80 27.98 -2.07
C GLU B 320 31.44 26.60 -2.15
N LYS B 321 31.26 25.92 -3.27
CA LYS B 321 31.97 24.66 -3.48
C LYS B 321 33.47 24.94 -3.59
N PRO B 322 34.31 24.23 -2.84
CA PRO B 322 35.76 24.50 -2.91
C PRO B 322 36.31 24.36 -4.31
N ALA B 323 37.15 25.32 -4.70
CA ALA B 323 37.80 25.31 -5.99
C ALA B 323 39.13 24.56 -5.98
N ASP B 324 39.61 24.12 -4.81
CA ASP B 324 40.82 23.31 -4.76
C ASP B 324 40.51 21.88 -5.17
N GLY B 325 39.35 21.67 -5.80
CA GLY B 325 39.00 20.36 -6.34
C GLY B 325 38.41 19.35 -5.38
N ARG B 326 38.82 19.39 -4.12
CA ARG B 326 38.53 18.32 -3.17
C ARG B 326 37.05 18.01 -3.09
N GLU B 327 36.71 16.83 -2.55
CA GLU B 327 35.33 16.36 -2.54
C GLU B 327 34.62 16.80 -1.28
N VAL B 328 33.37 17.27 -1.44
CA VAL B 328 32.56 17.71 -0.31
C VAL B 328 31.14 17.17 -0.49
N VAL B 329 30.39 17.16 0.61
CA VAL B 329 28.95 16.96 0.56
C VAL B 329 28.32 18.30 0.16
N CYS B 330 27.80 18.39 -1.05
CA CYS B 330 27.30 19.69 -1.51
C CYS B 330 25.89 19.99 -1.04
N HIS B 331 25.13 18.99 -0.64
CA HIS B 331 23.75 19.24 -0.26
C HIS B 331 23.68 20.22 0.91
N ALA B 332 22.90 21.28 0.74
CA ALA B 332 22.88 22.39 1.69
C ALA B 332 22.42 21.92 3.07
N SER B 333 23.12 22.37 4.11
CA SER B 333 22.78 21.99 5.47
C SER B 333 23.27 23.02 6.46
N ALA B 334 22.62 23.03 7.63
CA ALA B 334 22.89 23.97 8.71
C ALA B 334 23.33 23.21 9.95
N TRP B 335 24.32 23.77 10.66
CA TRP B 335 25.07 23.04 11.67
C TRP B 335 25.11 23.76 13.00
N ASP B 336 24.69 23.05 14.05
CA ASP B 336 24.82 23.46 15.45
C ASP B 336 25.94 22.61 16.04
N PHE B 337 26.99 23.25 16.55
CA PHE B 337 28.09 22.50 17.16
C PHE B 337 27.87 22.23 18.65
N TYR B 338 26.74 22.67 19.21
CA TYR B 338 26.37 22.39 20.60
C TYR B 338 27.38 22.94 21.60
N ASN B 339 28.14 23.97 21.23
CA ASN B 339 28.97 24.70 22.18
C ASN B 339 28.51 26.15 22.36
N ARG B 340 27.33 26.50 21.84
CA ARG B 340 26.73 27.82 21.98
C ARG B 340 27.54 28.91 21.29
N LYS B 341 28.52 28.55 20.47
CA LYS B 341 29.39 29.53 19.84
C LYS B 341 29.46 29.31 18.34
N ASP B 342 29.66 28.07 17.93
CA ASP B 342 29.89 27.74 16.53
C ASP B 342 28.60 27.27 15.87
N PHE B 343 28.25 27.93 14.77
CA PHE B 343 27.07 27.62 13.96
C PHE B 343 27.49 27.91 12.53
N ARG B 344 27.16 26.99 11.62
CA ARG B 344 27.67 27.11 10.26
C ARG B 344 26.69 26.58 9.24
N ILE B 345 26.78 27.13 8.03
CA ILE B 345 26.11 26.56 6.87
C ILE B 345 27.16 26.01 5.93
N LYS B 346 26.85 24.87 5.31
CA LYS B 346 27.66 24.26 4.27
C LYS B 346 26.78 24.12 3.03
N GLN B 347 27.04 24.96 2.02
CA GLN B 347 26.21 24.99 0.82
C GLN B 347 27.09 25.30 -0.38
N CYS B 348 26.95 24.51 -1.44
CA CYS B 348 27.64 24.78 -2.70
C CYS B 348 26.81 25.79 -3.51
N THR B 349 26.79 27.01 -3.00
CA THR B 349 25.84 28.01 -3.45
C THR B 349 26.06 28.39 -4.91
N ARG B 350 24.97 28.42 -5.67
CA ARG B 350 24.92 28.91 -7.04
C ARG B 350 24.07 30.18 -7.08
N VAL B 351 24.32 31.04 -8.06
CA VAL B 351 23.69 32.35 -8.13
C VAL B 351 22.40 32.19 -8.93
N THR B 352 21.32 31.85 -8.21
CA THR B 352 19.99 31.74 -8.80
C THR B 352 18.96 32.17 -7.74
N MET B 353 17.74 32.48 -8.21
CA MET B 353 16.67 32.85 -7.31
C MET B 353 16.30 31.71 -6.36
N ASP B 354 16.21 30.48 -6.88
CA ASP B 354 15.86 29.37 -5.99
C ASP B 354 16.96 29.14 -4.96
N GLN B 355 18.22 29.38 -5.31
CA GLN B 355 19.29 29.26 -4.34
C GLN B 355 19.18 30.35 -3.27
N LEU B 356 18.73 31.53 -3.65
CA LEU B 356 18.47 32.55 -2.65
C LEU B 356 17.40 32.09 -1.66
N SER B 357 16.35 31.42 -2.16
CA SER B 357 15.38 30.83 -1.24
C SER B 357 16.05 29.77 -0.36
N THR B 358 16.93 28.94 -0.93
CA THR B 358 17.58 27.92 -0.11
C THR B 358 18.51 28.54 0.93
N VAL B 359 19.19 29.62 0.60
CA VAL B 359 19.98 30.33 1.61
C VAL B 359 19.10 30.73 2.78
N HIS B 360 17.90 31.24 2.50
CA HIS B 360 17.01 31.61 3.59
C HIS B 360 16.58 30.39 4.39
N HIS B 361 16.25 29.29 3.71
CA HIS B 361 15.92 28.04 4.39
C HIS B 361 17.00 27.68 5.41
N GLU B 362 18.26 27.67 4.97
CA GLU B 362 19.33 27.26 5.86
C GLU B 362 19.55 28.26 6.98
N MET B 363 19.45 29.56 6.67
CA MET B 363 19.66 30.55 7.72
C MET B 363 18.54 30.50 8.75
N GLY B 364 17.35 30.04 8.36
CA GLY B 364 16.28 29.82 9.33
C GLY B 364 16.69 28.83 10.41
N HIS B 365 17.37 27.75 10.00
CA HIS B 365 17.92 26.80 10.96
C HIS B 365 18.88 27.49 11.91
N ILE B 366 19.81 28.29 11.38
CA ILE B 366 20.79 28.95 12.22
C ILE B 366 20.11 29.86 13.23
N GLN B 367 19.10 30.63 12.78
CA GLN B 367 18.41 31.53 13.69
C GLN B 367 17.78 30.74 14.84
N TYR B 368 17.14 29.60 14.55
CA TYR B 368 16.65 28.71 15.60
C TYR B 368 17.76 28.37 16.59
N TYR B 369 18.90 27.89 16.07
CA TYR B 369 20.02 27.53 16.94
C TYR B 369 20.42 28.70 17.82
N LEU B 370 20.49 29.91 17.26
CA LEU B 370 20.93 31.07 18.03
C LEU B 370 19.95 31.41 19.13
N GLN B 371 18.65 31.17 18.89
CA GLN B 371 17.64 31.57 19.85
C GLN B 371 17.49 30.59 21.00
N TYR B 372 17.78 29.30 20.79
CA TYR B 372 17.60 28.32 21.86
C TYR B 372 18.93 27.79 22.40
N LYS B 373 20.04 28.49 22.13
CA LYS B 373 21.34 27.94 22.49
C LYS B 373 21.55 27.82 23.99
N ASP B 374 20.72 28.45 24.80
CA ASP B 374 20.88 28.38 26.24
C ASP B 374 19.91 27.41 26.91
N LEU B 375 19.06 26.73 26.14
CA LEU B 375 18.31 25.63 26.72
C LEU B 375 19.23 24.42 26.94
N PRO B 376 18.81 23.47 27.76
CA PRO B 376 19.55 22.20 27.86
C PRO B 376 19.65 21.52 26.51
N VAL B 377 20.77 20.83 26.29
CA VAL B 377 21.05 20.29 24.95
C VAL B 377 19.91 19.42 24.44
N SER B 378 19.21 18.73 25.34
CA SER B 378 18.17 17.82 24.88
C SER B 378 16.97 18.58 24.30
N LEU B 379 16.82 19.85 24.65
CA LEU B 379 15.73 20.68 24.15
C LEU B 379 16.15 21.61 23.02
N ARG B 380 17.40 21.51 22.55
CA ARG B 380 17.86 22.31 21.43
C ARG B 380 17.46 21.60 20.14
N ARG B 381 16.15 21.59 19.89
CA ARG B 381 15.57 21.04 18.67
C ARG B 381 14.33 21.86 18.32
N GLY B 382 13.77 21.61 17.15
CA GLY B 382 12.51 22.25 16.79
C GLY B 382 11.37 21.73 17.65
N ALA B 383 10.30 22.52 17.74
CA ALA B 383 9.10 22.03 18.44
C ALA B 383 8.69 20.69 17.85
N ASN B 384 8.77 20.55 16.52
CA ASN B 384 8.91 19.24 15.88
C ASN B 384 9.83 19.49 14.68
N PRO B 385 10.32 18.45 14.00
CA PRO B 385 11.28 18.69 12.91
C PRO B 385 10.71 19.53 11.77
N GLY B 386 9.39 19.51 11.55
CA GLY B 386 8.81 20.36 10.52
C GLY B 386 8.90 21.83 10.83
N PHE B 387 8.84 22.21 12.12
CA PHE B 387 9.07 23.60 12.50
C PHE B 387 10.45 24.07 12.04
N HIS B 388 11.48 23.28 12.34
CA HIS B 388 12.84 23.67 11.96
C HIS B 388 12.94 23.91 10.46
N GLU B 389 12.35 23.02 9.66
CA GLU B 389 12.44 23.20 8.22
C GLU B 389 11.59 24.36 7.70
N ALA B 390 10.65 24.88 8.50
CA ALA B 390 9.77 25.92 7.98
C ALA B 390 10.25 27.35 8.21
N ILE B 391 11.15 27.58 9.16
CA ILE B 391 11.44 28.95 9.60
C ILE B 391 11.93 29.80 8.42
N GLY B 392 13.00 29.36 7.77
CA GLY B 392 13.56 30.15 6.69
C GLY B 392 12.64 30.26 5.50
N ASP B 393 11.88 29.20 5.21
CA ASP B 393 10.92 29.23 4.12
C ASP B 393 9.89 30.34 4.32
N VAL B 394 9.49 30.58 5.57
CA VAL B 394 8.52 31.63 5.85
C VAL B 394 9.06 32.99 5.44
N LEU B 395 10.30 33.31 5.82
CA LEU B 395 10.87 34.58 5.39
C LEU B 395 10.98 34.63 3.87
N ALA B 396 11.35 33.52 3.24
CA ALA B 396 11.49 33.51 1.80
C ALA B 396 10.16 33.76 1.10
N LEU B 397 9.02 33.44 1.74
CA LEU B 397 7.74 33.80 1.14
C LEU B 397 7.62 35.32 0.97
N SER B 398 8.06 36.07 1.98
CA SER B 398 8.04 37.53 1.87
C SER B 398 9.04 38.01 0.84
N VAL B 399 10.25 37.43 0.82
CA VAL B 399 11.31 37.90 -0.05
C VAL B 399 10.92 37.76 -1.51
N SER B 400 10.20 36.70 -1.85
N SER B 400 10.19 36.69 -1.84
CA SER B 400 9.89 36.43 -3.25
CA SER B 400 9.84 36.38 -3.21
C SER B 400 8.75 37.27 -3.81
C SER B 400 8.83 37.35 -3.81
N THR B 401 8.06 38.05 -2.99
CA THR B 401 6.98 38.88 -3.50
C THR B 401 7.55 39.92 -4.46
N PRO B 402 6.85 40.24 -5.56
CA PRO B 402 7.37 41.29 -6.45
C PRO B 402 7.65 42.59 -5.73
N GLU B 403 6.84 42.95 -4.73
CA GLU B 403 7.08 44.17 -3.98
C GLU B 403 8.44 44.12 -3.28
N HIS B 404 8.74 42.99 -2.63
CA HIS B 404 10.00 42.93 -1.91
C HIS B 404 11.20 42.91 -2.86
N LEU B 405 11.08 42.15 -3.94
CA LEU B 405 12.15 42.10 -4.94
C LEU B 405 12.46 43.49 -5.47
N HIS B 406 11.43 44.32 -5.61
CA HIS B 406 11.67 45.71 -6.02
C HIS B 406 12.47 46.46 -4.97
N LYS B 407 12.15 46.25 -3.69
CA LYS B 407 12.87 46.95 -2.63
C LYS B 407 14.36 46.61 -2.64
N ILE B 408 14.73 45.40 -3.05
CA ILE B 408 16.13 44.99 -3.00
C ILE B 408 16.77 45.02 -4.38
N GLY B 409 16.17 45.74 -5.33
CA GLY B 409 16.82 46.04 -6.59
C GLY B 409 16.82 44.94 -7.62
N LEU B 410 15.98 43.92 -7.46
CA LEU B 410 15.94 42.77 -8.37
C LEU B 410 14.76 42.81 -9.32
N LEU B 411 13.89 43.82 -9.24
CA LEU B 411 12.73 43.90 -10.11
C LEU B 411 12.38 45.37 -10.24
N ASP B 412 12.78 45.98 -11.35
CA ASP B 412 12.54 47.40 -11.53
C ASP B 412 11.05 47.70 -11.64
N ARG B 413 10.37 46.94 -12.49
CA ARG B 413 8.97 47.20 -12.80
C ARG B 413 8.06 46.72 -11.67
N VAL B 414 7.05 47.52 -11.38
CA VAL B 414 6.07 47.26 -10.34
C VAL B 414 4.70 47.21 -11.00
N THR B 415 3.89 46.21 -10.66
CA THR B 415 2.55 46.10 -11.21
C THR B 415 1.65 45.44 -10.18
N ASN B 416 0.36 45.81 -10.17
CA ASN B 416 -0.62 45.18 -9.26
C ASN B 416 -1.93 44.92 -10.02
N ASP B 417 -1.91 43.94 -10.92
CA ASP B 417 -3.08 43.58 -11.72
C ASP B 417 -3.29 42.08 -11.63
N THR B 418 -4.44 41.63 -12.12
CA THR B 418 -4.80 40.22 -11.95
C THR B 418 -3.87 39.31 -12.72
N GLU B 419 -3.39 39.73 -13.90
CA GLU B 419 -2.46 38.91 -14.66
C GLU B 419 -1.15 38.72 -13.92
N SER B 420 -0.62 39.79 -13.32
CA SER B 420 0.62 39.68 -12.58
C SER B 420 0.46 38.81 -11.35
N ASP B 421 -0.71 38.87 -10.70
CA ASP B 421 -0.97 38.00 -9.57
C ASP B 421 -0.98 36.55 -9.98
N ILE B 422 -1.59 36.24 -11.13
CA ILE B 422 -1.64 34.86 -11.60
C ILE B 422 -0.24 34.36 -11.93
N ASN B 423 0.57 35.18 -12.61
CA ASN B 423 1.95 34.79 -12.89
C ASN B 423 2.68 34.44 -11.59
N TYR B 424 2.54 35.30 -10.58
CA TYR B 424 3.27 35.11 -9.32
C TYR B 424 2.80 33.85 -8.60
N LEU B 425 1.47 33.67 -8.49
CA LEU B 425 0.96 32.50 -7.79
C LEU B 425 1.28 31.21 -8.52
N LEU B 426 1.31 31.25 -9.85
CA LEU B 426 1.72 30.08 -10.62
C LEU B 426 3.19 29.76 -10.36
N LYS B 427 4.05 30.78 -10.37
CA LYS B 427 5.45 30.53 -10.06
C LYS B 427 5.60 29.92 -8.67
N MET B 428 4.87 30.45 -7.68
CA MET B 428 4.96 29.87 -6.34
C MET B 428 4.36 28.47 -6.28
N ALA B 429 3.33 28.19 -7.08
CA ALA B 429 2.77 26.85 -7.13
C ALA B 429 3.78 25.84 -7.68
N LEU B 430 4.61 26.26 -8.64
CA LEU B 430 5.61 25.35 -9.18
C LEU B 430 6.62 24.94 -8.12
N GLU B 431 6.84 25.81 -7.14
CA GLU B 431 7.80 25.58 -6.07
C GLU B 431 7.18 24.87 -4.88
N LYS B 432 5.93 25.22 -4.52
CA LYS B 432 5.32 24.75 -3.29
C LYS B 432 4.27 23.66 -3.50
N ILE B 433 3.39 23.82 -4.50
N ILE B 433 3.39 23.80 -4.50
CA ILE B 433 2.37 22.81 -4.75
CA ILE B 433 2.36 22.79 -4.70
C ILE B 433 2.99 21.57 -5.36
C ILE B 433 2.93 21.56 -5.42
N ALA B 434 3.84 21.77 -6.37
CA ALA B 434 4.47 20.64 -7.05
C ALA B 434 5.24 19.75 -6.08
N PHE B 435 5.78 20.35 -5.01
CA PHE B 435 6.56 19.59 -4.05
C PHE B 435 5.68 18.67 -3.20
N LEU B 436 4.44 19.04 -2.94
CA LEU B 436 3.65 18.35 -1.92
C LEU B 436 3.59 16.84 -2.11
N PRO B 437 3.29 16.31 -3.29
CA PRO B 437 3.26 14.84 -3.43
C PRO B 437 4.60 14.17 -3.12
N PHE B 438 5.70 14.83 -3.50
CA PHE B 438 7.03 14.27 -3.22
C PHE B 438 7.33 14.31 -1.73
N GLY B 439 7.08 15.45 -1.08
CA GLY B 439 7.30 15.53 0.36
C GLY B 439 6.51 14.50 1.12
N TYR B 440 5.34 14.12 0.61
CA TYR B 440 4.51 13.11 1.27
C TYR B 440 5.02 11.69 1.00
N LEU B 441 5.45 11.41 -0.23
CA LEU B 441 5.67 10.02 -0.61
C LEU B 441 7.00 9.45 -0.11
N VAL B 442 8.03 10.27 0.06
CA VAL B 442 9.36 9.70 0.32
C VAL B 442 9.34 8.84 1.58
N ASP B 443 8.78 9.35 2.68
CA ASP B 443 8.76 8.52 3.89
C ASP B 443 7.63 7.50 3.89
N GLN B 444 6.61 7.63 3.03
CA GLN B 444 5.75 6.47 2.84
C GLN B 444 6.56 5.30 2.30
N TRP B 445 7.45 5.58 1.34
CA TRP B 445 8.36 4.55 0.83
C TRP B 445 9.24 4.02 1.97
N ARG B 446 9.88 4.92 2.69
CA ARG B 446 10.85 4.52 3.70
C ARG B 446 10.17 3.85 4.89
N TRP B 447 8.97 4.30 5.28
CA TRP B 447 8.27 3.61 6.35
C TRP B 447 7.98 2.16 5.96
N GLY B 448 7.66 1.93 4.67
CA GLY B 448 7.39 0.57 4.22
C GLY B 448 8.63 -0.29 4.18
N VAL B 449 9.79 0.33 3.90
CA VAL B 449 11.04 -0.41 3.96
C VAL B 449 11.35 -0.81 5.40
N PHE B 450 11.27 0.15 6.33
CA PHE B 450 11.57 -0.15 7.73
C PHE B 450 10.60 -1.20 8.28
N SER B 451 9.35 -1.14 7.88
CA SER B 451 8.36 -2.08 8.42
C SER B 451 8.46 -3.46 7.80
N GLY B 452 9.19 -3.60 6.70
CA GLY B 452 9.29 -4.87 6.01
C GLY B 452 8.25 -5.11 4.94
N ARG B 453 7.25 -4.22 4.82
CA ARG B 453 6.27 -4.36 3.74
C ARG B 453 6.93 -4.21 2.38
N THR B 454 8.03 -3.44 2.30
CA THR B 454 8.81 -3.28 1.08
C THR B 454 10.18 -3.91 1.30
N PRO B 455 10.35 -5.19 0.97
CA PRO B 455 11.67 -5.82 1.06
C PRO B 455 12.57 -5.38 -0.08
N PRO B 456 13.87 -5.69 0.00
CA PRO B 456 14.78 -5.29 -1.10
C PRO B 456 14.29 -5.70 -2.48
N SER B 457 13.61 -6.83 -2.61
CA SER B 457 13.08 -7.27 -3.89
C SER B 457 12.03 -6.34 -4.47
N ARG B 458 11.53 -5.36 -3.70
CA ARG B 458 10.55 -4.42 -4.24
C ARG B 458 10.94 -2.96 -4.01
N TYR B 459 12.21 -2.67 -3.69
CA TYR B 459 12.60 -1.28 -3.42
C TYR B 459 12.18 -0.36 -4.56
N ASN B 460 12.47 -0.75 -5.80
CA ASN B 460 12.23 0.16 -6.93
C ASN B 460 10.79 0.08 -7.43
N PHE B 461 10.23 -1.14 -7.45
CA PHE B 461 8.81 -1.33 -7.76
C PHE B 461 7.93 -0.44 -6.89
N ASP B 462 8.19 -0.42 -5.59
CA ASP B 462 7.36 0.36 -4.68
C ASP B 462 7.68 1.85 -4.75
N TRP B 463 8.94 2.22 -4.98
CA TRP B 463 9.28 3.61 -5.21
C TRP B 463 8.49 4.16 -6.40
N TRP B 464 8.54 3.47 -7.53
CA TRP B 464 7.89 4.00 -8.72
C TRP B 464 6.38 3.88 -8.65
N TYR B 465 5.85 2.91 -7.90
CA TYR B 465 4.43 2.91 -7.61
C TYR B 465 4.02 4.23 -6.95
N LEU B 466 4.76 4.64 -5.91
CA LEU B 466 4.42 5.86 -5.19
C LEU B 466 4.66 7.10 -6.03
N ARG B 467 5.77 7.14 -6.78
CA ARG B 467 6.06 8.29 -7.63
C ARG B 467 4.94 8.50 -8.64
N THR B 468 4.45 7.42 -9.26
CA THR B 468 3.37 7.55 -10.21
C THR B 468 2.06 7.89 -9.51
N LYS B 469 1.78 7.22 -8.38
CA LYS B 469 0.52 7.44 -7.66
C LYS B 469 0.36 8.90 -7.27
N TYR B 470 1.41 9.49 -6.69
CA TYR B 470 1.33 10.82 -6.12
C TYR B 470 1.78 11.91 -7.09
N GLN B 471 2.96 11.76 -7.70
CA GLN B 471 3.43 12.83 -8.57
C GLN B 471 2.95 12.71 -10.01
N GLY B 472 2.45 11.55 -10.43
CA GLY B 472 2.04 11.44 -11.83
C GLY B 472 3.20 11.57 -12.78
N ILE B 473 4.34 10.96 -12.46
CA ILE B 473 5.50 10.94 -13.34
C ILE B 473 5.88 9.48 -13.59
N CYS B 474 6.70 9.29 -14.62
CA CYS B 474 7.21 7.97 -15.00
C CYS B 474 8.67 8.07 -15.36
N PRO B 475 9.45 7.02 -15.14
CA PRO B 475 10.87 7.06 -15.54
C PRO B 475 10.99 7.06 -17.06
N PRO B 476 11.89 7.87 -17.61
CA PRO B 476 12.01 7.96 -19.08
C PRO B 476 12.76 6.80 -19.72
N VAL B 477 13.39 5.93 -18.92
CA VAL B 477 13.96 4.68 -19.42
C VAL B 477 13.49 3.58 -18.49
N THR B 478 13.48 2.34 -19.00
CA THR B 478 13.05 1.21 -18.20
C THR B 478 13.95 1.04 -16.97
N ARG B 479 13.32 0.74 -15.84
CA ARG B 479 14.04 0.41 -14.61
C ARG B 479 13.67 -1.00 -14.15
N ASN B 480 14.56 -1.60 -13.36
CA ASN B 480 14.32 -2.89 -12.73
C ASN B 480 14.92 -2.85 -11.33
N GLU B 481 14.91 -3.98 -10.62
CA GLU B 481 15.33 -3.97 -9.22
C GLU B 481 16.84 -3.93 -9.04
N THR B 482 17.61 -3.97 -10.11
CA THR B 482 19.02 -3.60 -9.98
C THR B 482 19.15 -2.11 -9.70
N HIS B 483 18.23 -1.32 -10.21
CA HIS B 483 18.20 0.10 -9.92
C HIS B 483 17.62 0.34 -8.55
N PHE B 484 18.08 1.42 -7.91
CA PHE B 484 17.68 1.79 -6.57
C PHE B 484 17.51 3.32 -6.59
N ASP B 485 16.44 3.76 -7.25
CA ASP B 485 16.26 5.16 -7.58
C ASP B 485 15.96 6.00 -6.34
N ALA B 486 15.37 5.40 -5.31
CA ALA B 486 15.28 6.10 -4.02
C ALA B 486 16.65 6.51 -3.51
N GLY B 487 17.67 5.71 -3.78
CA GLY B 487 19.01 5.99 -3.28
C GLY B 487 19.67 7.18 -3.95
N ALA B 488 19.14 7.63 -5.09
CA ALA B 488 19.70 8.77 -5.80
C ALA B 488 19.15 10.09 -5.28
N LYS B 489 18.41 10.07 -4.18
CA LYS B 489 17.92 11.26 -3.48
C LYS B 489 18.68 11.38 -2.17
N PHE B 490 19.29 12.55 -1.93
CA PHE B 490 20.23 12.72 -0.83
C PHE B 490 19.77 12.12 0.49
N HIS B 491 18.52 12.40 0.88
CA HIS B 491 18.09 12.07 2.23
C HIS B 491 18.04 10.58 2.51
N VAL B 492 18.03 9.74 1.49
CA VAL B 492 17.90 8.29 1.70
C VAL B 492 19.26 7.74 2.15
N PRO B 493 20.33 7.82 1.34
CA PRO B 493 21.63 7.36 1.85
C PRO B 493 22.14 8.15 3.06
N ASN B 494 21.74 9.41 3.21
CA ASN B 494 22.22 10.20 4.33
C ASN B 494 21.27 10.15 5.52
N VAL B 495 20.28 9.25 5.47
CA VAL B 495 19.40 8.91 6.59
C VAL B 495 18.86 10.16 7.28
N THR B 496 18.29 11.04 6.48
CA THR B 496 17.60 12.22 6.95
C THR B 496 16.11 12.06 6.69
N PRO B 497 15.29 12.06 7.72
CA PRO B 497 13.84 11.88 7.51
C PRO B 497 13.24 12.98 6.64
N TYR B 498 12.12 12.64 5.98
CA TYR B 498 11.55 13.50 4.95
C TYR B 498 10.16 14.05 5.26
N ILE B 499 9.37 13.40 6.12
CA ILE B 499 8.00 13.88 6.32
C ILE B 499 8.01 15.29 6.90
N ARG B 500 9.11 15.70 7.54
CA ARG B 500 9.28 17.07 8.02
C ARG B 500 9.04 18.11 6.91
N TYR B 501 9.35 17.77 5.66
CA TYR B 501 9.23 18.76 4.59
C TYR B 501 7.77 18.91 4.14
N PHE B 502 7.02 17.81 4.08
CA PHE B 502 5.58 17.93 3.87
C PHE B 502 4.94 18.75 4.98
N VAL B 503 5.28 18.44 6.23
CA VAL B 503 4.77 19.22 7.35
C VAL B 503 5.16 20.68 7.20
N SER B 504 6.41 20.93 6.82
CA SER B 504 6.89 22.30 6.72
C SER B 504 6.17 23.08 5.63
N PHE B 505 5.88 22.45 4.50
CA PHE B 505 5.24 23.18 3.41
C PHE B 505 3.79 23.54 3.74
N VAL B 506 3.14 22.79 4.63
CA VAL B 506 1.83 23.20 5.13
C VAL B 506 2.00 24.27 6.20
N LEU B 507 2.88 24.00 7.15
CA LEU B 507 3.08 24.86 8.31
C LEU B 507 3.51 26.25 7.91
N GLN B 508 4.36 26.37 6.89
CA GLN B 508 4.92 27.69 6.60
C GLN B 508 3.84 28.67 6.17
N PHE B 509 2.75 28.20 5.58
CA PHE B 509 1.65 29.12 5.25
C PHE B 509 0.83 29.47 6.48
N GLN B 510 0.69 28.54 7.43
CA GLN B 510 0.10 28.91 8.71
C GLN B 510 0.92 29.99 9.41
N PHE B 511 2.24 29.81 9.44
CA PHE B 511 3.14 30.82 10.03
C PHE B 511 2.99 32.16 9.31
N HIS B 512 3.08 32.14 7.99
CA HIS B 512 3.00 33.35 7.18
C HIS B 512 1.73 34.13 7.49
N GLU B 513 0.59 33.44 7.50
CA GLU B 513 -0.67 34.10 7.82
C GLU B 513 -0.63 34.76 9.19
N ALA B 514 -0.09 34.05 10.19
CA ALA B 514 -0.05 34.59 11.54
C ALA B 514 0.87 35.80 11.64
N LEU B 515 2.05 35.73 11.02
CA LEU B 515 3.00 36.83 11.11
C LEU B 515 2.51 38.04 10.34
N CYS B 516 1.89 37.80 9.19
CA CYS B 516 1.30 38.89 8.43
C CYS B 516 0.22 39.61 9.23
N LYS B 517 -0.64 38.85 9.92
CA LYS B 517 -1.65 39.48 10.76
C LYS B 517 -1.00 40.28 11.89
N GLU B 518 0.00 39.70 12.55
CA GLU B 518 0.67 40.39 13.64
C GLU B 518 1.38 41.65 13.14
N ALA B 519 1.85 41.65 11.90
CA ALA B 519 2.50 42.82 11.33
C ALA B 519 1.53 43.92 10.98
N GLY B 520 0.22 43.69 11.13
CA GLY B 520 -0.77 44.68 10.74
C GLY B 520 -1.07 44.72 9.26
N TYR B 521 -0.64 43.74 8.48
CA TYR B 521 -0.91 43.72 7.07
C TYR B 521 -2.36 43.30 6.82
N GLU B 522 -3.02 43.99 5.89
CA GLU B 522 -4.45 43.77 5.65
C GLU B 522 -4.81 43.56 4.19
N GLY B 523 -3.84 43.29 3.32
CA GLY B 523 -4.13 42.97 1.94
C GLY B 523 -4.14 41.49 1.65
N PRO B 524 -4.10 41.13 0.37
CA PRO B 524 -4.08 39.71 0.00
C PRO B 524 -2.89 38.99 0.61
N LEU B 525 -3.12 37.77 1.09
CA LEU B 525 -2.08 37.05 1.84
C LEU B 525 -0.83 36.87 1.00
N HIS B 526 -0.99 36.61 -0.30
CA HIS B 526 0.17 36.37 -1.14
C HIS B 526 0.94 37.64 -1.51
N GLN B 527 0.49 38.82 -1.08
CA GLN B 527 1.25 40.05 -1.27
C GLN B 527 1.84 40.57 0.03
N CYS B 528 1.70 39.83 1.11
CA CYS B 528 2.29 40.23 2.38
C CYS B 528 3.81 40.15 2.33
N ASP B 529 4.46 41.17 2.88
CA ASP B 529 5.91 41.18 3.10
C ASP B 529 6.13 41.63 4.54
N ILE B 530 6.67 40.74 5.38
CA ILE B 530 6.84 41.08 6.79
C ILE B 530 8.16 41.80 7.07
N TYR B 531 8.92 42.14 6.02
CA TYR B 531 10.18 42.86 6.18
C TYR B 531 10.01 44.05 7.12
N ARG B 532 10.93 44.17 8.06
CA ARG B 532 11.02 45.27 9.00
C ARG B 532 9.88 45.30 10.01
N SER B 533 9.10 44.23 10.13
CA SER B 533 8.06 44.18 11.16
C SER B 533 8.67 43.61 12.44
N THR B 534 8.96 44.49 13.41
CA THR B 534 9.49 44.02 14.68
C THR B 534 8.45 43.24 15.46
N LYS B 535 7.17 43.53 15.27
CA LYS B 535 6.12 42.76 15.92
C LYS B 535 6.09 41.32 15.41
N ALA B 536 6.15 41.14 14.09
CA ALA B 536 6.25 39.80 13.54
C ALA B 536 7.50 39.10 14.07
N GLY B 537 8.61 39.84 14.15
CA GLY B 537 9.83 39.26 14.66
C GLY B 537 9.68 38.74 16.07
N ALA B 538 8.98 39.49 16.92
CA ALA B 538 8.82 39.07 18.32
C ALA B 538 7.96 37.82 18.42
N LYS B 539 6.95 37.71 17.55
CA LYS B 539 6.10 36.53 17.57
C LYS B 539 6.86 35.29 17.11
N LEU B 540 7.67 35.43 16.05
CA LEU B 540 8.50 34.33 15.61
C LEU B 540 9.56 33.98 16.66
N ARG B 541 10.12 34.99 17.34
CA ARG B 541 11.14 34.74 18.35
C ARG B 541 10.60 33.85 19.46
N LYS B 542 9.34 34.05 19.85
CA LYS B 542 8.76 33.22 20.90
C LYS B 542 8.81 31.74 20.51
N VAL B 543 8.56 31.43 19.24
CA VAL B 543 8.62 30.04 18.79
C VAL B 543 10.05 29.54 18.85
N LEU B 544 10.99 30.32 18.30
CA LEU B 544 12.37 29.86 18.21
C LEU B 544 12.95 29.59 19.59
N ARG B 545 12.64 30.46 20.56
CA ARG B 545 13.25 30.35 21.88
C ARG B 545 12.70 29.18 22.69
N ALA B 546 11.57 28.62 22.29
CA ALA B 546 10.98 27.51 23.03
C ALA B 546 11.68 26.19 22.76
N GLY B 547 12.42 26.09 21.66
CA GLY B 547 13.00 24.81 21.29
C GLY B 547 11.96 23.72 21.31
N SER B 548 12.31 22.58 21.90
CA SER B 548 11.39 21.47 22.12
C SER B 548 11.02 21.35 23.60
N SER B 549 11.11 22.47 24.33
CA SER B 549 10.74 22.48 25.74
C SER B 549 9.26 22.18 25.95
N ARG B 550 8.43 22.38 24.93
CA ARG B 550 6.98 22.30 25.08
C ARG B 550 6.37 21.56 23.89
N PRO B 551 5.20 20.95 24.07
CA PRO B 551 4.55 20.25 22.95
C PRO B 551 4.33 21.17 21.77
N TRP B 552 4.61 20.67 20.57
CA TRP B 552 4.48 21.51 19.38
C TRP B 552 3.04 22.00 19.17
N GLN B 553 2.07 21.20 19.60
CA GLN B 553 0.67 21.61 19.45
C GLN B 553 0.37 22.88 20.22
N GLU B 554 1.00 23.04 21.39
CA GLU B 554 0.79 24.22 22.23
C GLU B 554 1.56 25.43 21.71
N VAL B 555 2.81 25.21 21.28
CA VAL B 555 3.57 26.29 20.65
C VAL B 555 2.82 26.80 19.42
N LEU B 556 2.30 25.87 18.60
CA LEU B 556 1.56 26.28 17.41
C LEU B 556 0.32 27.09 17.80
N LYS B 557 -0.41 26.65 18.82
CA LYS B 557 -1.62 27.38 19.20
C LYS B 557 -1.26 28.79 19.67
N ASP B 558 -0.19 28.93 20.46
CA ASP B 558 0.24 30.26 20.88
C ASP B 558 0.56 31.14 19.68
N MET B 559 1.07 30.55 18.60
CA MET B 559 1.53 31.35 17.48
C MET B 559 0.39 31.69 16.52
N VAL B 560 -0.41 30.71 16.13
CA VAL B 560 -1.37 30.87 15.04
C VAL B 560 -2.82 30.70 15.48
N GLY B 561 -3.08 30.31 16.72
CA GLY B 561 -4.44 30.20 17.22
C GLY B 561 -5.08 28.85 17.07
N LEU B 562 -4.33 27.86 16.61
CA LEU B 562 -4.84 26.52 16.32
C LEU B 562 -3.79 25.52 16.76
N ASP B 563 -4.23 24.39 17.30
CA ASP B 563 -3.28 23.41 17.82
C ASP B 563 -3.01 22.26 16.84
N ALA B 564 -3.23 22.48 15.55
CA ALA B 564 -3.04 21.41 14.59
C ALA B 564 -2.56 21.95 13.25
N LEU B 565 -1.94 21.07 12.47
CA LEU B 565 -1.68 21.37 11.07
C LEU B 565 -3.00 21.61 10.34
N ASP B 566 -3.00 22.58 9.43
CA ASP B 566 -4.22 23.03 8.75
C ASP B 566 -3.83 23.51 7.37
N ALA B 567 -4.49 22.99 6.35
CA ALA B 567 -4.22 23.39 4.97
C ALA B 567 -4.88 24.70 4.58
N GLN B 568 -5.78 25.24 5.40
CA GLN B 568 -6.55 26.40 4.95
C GLN B 568 -5.70 27.60 4.62
N PRO B 569 -4.63 27.93 5.37
CA PRO B 569 -3.81 29.09 4.96
C PRO B 569 -3.15 28.90 3.61
N LEU B 570 -2.63 27.71 3.32
CA LEU B 570 -2.10 27.44 1.98
C LEU B 570 -3.18 27.60 0.93
N LEU B 571 -4.37 27.04 1.17
CA LEU B 571 -5.45 27.17 0.18
C LEU B 571 -5.81 28.63 -0.05
N LYS B 572 -5.87 29.41 1.04
CA LYS B 572 -6.20 30.83 0.93
C LYS B 572 -5.15 31.59 0.13
N TYR B 573 -3.87 31.29 0.39
CA TYR B 573 -2.79 31.92 -0.35
C TYR B 573 -2.94 31.71 -1.85
N PHE B 574 -3.28 30.48 -2.27
CA PHE B 574 -3.27 30.12 -3.68
C PHE B 574 -4.63 30.26 -4.37
N GLN B 575 -5.67 30.70 -3.65
CA GLN B 575 -7.05 30.61 -4.14
C GLN B 575 -7.22 31.11 -5.57
N LEU B 576 -6.65 32.27 -5.88
CA LEU B 576 -6.86 32.87 -7.19
C LEU B 576 -6.33 31.99 -8.32
N VAL B 577 -5.16 31.38 -8.11
CA VAL B 577 -4.60 30.55 -9.18
C VAL B 577 -5.22 29.16 -9.16
N THR B 578 -5.67 28.68 -8.00
CA THR B 578 -6.43 27.44 -7.95
C THR B 578 -7.68 27.54 -8.83
N GLN B 579 -8.42 28.65 -8.71
CA GLN B 579 -9.59 28.87 -9.55
C GLN B 579 -9.19 29.01 -11.01
N TRP B 580 -8.15 29.80 -11.29
CA TRP B 580 -7.76 30.04 -12.68
C TRP B 580 -7.32 28.74 -13.36
N LEU B 581 -6.52 27.91 -12.69
CA LEU B 581 -6.07 26.69 -13.33
C LEU B 581 -7.23 25.74 -13.59
N GLN B 582 -8.18 25.66 -12.65
CA GLN B 582 -9.39 24.88 -12.87
C GLN B 582 -10.09 25.31 -14.15
N GLU B 583 -10.28 26.62 -14.31
CA GLU B 583 -10.98 27.16 -15.47
C GLU B 583 -10.20 26.86 -16.75
N GLN B 584 -8.89 27.10 -16.71
CA GLN B 584 -8.09 26.87 -17.91
C GLN B 584 -8.12 25.41 -18.35
N ASN B 585 -7.92 24.49 -17.39
CA ASN B 585 -7.94 23.07 -17.75
C ASN B 585 -9.28 22.67 -18.34
N GLN B 586 -10.39 23.17 -17.79
CA GLN B 586 -11.70 22.84 -18.34
C GLN B 586 -11.85 23.41 -19.75
N GLN B 587 -11.48 24.67 -19.95
CA GLN B 587 -11.59 25.27 -21.28
C GLN B 587 -10.71 24.56 -22.29
N ASN B 588 -9.61 23.97 -21.85
CA ASN B 588 -8.71 23.26 -22.74
C ASN B 588 -9.06 21.78 -22.89
N GLY B 589 -10.11 21.32 -22.21
CA GLY B 589 -10.51 19.93 -22.32
C GLY B 589 -9.50 18.97 -21.73
N GLU B 590 -8.81 19.35 -20.67
CA GLU B 590 -7.78 18.49 -20.13
C GLU B 590 -8.42 17.31 -19.41
N VAL B 591 -7.66 16.23 -19.32
CA VAL B 591 -7.95 15.13 -18.43
C VAL B 591 -7.13 15.33 -17.17
N LEU B 592 -7.80 15.51 -16.03
CA LEU B 592 -7.08 15.59 -14.77
C LEU B 592 -6.61 14.20 -14.37
N GLY B 593 -5.36 14.08 -13.98
CA GLY B 593 -4.79 12.79 -13.66
C GLY B 593 -4.09 12.15 -14.84
N TRP B 594 -3.77 10.87 -14.68
CA TRP B 594 -2.96 10.12 -15.65
C TRP B 594 -3.54 8.72 -15.79
N PRO B 595 -4.72 8.61 -16.42
CA PRO B 595 -5.35 7.28 -16.54
C PRO B 595 -4.56 6.27 -17.37
N GLU B 596 -3.69 6.72 -18.28
CA GLU B 596 -2.79 5.81 -18.99
C GLU B 596 -1.54 5.60 -18.12
N TYR B 597 -1.77 4.96 -16.96
CA TYR B 597 -0.76 4.84 -15.93
C TYR B 597 0.41 3.95 -16.35
N GLN B 598 0.23 3.11 -17.36
CA GLN B 598 1.27 2.23 -17.85
C GLN B 598 2.22 2.91 -18.83
N TRP B 599 1.88 4.10 -19.30
CA TRP B 599 2.63 4.71 -20.38
C TRP B 599 4.03 5.12 -19.94
N HIS B 600 5.00 4.84 -20.80
CA HIS B 600 6.36 5.35 -20.72
C HIS B 600 6.77 5.91 -22.07
N PRO B 601 7.61 6.93 -22.10
CA PRO B 601 8.02 7.51 -23.40
C PRO B 601 8.96 6.58 -24.15
N PRO B 602 9.04 6.71 -25.47
CA PRO B 602 10.08 5.98 -26.21
C PRO B 602 11.45 6.58 -25.95
N LEU B 603 12.47 5.84 -26.34
CA LEU B 603 13.82 6.36 -26.31
C LEU B 603 14.08 7.26 -27.51
N PRO B 604 14.92 8.28 -27.37
CA PRO B 604 15.35 9.05 -28.55
C PRO B 604 15.95 8.12 -29.60
N ASP B 605 15.85 8.52 -30.87
CA ASP B 605 16.22 7.62 -31.95
C ASP B 605 17.66 7.16 -31.83
N ASN B 606 18.58 8.07 -31.50
CA ASN B 606 20.00 7.75 -31.45
C ASN B 606 20.51 7.55 -30.02
N TYR B 607 19.65 7.14 -29.11
CA TYR B 607 20.05 7.15 -27.71
C TYR B 607 21.08 6.06 -27.44
N PRO B 608 22.20 6.36 -26.76
CA PRO B 608 22.61 7.68 -26.26
C PRO B 608 23.60 8.45 -27.13
N GLU B 609 23.87 7.95 -28.34
CA GLU B 609 24.75 8.63 -29.28
C GLU B 609 24.42 10.13 -29.33
C1 NAG C . -37.95 -17.48 -17.01
C2 NAG C . -38.90 -18.64 -17.15
C3 NAG C . -40.18 -18.21 -17.86
C4 NAG C . -40.78 -16.96 -17.23
C5 NAG C . -39.71 -15.88 -17.03
C6 NAG C . -40.21 -14.71 -16.24
C7 NAG C . -38.05 -20.93 -17.32
C8 NAG C . -37.38 -21.94 -18.20
N2 NAG C . -38.26 -19.73 -17.87
O3 NAG C . -41.12 -19.28 -17.75
O4 NAG C . -41.76 -16.42 -18.10
O5 NAG C . -38.60 -16.42 -16.33
O6 NAG C . -39.35 -13.58 -16.39
O7 NAG C . -38.36 -21.18 -16.17
H2 NAG C . -39.15 -18.95 -16.25
H3 NAG C . -39.97 -18.02 -18.79
H4 NAG C . -41.16 -17.20 -16.37
H5 NAG C . -39.42 -15.58 -17.92
H61 NAG C . -40.26 -14.95 -15.29
H62 NAG C . -41.11 -14.46 -16.54
H81 NAG C . -37.25 -22.78 -17.71
H82 NAG C . -36.52 -21.60 -18.50
H83 NAG C . -37.96 -22.11 -18.98
HN2 NAG C . -38.00 -19.60 -18.73
HO3 NAG C . -41.92 -19.00 -18.03
HO6 NAG C . -38.55 -13.78 -16.07
C1 NAG C . -43.08 -16.76 -17.62
C2 NAG C . -44.09 -15.89 -18.35
C3 NAG C . -45.48 -16.22 -17.85
C4 NAG C . -45.75 -17.71 -18.00
C5 NAG C . -44.63 -18.55 -17.38
C6 NAG C . -44.74 -20.02 -17.72
C7 NAG C . -43.01 -13.78 -18.99
C8 NAG C . -42.81 -12.34 -18.64
N2 NAG C . -43.80 -14.48 -18.16
O3 NAG C . -46.43 -15.49 -18.62
O4 NAG C . -46.97 -18.05 -17.36
O5 NAG C . -43.35 -18.13 -17.88
O6 NAG C . -45.37 -20.77 -16.68
O7 NAG C . -42.49 -14.30 -19.98
H2 NAG C . -44.04 -16.08 -19.30
H3 NAG C . -45.56 -15.98 -16.91
H4 NAG C . -45.79 -17.92 -18.96
H5 NAG C . -44.65 -18.43 -16.41
H61 NAG C . -43.85 -20.38 -17.88
H62 NAG C . -45.27 -20.12 -18.54
H81 NAG C . -42.11 -11.96 -19.21
H82 NAG C . -42.53 -12.27 -17.71
H83 NAG C . -43.65 -11.85 -18.78
HN2 NAG C . -44.17 -14.05 -17.45
HO3 NAG C . -47.25 -15.67 -18.33
HO4 NAG C . -46.97 -18.91 -17.15
HO6 NAG C . -45.61 -21.56 -16.99
C1 NAG D . 4.49 -45.39 0.36
C2 NAG D . 3.47 -45.90 1.40
C3 NAG D . 3.68 -45.23 2.76
C4 NAG D . 5.13 -45.33 3.23
C5 NAG D . 6.03 -44.73 2.15
C6 NAG D . 7.50 -44.78 2.47
C7 NAG D . 1.54 -46.21 -0.14
C8 NAG D . 0.14 -45.80 -0.43
N2 NAG D . 2.10 -45.65 0.95
O3 NAG D . 2.80 -45.79 3.73
O4 NAG D . 5.27 -44.56 4.42
O5 NAG D . 5.84 -45.47 0.93
O6 NAG D . 8.19 -43.71 1.84
O7 NAG D . 2.15 -46.99 -0.85
H2 NAG D . 3.60 -46.86 1.50
H3 NAG D . 3.47 -44.28 2.65
H4 NAG D . 5.38 -46.26 3.41
H5 NAG D . 5.77 -43.81 2.01
H61 NAG D . 7.87 -45.62 2.16
H62 NAG D . 7.62 -44.71 3.44
H81 NAG D . 0.09 -44.82 -0.54
H82 NAG D . -0.44 -46.07 0.32
H83 NAG D . -0.17 -46.22 -1.24
HN2 NAG D . 1.60 -45.08 1.43
HO3 NAG D . 2.78 -45.27 4.45
C1 NAG D . 5.57 -45.14 5.72
C2 NAG D . 6.04 -43.89 6.51
C3 NAG D . 6.31 -44.21 7.97
C4 NAG D . 5.14 -44.97 8.59
C5 NAG D . 4.89 -46.21 7.76
C6 NAG D . 3.79 -47.08 8.33
C7 NAG D . 7.29 -42.16 5.28
C8 NAG D . 8.62 -41.77 4.70
N2 NAG D . 7.24 -43.35 5.89
O3 NAG D . 6.48 -42.99 8.67
O4 NAG D . 5.42 -45.32 9.94
O5 NAG D . 4.51 -45.81 6.44
O6 NAG D . 4.02 -47.29 9.72
O7 NAG D . 6.32 -41.43 5.21
H2 NAG D . 5.33 -43.24 6.49
H3 NAG D . 7.11 -44.77 8.03
H4 NAG D . 4.34 -44.41 8.59
H5 NAG D . 5.69 -46.76 7.71
H61 NAG D . 3.78 -47.93 7.87
H62 NAG D . 2.93 -46.63 8.21
H81 NAG D . 8.49 -41.42 3.80
H82 NAG D . 9.19 -42.56 4.65
H83 NAG D . 9.04 -41.10 5.26
HN2 NAG D . 8.01 -43.84 5.94
HO3 NAG D . 6.36 -43.13 9.55
HO4 NAG D . 4.67 -45.56 10.35
HO6 NAG D . 3.29 -47.63 10.09
C1 FUC D . 9.01 -44.20 0.75
C2 FUC D . 8.27 -43.79 -0.55
C3 FUC D . 9.07 -43.03 -1.59
C4 FUC D . 10.48 -43.55 -1.58
C5 FUC D . 11.07 -43.13 -0.23
C6 FUC D . 12.51 -43.57 -0.06
O2 FUC D . 7.05 -43.07 -0.24
O3 FUC D . 8.50 -43.26 -2.86
O4 FUC D . 10.49 -44.94 -1.68
O5 FUC D . 10.34 -43.69 0.90
H2 FUC D . 8.05 -44.74 -1.05
H3 FUC D . 9.09 -41.94 -1.37
H4 FUC D . 11.06 -43.12 -2.42
H5 FUC D . 10.98 -42.04 -0.18
H61 FUC D . 12.80 -44.22 -0.89
H62 FUC D . 12.62 -44.13 0.88
H63 FUC D . 13.17 -42.71 -0.04
HO2 FUC D . 6.81 -42.61 -1.06
HO3 FUC D . 7.55 -43.06 -2.78
HO4 FUC D . 11.37 -45.16 -2.02
C1 NAG E . -7.15 2.95 -23.08
C2 NAG E . -6.93 4.26 -23.84
C3 NAG E . -7.98 4.41 -24.95
C4 NAG E . -7.93 3.18 -25.86
C5 NAG E . -8.03 1.89 -25.05
C6 NAG E . -7.78 0.65 -25.89
C7 NAG E . -7.97 5.83 -22.24
C8 NAG E . -7.78 7.08 -21.45
N2 NAG E . -6.93 5.44 -22.98
O3 NAG E . -7.77 5.60 -25.70
O4 NAG E . -9.00 3.24 -26.79
O5 NAG E . -7.06 1.85 -23.98
O6 NAG E . -6.48 0.09 -25.69
O7 NAG E . -9.02 5.19 -22.22
H2 NAG E . -6.05 4.22 -24.26
H3 NAG E . -8.87 4.46 -24.54
H4 NAG E . -7.08 3.18 -26.34
H5 NAG E . -8.92 1.84 -24.65
H61 NAG E . -7.87 0.89 -26.84
H62 NAG E . -8.44 -0.02 -25.67
H81 NAG E . -8.58 7.25 -20.91
H82 NAG E . -7.63 7.83 -22.06
H83 NAG E . -7.01 6.97 -20.86
HN2 NAG E . -6.16 5.94 -22.95
HO3 NAG E . -8.48 5.76 -26.20
HO4 NAG E . -8.71 3.02 -27.60
C1 FUC E . -5.59 0.64 -26.70
C2 FUC E . -4.30 1.08 -25.97
C3 FUC E . -3.07 0.22 -26.07
C4 FUC E . -2.94 -0.27 -27.47
C5 FUC E . -4.17 -1.14 -27.74
C6 FUC E . -4.04 -1.88 -29.04
O2 FUC E . -4.59 1.29 -24.54
O3 FUC E . -1.91 1.02 -25.80
O4 FUC E . -2.89 0.82 -28.36
O5 FUC E . -5.33 -0.30 -27.78
H2 FUC E . -4.00 2.00 -26.50
H3 FUC E . -3.16 -0.63 -25.37
H4 FUC E . -2.03 -0.88 -27.60
H5 FUC E . -4.31 -1.87 -26.93
H61 FUC E . -4.85 -2.62 -29.13
H62 FUC E . -3.09 -2.42 -29.08
H63 FUC E . -4.10 -1.18 -29.88
HO2 FUC E . -5.51 1.00 -24.42
HO3 FUC E . -1.86 1.66 -26.52
HO4 FUC E . -3.81 1.08 -28.49
C1 NAG F . 41.48 17.46 4.22
C2 NAG F . 42.37 18.62 4.60
C3 NAG F . 43.83 18.18 4.68
C4 NAG F . 43.98 16.97 5.60
C5 NAG F . 43.01 15.87 5.19
C6 NAG F . 43.00 14.72 6.16
C7 NAG F . 41.60 20.85 3.97
C8 NAG F . 41.52 21.87 2.88
N2 NAG F . 42.22 19.71 3.66
O3 NAG F . 44.59 19.27 5.20
O4 NAG F . 45.30 16.46 5.49
O5 NAG F . 41.68 16.39 5.14
O6 NAG F . 42.41 13.56 5.58
O7 NAG F . 41.11 21.04 5.07
H2 NAG F . 42.11 18.94 5.49
H3 NAG F . 44.15 17.93 3.79
H4 NAG F . 43.79 17.24 6.52
H5 NAG F . 43.25 15.55 4.29
H61 NAG F . 42.49 14.97 6.95
H62 NAG F . 43.92 14.51 6.42
H81 NAG F . 40.99 21.52 2.13
H82 NAG F . 42.43 22.09 2.56
H83 NAG F . 41.10 22.68 3.22
HN2 NAG F . 42.57 19.62 2.82
HO3 NAG F . 45.18 18.97 5.79
HO6 NAG F . 43.03 12.95 5.41
C1 NAG F . 46.04 16.74 6.70
C2 NAG F . 47.32 15.91 6.65
C3 NAG F . 48.22 16.22 7.85
C4 NAG F . 48.41 17.73 8.02
C5 NAG F . 47.06 18.43 8.02
C6 NAG F . 47.17 19.94 8.08
C7 NAG F . 47.05 13.75 5.50
C8 NAG F . 46.70 12.31 5.65
N2 NAG F . 47.01 14.49 6.61
O3 NAG F . 49.48 15.60 7.66
O4 NAG F . 49.06 17.98 9.26
O5 NAG F . 46.37 18.11 6.80
O6 NAG F . 45.90 20.53 8.27
O7 NAG F . 47.36 14.23 4.41
H2 NAG F . 47.82 16.15 5.85
H3 NAG F . 47.79 15.87 8.65
H4 NAG F . 48.95 18.07 7.29
H5 NAG F . 46.54 18.13 8.78
H61 NAG F . 47.56 20.26 7.24
H62 NAG F . 47.77 20.19 8.82
H81 NAG F . 46.75 11.86 4.79
H82 NAG F . 45.79 12.23 6.00
H83 NAG F . 47.32 11.89 6.28
HN2 NAG F . 46.77 14.08 7.39
HO3 NAG F . 50.08 15.95 8.22
HO4 NAG F . 49.81 18.44 9.12
HO6 NAG F . 46.01 21.38 8.54
C1 NAG G . -3.07 45.35 -4.95
C2 NAG G . -2.60 45.72 -3.55
C3 NAG G . -3.53 45.12 -2.49
C4 NAG G . -4.99 45.43 -2.79
C5 NAG G . -5.32 45.03 -4.21
C6 NAG G . -6.73 45.39 -4.63
C7 NAG G . -0.17 46.03 -3.49
C8 NAG G . 1.16 45.38 -3.22
N2 NAG G . -1.24 45.26 -3.32
O3 NAG G . -3.18 45.66 -1.22
O4 NAG G . -5.81 44.67 -1.89
O5 NAG G . -4.43 45.70 -5.11
O6 NAG G . -7.00 46.74 -4.31
O7 NAG G . -0.26 47.21 -3.82
H2 NAG G . -2.64 46.69 -3.46
H3 NAG G . -3.43 44.16 -2.47
H4 NAG G . -5.17 46.38 -2.67
H5 NAG G . -5.20 44.06 -4.31
H61 NAG G . -7.36 44.81 -4.15
H62 NAG G . -6.82 45.25 -5.59
H81 NAG G . 1.31 44.68 -3.88
H82 NAG G . 1.16 44.99 -2.32
H83 NAG G . 1.87 46.04 -3.29
HN2 NAG G . -1.11 44.39 -3.08
HO3 NAG G . -3.67 45.30 -0.59
C1 NAG G . -6.55 45.49 -0.97
C2 NAG G . -7.55 44.60 -0.26
C3 NAG G . -8.41 45.43 0.66
C4 NAG G . -7.53 46.21 1.62
C5 NAG G . -6.40 46.96 0.92
C6 NAG G . -5.37 47.45 1.92
C7 NAG G . -8.30 42.51 -1.31
C8 NAG G . -9.21 41.89 -2.33
N2 NAG G . -8.37 43.84 -1.20
O3 NAG G . -9.27 44.57 1.40
O4 NAG G . -8.32 47.19 2.30
O5 NAG G . -5.70 46.10 0.00
O6 NAG G . -4.28 48.13 1.29
O7 NAG G . -7.55 41.84 -0.61
H2 NAG G . -7.05 43.95 0.28
H3 NAG G . -8.95 46.04 0.12
H4 NAG G . -7.16 45.57 2.25
H5 NAG G . -6.77 47.69 0.41
H61 NAG G . -5.02 46.69 2.42
H62 NAG G . -5.80 48.07 2.54
H81 NAG G . -9.04 40.93 -2.37
H82 NAG G . -9.04 42.29 -3.20
H83 NAG G . -10.14 42.04 -2.08
HN2 NAG G . -8.95 44.30 -1.74
HO3 NAG G . -8.88 44.36 2.17
HO6 NAG G . -3.93 47.61 0.67
C1 BMA G . -8.37 46.94 3.71
C2 BMA G . -8.64 48.29 4.43
C3 BMA G . -8.96 48.04 5.91
C4 BMA G . -10.00 46.93 6.07
C5 BMA G . -9.57 45.67 5.34
C6 BMA G . -10.60 44.54 5.37
O2 BMA G . -9.75 48.97 3.86
O3 BMA G . -9.39 49.23 6.56
O4 BMA G . -10.15 46.62 7.44
O5 BMA G . -9.39 46.01 3.96
O6 BMA G . -9.89 43.31 5.35
H2 BMA G . -7.73 48.91 4.35
H3 BMA G . -8.04 47.74 6.43
H4 BMA G . -10.94 47.27 5.60
H5 BMA G . -8.63 45.33 5.79
H61 BMA G . -11.27 44.64 4.51
H62 BMA G . -11.20 44.64 6.29
HO2 BMA G . -9.43 49.33 3.02
HO3 BMA G . -8.73 49.41 7.25
HO4 BMA G . -9.63 47.30 7.91
HO6 BMA G . -10.55 42.60 5.35
C1 FUC G . -8.42 46.90 -4.15
C2 FUC G . -8.67 48.35 -3.73
C3 FUC G . -8.24 49.29 -4.87
C4 FUC G . -8.97 48.90 -6.18
C5 FUC G . -8.67 47.45 -6.50
C6 FUC G . -9.42 46.87 -7.68
O2 FUC G . -8.03 48.67 -2.51
O3 FUC G . -8.60 50.62 -4.54
O4 FUC G . -10.34 49.11 -6.03
O5 FUC G . -9.03 46.60 -5.37
H2 FUC G . -9.74 48.49 -3.55
H3 FUC G . -7.16 49.21 -5.03
H4 FUC G . -8.59 49.53 -7.02
H5 FUC G . -7.58 47.40 -6.71
H61 FUC G . -9.24 47.48 -8.57
H62 FUC G . -10.49 46.86 -7.47
H63 FUC G . -9.08 45.85 -7.87
HO2 FUC G . -8.33 48.00 -1.87
HO3 FUC G . -8.15 50.81 -3.70
HO4 FUC G . -10.74 48.75 -6.84
C1 NAG H . 18.16 -4.46 -15.36
C2 NAG H . 18.47 -5.78 -16.07
C3 NAG H . 19.96 -5.91 -16.27
C4 NAG H . 20.44 -4.74 -17.11
C5 NAG H . 19.98 -3.38 -16.57
C6 NAG H . 20.07 -2.27 -17.61
C7 NAG H . 18.25 -7.42 -14.21
C8 NAG H . 19.30 -6.65 -13.45
N2 NAG H . 17.91 -6.96 -15.41
O3 NAG H . 20.27 -7.14 -16.92
O4 NAG H . 21.86 -4.74 -17.13
O5 NAG H . 18.58 -3.39 -16.18
O6 NAG H . 18.77 -1.96 -18.07
O7 NAG H . 17.74 -8.43 -13.72
H2 NAG H . 18.02 -5.74 -16.93
H3 NAG H . 20.41 -5.91 -15.40
H4 NAG H . 20.07 -4.84 -18.01
H5 NAG H . 20.52 -3.18 -15.78
H61 NAG H . 20.62 -2.56 -18.36
H62 NAG H . 20.48 -1.48 -17.21
H81 NAG H . 19.06 -5.71 -13.45
H82 NAG H . 20.16 -6.76 -13.90
H83 NAG H . 19.37 -6.99 -12.54
HN2 NAG H . 17.27 -7.42 -15.86
HO3 NAG H . 21.14 -7.30 -16.85
C1 NAG H . 22.42 -4.69 -18.46
C2 NAG H . 23.93 -4.86 -18.34
C3 NAG H . 24.58 -4.77 -19.71
C4 NAG H . 23.92 -5.77 -20.66
C5 NAG H . 22.40 -5.65 -20.65
C6 NAG H . 21.72 -6.78 -21.40
C7 NAG H . 24.40 -2.61 -17.42
C8 NAG H . 23.56 -2.03 -18.52
N2 NAG H . 24.55 -3.94 -17.40
O3 NAG H . 25.96 -5.07 -19.59
O4 NAG H . 24.39 -5.55 -21.98
O5 NAG H . 21.89 -5.71 -19.31
O6 NAG H . 21.90 -8.02 -20.73
O7 NAG H . 24.93 -1.89 -16.57
H2 NAG H . 24.09 -5.76 -17.99
H3 NAG H . 24.46 -3.87 -20.06
H4 NAG H . 24.17 -6.67 -20.36
H5 NAG H . 22.15 -4.79 -21.04
H61 NAG H . 22.11 -6.84 -22.30
H62 NAG H . 20.77 -6.58 -21.48
H81 NAG H . 23.51 -1.06 -18.43
H82 NAG H . 22.65 -2.41 -18.47
H83 NAG H . 23.95 -2.27 -19.38
HN2 NAG H . 25.07 -4.29 -16.74
HO3 NAG H . 26.19 -5.65 -20.21
HO4 NAG H . 25.05 -6.10 -22.16
HO6 NAG H . 22.34 -7.89 -19.97
C1 FUC H . 18.63 -1.05 -19.20
C2 FUC H . 19.58 -1.43 -20.39
C3 FUC H . 19.13 -2.81 -20.94
C4 FUC H . 17.69 -2.67 -21.43
C5 FUC H . 16.76 -2.29 -20.26
C6 FUC H . 15.33 -2.03 -20.70
O2 FUC H . 20.97 -1.41 -20.10
O3 FUC H . 19.95 -3.23 -21.99
O4 FUC H . 17.61 -1.63 -22.40
O5 FUC H . 17.25 -1.06 -19.61
H2 FUC H . 19.48 -0.64 -21.14
H3 FUC H . 19.19 -3.58 -20.15
H4 FUC H . 17.37 -3.64 -21.84
H5 FUC H . 16.76 -3.10 -19.52
H61 FUC H . 14.65 -2.17 -19.85
H62 FUC H . 15.06 -2.72 -21.49
H63 FUC H . 15.23 -1.00 -21.07
HO2 FUC H . 21.34 -2.14 -20.61
HO3 FUC H . 19.64 -4.12 -22.23
HO4 FUC H . 16.72 -1.70 -22.79
ZN ZN I . -17.92 -22.08 -2.09
C1 FT8 J . -13.73 -22.22 -5.46
C10 FT8 J . -12.98 -19.26 -7.28
C11 FT8 J . -18.02 -20.51 -4.74
C12 FT8 J . -19.42 -20.05 -4.44
C13 FT8 J . -19.41 -18.64 -3.87
C14 FT8 J . -20.76 -17.93 -3.99
C15 FT8 J . -21.32 -17.64 -5.22
C16 FT8 J . -22.55 -16.99 -5.28
C17 FT8 J . -23.21 -16.62 -4.12
C18 FT8 J . -22.64 -16.92 -2.89
C19 FT8 J . -21.42 -17.56 -2.81
C2 FT8 J . -15.45 -20.48 -6.25
C3 FT8 J . -16.46 -21.63 -6.28
C4 FT8 J . -16.49 -22.42 -7.58
C5 FT8 J . -15.09 -22.75 -8.12
C6 FT8 J . -12.31 -22.38 -4.91
C7 FT8 J . -11.35 -21.45 -5.52
C8 FT8 J . -11.71 -20.04 -5.28
C9 FT8 J . -13.09 -19.69 -5.84
N1 FT8 J . -14.11 -20.80 -5.85
N2 FT8 J . -17.80 -21.13 -6.01
O1 FT8 J . -13.16 -20.09 -8.23
O2 FT8 J . -12.71 -18.06 -7.56
O3 FT8 J . -15.72 -19.37 -6.54
O4 FT8 J . -17.15 -20.39 -3.94
S1 FT8 J . -13.95 -23.40 -6.86
S2 FT8 J . -19.93 -21.33 -3.25
CL CL K . -14.91 -13.65 4.08
O1 XPE L . -22.34 -43.78 -7.27
C2 XPE L . -21.49 -44.38 -6.33
C3 XPE L . -20.05 -44.02 -6.68
O4 XPE L . -19.14 -44.93 -6.12
C5 XPE L . -17.90 -44.95 -6.79
C6 XPE L . -17.97 -45.79 -8.06
O7 XPE L . -17.33 -45.13 -9.12
C8 XPE L . -17.79 -45.45 -10.41
C9 XPE L . -19.20 -44.91 -10.68
O10 XPE L . -19.17 -43.78 -11.52
C11 XPE L . -19.93 -43.87 -12.70
C12 XPE L . -19.01 -43.73 -13.92
O13 XPE L . -19.56 -44.36 -15.05
C14 XPE L . -20.26 -43.52 -15.96
C15 XPE L . -20.93 -44.37 -17.04
O16 XPE L . -22.28 -44.02 -17.24
C17 XPE L . -23.21 -44.89 -16.66
C18 XPE L . -24.66 -44.54 -17.08
O19 XPE L . -25.44 -44.10 -15.99
C20 XPE L . -25.67 -45.05 -14.99
C21 XPE L . -25.96 -44.35 -13.66
O22 XPE L . -27.05 -43.49 -13.80
C23 XPE L . -27.85 -43.36 -12.66
C24 XPE L . -29.11 -42.55 -12.95
O25 XPE L . -30.07 -42.83 -11.95
C26 XPE L . -30.14 -41.91 -10.90
C27 XPE L . -30.19 -42.64 -9.56
O28 XPE L . -29.00 -43.35 -9.39
C29 XPE L . -28.46 -43.32 -8.10
C30 XPE L . -27.07 -43.95 -8.09
O31 XPE L . -26.33 -43.56 -9.21
HO1 XPE L . -22.06 -43.95 -8.05
H21 XPE L . -21.70 -44.07 -5.44
H22 XPE L . -21.60 -45.34 -6.36
H31A XPE L . -19.95 -44.01 -7.63
H32 XPE L . -19.85 -43.13 -6.32
H51 XPE L . -17.66 -44.04 -7.02
H52 XPE L . -17.23 -45.31 -6.19
H61 XPE L . -17.54 -46.65 -7.91
H62 XPE L . -18.91 -45.94 -8.29
H81 XPE L . -17.17 -45.06 -11.05
H82 XPE L . -17.80 -46.41 -10.51
H91 XPE L . -19.73 -45.60 -11.11
H92 XPE L . -19.61 -44.67 -9.84
H111 XPE L . -20.37 -44.73 -12.73
H112 XPE L . -20.58 -43.16 -12.71
H121 XPE L . -18.88 -42.79 -14.12
H122 XPE L . -18.15 -44.15 -13.73
H141 XPE L . -20.93 -43.02 -15.48
H142 XPE L . -19.63 -42.91 -16.37
H151 XPE L . -20.45 -44.26 -17.88
H152 XPE L . -20.89 -45.31 -16.78
H171 XPE L . -23.02 -45.80 -16.93
H172 XPE L . -23.15 -44.81 -15.69
H181 XPE L . -24.63 -43.84 -17.75
H182 XPE L . -25.06 -45.34 -17.45
H201 XPE L . -26.45 -45.59 -15.24
H202 XPE L . -24.90 -45.62 -14.90
H211 XPE L . -26.15 -45.01 -12.98
H212 XPE L . -25.17 -43.84 -13.39
H231 XPE L . -28.10 -44.24 -12.35
H232 XPE L . -27.34 -42.92 -11.96
H241 XPE L . -28.91 -41.61 -12.93
H242 XPE L . -29.47 -42.80 -13.82
H261 XPE L . -30.94 -41.37 -11.00
H262 XPE L . -29.35 -41.33 -10.92
H271 XPE L . -30.94 -43.27 -9.57
H272 XPE L . -30.31 -42.02 -8.84
H291 XPE L . -28.39 -42.40 -7.80
H292 XPE L . -29.04 -43.81 -7.50
H301 XPE L . -26.60 -43.69 -7.28
H302 XPE L . -27.16 -44.92 -8.10
H31 XPE L . -25.68 -44.08 -9.32
O1 PG4 M . 4.45 1.68 0.50
C1 PG4 M . 4.48 0.49 -0.24
C2 PG4 M . 3.98 0.73 -1.67
O2 PG4 M . 2.60 0.89 -1.66
C3 PG4 M . 1.85 -0.16 -2.19
C4 PG4 M . 0.42 -0.04 -1.63
O3 PG4 M . -0.45 -1.02 -2.13
C5 PG4 M . -1.36 -0.53 -3.08
C6 PG4 M . -2.56 -1.46 -3.18
O4 PG4 M . -3.08 -1.70 -1.90
C7 PG4 M . -4.42 -1.36 -1.71
C8 PG4 M . -4.69 -1.05 -0.24
O5 PG4 M . -4.82 0.33 -0.05
HO1 PG4 M . 3.71 2.09 0.35
H11 PG4 M . 3.91 -0.16 0.19
H12 PG4 M . 5.39 0.16 -0.27
H21 PG4 M . 4.22 -0.03 -2.23
H22 PG4 M . 4.40 1.53 -2.02
H31 PG4 M . 2.23 -1.01 -1.93
H32 PG4 M . 1.82 -0.10 -3.16
H41 PG4 M . 0.07 0.83 -1.86
H42 PG4 M . 0.45 -0.14 -0.66
H51 PG4 M . -0.93 -0.46 -3.95
H52 PG4 M . -1.67 0.35 -2.80
H61 PG4 M . -2.29 -2.31 -3.57
H62 PG4 M . -3.25 -1.06 -3.73
H71 PG4 M . -4.97 -2.11 -2.00
H72 PG4 M . -4.64 -0.58 -2.25
H81 PG4 M . -3.96 -1.39 0.29
H82 PG4 M . -5.52 -1.49 0.02
HO5 PG4 M . -5.04 0.48 0.77
C1 EDO N . -16.92 6.13 -3.12
O1 EDO N . -16.89 5.74 -1.74
C2 EDO N . -17.23 4.90 -3.96
O2 EDO N . -17.22 5.18 -5.37
H11 EDO N . -15.95 6.55 -3.42
H12 EDO N . -17.68 6.90 -3.28
HO1 EDO N . -16.74 6.53 -1.20
H21 EDO N . -18.22 4.52 -3.69
H22 EDO N . -16.50 4.12 -3.76
HO2 EDO N . -17.45 4.38 -5.87
C1 EDO O . -18.78 -1.60 15.26
O1 EDO O . -17.52 -1.85 15.90
C2 EDO O . -19.72 -2.78 15.49
O2 EDO O . -20.13 -2.83 16.87
H11 EDO O . -18.63 -1.44 14.20
H12 EDO O . -19.22 -0.69 15.68
HO1 EDO O . -16.92 -1.09 15.75
H21 EDO O . -19.22 -3.71 15.23
H22 EDO O . -20.60 -2.67 14.85
HO2 EDO O . -20.75 -3.56 16.99
C1 EDO P . -37.97 -22.72 -4.87
O1 EDO P . -38.25 -22.62 -6.28
C2 EDO P . -39.27 -22.80 -4.08
O2 EDO P . -39.59 -24.16 -3.78
H11 EDO P . -37.40 -21.85 -4.56
H12 EDO P . -37.37 -23.61 -4.68
HO1 EDO P . -37.41 -22.51 -6.76
H21 EDO P . -40.08 -22.35 -4.66
H22 EDO P . -39.17 -22.23 -3.16
HO2 EDO P . -40.37 -24.19 -3.21
C1 EDO Q . 1.34 -29.02 12.31
O1 EDO Q . 1.30 -30.24 11.55
C2 EDO Q . -0.03 -28.81 12.98
O2 EDO Q . -0.14 -27.46 13.41
H11 EDO Q . 1.57 -28.18 11.67
H12 EDO Q . 2.11 -29.09 13.08
HO1 EDO Q . 0.84 -30.07 10.72
H21 EDO Q . -0.13 -29.49 13.82
H22 EDO Q . -0.82 -29.05 12.26
HO2 EDO Q . 0.15 -26.86 12.70
C1 EDO R . -21.70 -20.00 2.28
O1 EDO R . -22.95 -19.47 2.72
C2 EDO R . -21.40 -19.50 0.87
O2 EDO R . -22.24 -20.20 -0.06
H11 EDO R . -20.90 -19.69 2.97
H12 EDO R . -21.75 -21.09 2.29
HO1 EDO R . -23.12 -19.74 3.64
H21 EDO R . -21.59 -18.43 0.81
H22 EDO R . -20.36 -19.67 0.63
HO2 EDO R . -22.06 -19.85 -0.95
C1 EDO S . -27.78 -16.28 -2.82
O1 EDO S . -28.67 -16.75 -1.82
C2 EDO S . -26.75 -17.37 -3.11
O2 EDO S . -26.43 -18.05 -1.90
H11 EDO S . -28.33 -16.04 -3.74
H12 EDO S . -27.28 -15.37 -2.49
HO1 EDO S . -28.17 -17.13 -1.09
H21 EDO S . -25.84 -16.92 -3.54
H22 EDO S . -27.13 -18.07 -3.85
HO2 EDO S . -25.79 -18.76 -2.08
C1 EDO T . -43.46 -11.62 15.75
O1 EDO T . -44.44 -10.66 15.33
C2 EDO T . -42.97 -12.42 14.54
O2 EDO T . -42.17 -13.53 14.97
H11 EDO T . -42.61 -11.11 16.21
H12 EDO T . -43.89 -12.30 16.48
HO1 EDO T . -44.74 -10.17 16.11
H21 EDO T . -42.38 -11.78 13.88
H22 EDO T . -43.83 -12.78 13.97
HO2 EDO T . -41.53 -13.23 15.63
ZN ZN U . 16.57 22.26 6.33
C1 FT8 V . 14.79 22.11 1.29
C10 FT8 V . 14.98 19.06 -0.49
C11 FT8 V . 18.01 20.58 4.21
C12 FT8 V . 19.06 20.19 5.21
C13 FT8 V . 18.77 18.77 5.73
C14 FT8 V . 19.96 18.10 6.43
C15 FT8 V . 21.11 17.76 5.75
C16 FT8 V . 22.16 17.15 6.42
C17 FT8 V . 22.06 16.87 7.77
C18 FT8 V . 20.90 17.21 8.45
C19 FT8 V . 19.85 17.82 7.79
C2 FT8 V . 16.64 20.35 1.59
C3 FT8 V . 17.53 21.53 1.99
C4 FT8 V . 18.23 22.18 0.80
C5 FT8 V . 17.28 22.50 -0.37
C6 FT8 V . 13.27 22.27 1.11
C7 FT8 V . 12.72 21.34 0.12
C8 FT8 V . 12.90 19.93 0.48
C9 FT8 V . 14.36 19.57 0.78
N1 FT8 V . 15.28 20.68 1.23
N2 FT8 V . 18.51 21.10 2.98
O1 FT8 V . 15.64 19.84 -1.24
O2 FT8 V . 14.86 17.85 -0.80
O3 FT8 V . 17.01 19.24 1.55
O4 FT8 V . 16.85 20.49 4.46
S1 FT8 V . 15.68 23.21 0.09
S2 FT8 V . 18.89 21.52 6.43
CL CL W . 10.75 14.20 10.52
MG MG X . 16.09 27.96 -10.95
C1 EDO Y . 25.25 16.90 12.04
O1 EDO Y . 25.89 15.67 11.68
C2 EDO Y . 24.60 17.55 10.82
O2 EDO Y . 23.84 18.69 11.24
H11 EDO Y . 25.97 17.59 12.48
H12 EDO Y . 24.48 16.70 12.79
HO1 EDO Y . 26.27 15.27 12.46
H21 EDO Y . 23.95 16.84 10.31
H22 EDO Y . 25.38 17.86 10.11
HO2 EDO Y . 23.41 19.09 10.47
C1 EDO Z . 3.80 27.70 -28.33
O1 EDO Z . 4.32 27.34 -27.04
C2 EDO Z . 3.28 26.46 -29.06
O2 EDO Z . 1.92 26.20 -28.70
H11 EDO Z . 4.59 28.17 -28.92
H12 EDO Z . 2.99 28.42 -28.20
HO1 EDO Z . 4.66 28.12 -26.60
H21 EDO Z . 3.90 25.60 -28.81
H22 EDO Z . 3.35 26.63 -30.14
HO2 EDO Z . 1.60 25.43 -29.20
C1 EDO AA . 8.16 4.05 23.43
O1 EDO AA . 9.37 4.08 24.20
C2 EDO AA . 8.08 2.75 22.64
O2 EDO AA . 6.91 2.78 21.80
H11 EDO AA . 8.15 4.90 22.73
H12 EDO AA . 7.30 4.14 24.08
HO1 EDO AA . 9.41 4.90 24.70
H21 EDO AA . 8.03 1.90 23.33
H22 EDO AA . 8.98 2.62 22.02
HO2 EDO AA . 6.81 1.91 21.38
C1 EDO BA . 14.35 15.61 16.69
O1 EDO BA . 15.28 15.02 15.77
C2 EDO BA . 13.99 14.60 17.77
O2 EDO BA . 12.82 15.05 18.47
H11 EDO BA . 13.46 15.92 16.16
H12 EDO BA . 14.80 16.49 17.14
HO1 EDO BA . 15.46 15.63 15.04
H21 EDO BA . 14.83 14.48 18.47
H22 EDO BA . 13.79 13.62 17.32
HO2 EDO BA . 12.63 14.44 19.20
C1 EDO CA . 18.76 20.93 12.17
O1 EDO CA . 17.61 20.35 12.80
C2 EDO CA . 19.13 20.05 10.97
O2 EDO CA . 18.09 20.21 10.00
H11 EDO CA . 18.55 21.95 11.84
H12 EDO CA . 19.60 20.97 12.86
HO1 EDO CA . 17.37 20.89 13.57
H21 EDO CA . 20.09 20.34 10.56
H22 EDO CA . 19.19 19.00 11.28
HO2 EDO CA . 17.30 19.71 10.26
C1 PGE DA . 1.13 30.53 -22.30
O1 PGE DA . 1.48 30.97 -23.60
C2 PGE DA . 1.93 29.29 -21.92
O2 PGE DA . 1.52 28.80 -20.65
C3 PGE DA . 1.34 27.39 -20.60
C4 PGE DA . -0.11 27.10 -20.95
O4 PGE DA . -3.18 25.49 -23.46
C6 PGE DA . -1.86 25.73 -23.00
C5 PGE DA . -1.74 25.50 -21.50
O3 PGE DA . -0.41 25.71 -21.07
H1 PGE DA . 0.07 30.28 -22.23
H12 PGE DA . 1.35 31.30 -21.54
HO1 PGE DA . 0.98 31.77 -23.80
H2 PGE DA . 3.00 29.55 -21.91
H22 PGE DA . 1.78 28.52 -22.69
H3 PGE DA . 1.56 27.00 -19.59
H32 PGE DA . 2.00 26.87 -21.31
H4 PGE DA . -0.33 27.61 -21.90
H42 PGE DA . -0.74 27.54 -20.16
HO4 PGE DA . -3.18 25.60 -24.42
H6 PGE DA . -1.54 26.75 -23.20
H62 PGE DA . -1.13 25.05 -23.49
H5 PGE DA . -2.06 24.47 -21.27
H52 PGE DA . -2.44 26.19 -20.99
#